data_7Y7S
#
_entry.id   7Y7S
#
_cell.length_a   101.954
_cell.length_b   120.412
_cell.length_c   114.993
_cell.angle_alpha   90.000
_cell.angle_beta   109.710
_cell.angle_gamma   90.000
#
_symmetry.space_group_name_H-M   'P 1 21 1'
#
loop_
_entity.id
_entity.type
_entity.pdbx_description
1 polymer 'RNA-dependent RNA polymerase'
2 polymer "DNA (5'-D(*GP*AP*AP*CP*TP*AP*TP*GP*GP*TP*CP*GP*GP*A)-3')"
3 polymer "RNA (5'-R(*UP*CP*CP*GP*AP*CP*C)-3')"
4 non-polymer 'CALCIUM ION'
5 non-polymer "5'-O-[(S)-hydroxy{[(S)-hydroxy(phosphonooxy)phosphoryl]amino}phosphoryl]adenosine"
6 non-polymer DI(HYDROXYETHYL)ETHER
7 non-polymer 'MAGNESIUM ION'
8 water water
#
loop_
_entity_poly.entity_id
_entity_poly.type
_entity_poly.pdbx_seq_one_letter_code
_entity_poly.pdbx_strand_id
1 'polypeptide(L)'
;ARSEESARSQVQVHAPVVAARLRNIWPKFPKWLHEAPLAVAWEVTRLFMHCKVDLEDESLGLKYDPSWSTARDVTDIWKT
LYRLDAFRGKPFPEKPPNDVFVTAMTGNFESKGSAVVLSAVLDYNPDNSPTAPLYLVKLKPLMFEQGCRLTRRFGPDRFF
EILIPSPTSTSPSVPPVVSKQPGAVEEVIQWLTMGQHSLVGRQWRAFFAKDAGYRKPLREFQLRAEDPKPIIKERVHFFA
ETGITFRPDVFKTRSVVPAEEPVEQRTEFKVSQMLDWLLQLDNNTWQPHLKLFSRIQLGLSKTYAIMTLEPHQIRHHKTD
LLSPSGTGEVMNDGVGRMSRSVAKRIRDVLGLGDVPSAVQGRFGSAKGMWVIDVDDTGDEDWIETYPSQRKWECDFVDKH
QRTLEVRSVASELKSAGLNLQLLPVLEDRARDKVKMRQAIGDRLINDLQRQFSEQKHALNRPVEFRQWVYESYSSRATRV
SHGRVPFLAGLPDSQEETLNFLMNSGFDPKKQKYLQDIAWDLQKRKCDTLKSKLNIRVGRSAYIYMIADFWGVLEENEVH
VGFSSKFRDEEESFTLLSDCDVLVARSPAHFPSDIQRVRAVFKPELHSLKDVIIFSTKGDVPLAKKLSGGDYDGDMAWVC
WDPEIVDGFVNAEMPLEPDLSRYLKKDKTTFKQLMASHGTGSAAKEQTTYDMIQKSFHFALQPNFLGMCTNYKERLCYIN
NSVSNKPAIILSSLVGNLVDQSKQGIVFNEASWAQLRRELLGGALSLPDPMYKSDSWLGRGEPTHIIDYLKFSIARPAID
KELEAFHNAMKAAKDTEDGAHFWDPDLASYYTFFKEISDKSRSSALLFTTLKNRIGEVEKEYGRLVKNKEMRDSKDPYPV
RVNQVYEKWCAITPEAMDKSGANYDSKVIRLLELSFLADREMNTWALLRASTAFKLYYHKSPKFVWQMAGRQLAYIKAQM
TSRPGEGAPALMTAFMYAGLMPDKKFTKQYVARLEGDGSEYPDPEVYEVLGDDDFDGIGFTGNGDY
;
A,B
2 'polydeoxyribonucleotide' (DG)(DA)(DA)(DC)(DT)(DA)(DT)(DG)(DG)(DT)(DC)(DG)(DG)(DA) C,I
3 'polyribonucleotide' UCCGACC D,J
#
loop_
_chem_comp.id
_chem_comp.type
_chem_comp.name
_chem_comp.formula
A RNA linking ADENOSINE-5'-MONOPHOSPHATE 'C10 H14 N5 O7 P'
C RNA linking CYTIDINE-5'-MONOPHOSPHATE 'C9 H14 N3 O8 P'
CA non-polymer 'CALCIUM ION' 'Ca 2'
DA DNA linking 2'-DEOXYADENOSINE-5'-MONOPHOSPHATE 'C10 H14 N5 O6 P'
DC DNA linking 2'-DEOXYCYTIDINE-5'-MONOPHOSPHATE 'C9 H14 N3 O7 P'
DG DNA linking 2'-DEOXYGUANOSINE-5'-MONOPHOSPHATE 'C10 H14 N5 O7 P'
DT DNA linking THYMIDINE-5'-MONOPHOSPHATE 'C10 H15 N2 O8 P'
G RNA linking GUANOSINE-5'-MONOPHOSPHATE 'C10 H14 N5 O8 P'
MG non-polymer 'MAGNESIUM ION' 'Mg 2'
PEG non-polymer DI(HYDROXYETHYL)ETHER 'C4 H10 O3'
U RNA linking URIDINE-5'-MONOPHOSPHATE 'C9 H13 N2 O9 P'
ZAN non-polymer 5'-O-[(S)-hydroxy{[(S)-hydroxy(phosphonooxy)phosphoryl]amino}phosphoryl]adenosine 'C10 H17 N6 O12 P3'
#
# COMPACT_ATOMS: atom_id res chain seq x y z
N HIS A 14 -31.69 -8.57 -56.11
CA HIS A 14 -30.54 -8.79 -55.20
C HIS A 14 -30.76 -10.05 -54.37
N ALA A 15 -30.62 -11.24 -54.98
CA ALA A 15 -30.75 -12.52 -54.25
C ALA A 15 -32.07 -12.57 -53.47
N PRO A 16 -33.24 -12.66 -54.13
CA PRO A 16 -34.53 -12.57 -53.44
C PRO A 16 -34.76 -13.61 -52.32
N VAL A 17 -34.15 -14.78 -52.44
CA VAL A 17 -34.31 -15.85 -51.41
C VAL A 17 -33.98 -15.26 -50.04
N VAL A 18 -32.79 -14.69 -49.89
CA VAL A 18 -32.34 -14.09 -48.60
C VAL A 18 -33.25 -12.93 -48.23
N ALA A 19 -33.68 -12.15 -49.22
CA ALA A 19 -34.46 -10.92 -48.93
C ALA A 19 -35.74 -11.27 -48.16
N ALA A 20 -36.38 -12.37 -48.54
CA ALA A 20 -37.64 -12.75 -47.88
C ALA A 20 -37.39 -13.02 -46.40
N ARG A 21 -36.29 -13.69 -46.06
CA ARG A 21 -36.02 -14.06 -44.66
C ARG A 21 -35.54 -12.84 -43.87
N LEU A 22 -35.33 -11.72 -44.54
CA LEU A 22 -34.88 -10.48 -43.85
C LEU A 22 -36.08 -9.56 -43.57
N ARG A 23 -37.30 -9.95 -43.94
CA ARG A 23 -38.45 -9.03 -43.80
C ARG A 23 -38.73 -8.67 -42.34
N ASN A 24 -38.70 -9.63 -41.42
CA ASN A 24 -39.05 -9.30 -40.01
C ASN A 24 -38.06 -9.94 -39.04
N ILE A 25 -36.73 -9.47 -39.12
CA ILE A 25 -35.76 -10.03 -38.13
C ILE A 25 -36.05 -9.42 -36.75
N TRP A 26 -36.39 -8.14 -36.71
CA TRP A 26 -36.54 -7.44 -35.41
C TRP A 26 -37.87 -7.73 -34.73
N PRO A 27 -37.93 -7.74 -33.38
CA PRO A 27 -39.21 -7.90 -32.67
C PRO A 27 -40.17 -6.73 -32.92
N LYS A 28 -41.46 -7.03 -33.03
CA LYS A 28 -42.47 -5.99 -33.33
C LYS A 28 -42.80 -5.18 -32.07
N PHE A 29 -43.17 -3.91 -32.24
CA PHE A 29 -43.58 -3.08 -31.08
C PHE A 29 -45.10 -2.94 -31.12
N PRO A 30 -45.81 -3.46 -30.10
CA PRO A 30 -47.26 -3.43 -30.12
C PRO A 30 -47.86 -2.08 -29.69
N LYS A 31 -49.08 -1.78 -30.14
CA LYS A 31 -49.74 -0.48 -29.81
C LYS A 31 -49.91 -0.35 -28.29
N TRP A 32 -50.15 -1.47 -27.61
CA TRP A 32 -50.38 -1.42 -26.14
C TRP A 32 -49.13 -0.89 -25.43
N LEU A 33 -47.95 -1.11 -26.02
CA LEU A 33 -46.69 -0.70 -25.36
C LEU A 33 -46.25 0.67 -25.90
N HIS A 34 -47.09 1.32 -26.72
CA HIS A 34 -46.66 2.59 -27.35
C HIS A 34 -46.39 3.65 -26.28
N GLU A 35 -47.23 3.71 -25.25
CA GLU A 35 -47.09 4.76 -24.21
C GLU A 35 -46.14 4.26 -23.12
N ALA A 36 -44.90 3.91 -23.46
CA ALA A 36 -44.04 3.32 -22.41
C ALA A 36 -42.67 3.98 -22.40
N PRO A 37 -41.99 4.04 -21.23
CA PRO A 37 -40.65 4.56 -21.19
C PRO A 37 -39.80 3.60 -22.03
N LEU A 38 -38.74 4.10 -22.68
CA LEU A 38 -37.96 3.24 -23.58
C LEU A 38 -37.39 2.06 -22.79
N ALA A 39 -36.91 2.33 -21.59
CA ALA A 39 -36.35 1.26 -20.74
C ALA A 39 -37.44 0.20 -20.54
N VAL A 40 -38.64 0.64 -20.20
CA VAL A 40 -39.72 -0.34 -19.92
C VAL A 40 -39.94 -1.11 -21.22
N ALA A 41 -40.00 -0.39 -22.34
CA ALA A 41 -40.27 -1.06 -23.63
C ALA A 41 -39.16 -2.06 -23.89
N TRP A 42 -37.91 -1.66 -23.64
CA TRP A 42 -36.77 -2.55 -23.94
C TRP A 42 -36.83 -3.78 -23.03
N GLU A 43 -37.05 -3.57 -21.73
CA GLU A 43 -37.05 -4.69 -20.77
C GLU A 43 -38.25 -5.61 -20.99
N VAL A 44 -39.43 -5.04 -21.22
CA VAL A 44 -40.65 -5.88 -21.35
C VAL A 44 -40.49 -6.76 -22.59
N THR A 45 -39.98 -6.18 -23.67
CA THR A 45 -39.88 -6.95 -24.93
C THR A 45 -38.96 -8.13 -24.69
N ARG A 46 -37.87 -7.93 -23.95
CA ARG A 46 -36.88 -9.00 -23.71
C ARG A 46 -37.55 -10.22 -23.06
N LEU A 47 -38.25 -10.03 -21.94
CA LEU A 47 -38.87 -11.14 -21.23
C LEU A 47 -39.80 -11.91 -22.16
N PHE A 48 -40.62 -11.20 -22.95
CA PHE A 48 -41.48 -11.86 -23.92
C PHE A 48 -40.68 -12.81 -24.80
N MET A 49 -39.61 -12.30 -25.41
CA MET A 49 -38.77 -13.14 -26.26
C MET A 49 -38.18 -14.31 -25.48
N HIS A 50 -37.68 -14.05 -24.27
CA HIS A 50 -37.11 -15.09 -23.44
C HIS A 50 -38.14 -16.11 -22.98
N CYS A 51 -39.41 -15.73 -22.96
CA CYS A 51 -40.46 -16.63 -22.43
C CYS A 51 -41.25 -17.23 -23.60
N LYS A 52 -40.89 -16.90 -24.84
CA LYS A 52 -41.52 -17.51 -26.04
C LYS A 52 -42.87 -16.85 -26.34
N VAL A 53 -43.25 -15.84 -25.55
CA VAL A 53 -44.59 -15.22 -25.74
C VAL A 53 -44.51 -14.18 -26.85
N ASP A 54 -45.48 -14.18 -27.76
CA ASP A 54 -45.53 -13.14 -28.83
C ASP A 54 -46.06 -11.85 -28.23
N LEU A 55 -45.42 -10.73 -28.53
CA LEU A 55 -45.82 -9.41 -27.98
C LEU A 55 -47.22 -9.06 -28.50
N GLU A 56 -47.54 -9.51 -29.71
CA GLU A 56 -48.86 -9.19 -30.31
C GLU A 56 -49.86 -10.31 -30.01
N ASP A 57 -49.51 -11.27 -29.15
CA ASP A 57 -50.49 -12.33 -28.77
C ASP A 57 -51.72 -11.66 -28.15
N GLU A 58 -52.92 -12.03 -28.59
CA GLU A 58 -54.15 -11.36 -28.08
C GLU A 58 -54.82 -12.24 -27.03
N SER A 59 -54.28 -13.44 -26.78
CA SER A 59 -54.81 -14.32 -25.70
C SER A 59 -54.62 -13.61 -24.36
N LEU A 60 -53.49 -12.93 -24.19
CA LEU A 60 -53.19 -12.19 -22.94
C LEU A 60 -54.02 -10.91 -22.88
N GLY A 61 -54.08 -10.26 -21.70
CA GLY A 61 -54.84 -9.01 -21.54
C GLY A 61 -54.32 -7.92 -22.46
N LEU A 62 -53.00 -7.86 -22.68
CA LEU A 62 -52.41 -6.86 -23.59
C LEU A 62 -52.77 -5.44 -23.15
N LYS A 63 -52.66 -5.17 -21.85
CA LYS A 63 -52.95 -3.81 -21.32
C LYS A 63 -51.70 -3.25 -20.64
N TYR A 64 -51.34 -2.00 -20.95
CA TYR A 64 -50.21 -1.36 -20.30
C TYR A 64 -50.50 -1.18 -18.81
N ASP A 65 -49.52 -1.51 -17.97
CA ASP A 65 -49.61 -1.32 -16.53
C ASP A 65 -49.06 0.05 -16.14
N PRO A 66 -49.93 1.05 -15.90
CA PRO A 66 -49.44 2.38 -15.49
C PRO A 66 -48.37 2.32 -14.40
N SER A 67 -48.45 1.29 -13.55
CA SER A 67 -47.46 1.14 -12.49
C SER A 67 -46.05 0.99 -13.02
N TRP A 68 -45.89 0.58 -14.27
CA TRP A 68 -44.53 0.37 -14.84
C TRP A 68 -43.83 1.71 -15.04
N SER A 69 -44.61 2.77 -15.31
CA SER A 69 -44.01 4.10 -15.63
C SER A 69 -43.22 4.63 -14.45
N THR A 70 -43.48 4.10 -13.25
CA THR A 70 -42.79 4.61 -12.05
C THR A 70 -42.16 3.42 -11.33
N ALA A 71 -41.07 2.88 -11.88
CA ALA A 71 -40.44 1.68 -11.30
C ALA A 71 -38.97 1.94 -11.01
N ARG A 72 -38.37 1.10 -10.16
CA ARG A 72 -36.93 1.25 -9.80
C ARG A 72 -36.26 -0.11 -9.86
N ASP A 73 -37.04 -1.20 -9.81
CA ASP A 73 -36.46 -2.56 -9.98
C ASP A 73 -37.21 -3.24 -11.12
N VAL A 74 -36.49 -3.83 -12.08
CA VAL A 74 -37.13 -4.49 -13.25
C VAL A 74 -37.93 -5.69 -12.77
N THR A 75 -37.54 -6.28 -11.64
CA THR A 75 -38.22 -7.49 -11.14
C THR A 75 -39.70 -7.16 -10.94
N ASP A 76 -39.99 -5.94 -10.48
CA ASP A 76 -41.40 -5.52 -10.25
C ASP A 76 -42.16 -5.56 -11.57
N ILE A 77 -41.57 -5.03 -12.64
CA ILE A 77 -42.24 -5.00 -13.96
C ILE A 77 -42.42 -6.45 -14.41
N TRP A 78 -41.37 -7.26 -14.25
CA TRP A 78 -41.42 -8.66 -14.72
C TRP A 78 -42.47 -9.46 -13.93
N LYS A 79 -42.60 -9.18 -12.64
CA LYS A 79 -43.54 -9.95 -11.79
C LYS A 79 -44.97 -9.72 -12.29
N THR A 80 -45.31 -8.50 -12.70
CA THR A 80 -46.72 -8.26 -13.10
C THR A 80 -47.05 -9.18 -14.27
N LEU A 81 -46.13 -9.30 -15.22
CA LEU A 81 -46.33 -10.21 -16.38
C LEU A 81 -46.32 -11.68 -15.95
N TYR A 82 -45.43 -12.06 -15.02
CA TYR A 82 -45.30 -13.50 -14.65
C TYR A 82 -46.58 -13.98 -13.97
N ARG A 83 -47.47 -13.05 -13.63
CA ARG A 83 -48.77 -13.44 -13.05
C ARG A 83 -49.54 -14.19 -14.14
N LEU A 84 -49.40 -13.74 -15.39
CA LEU A 84 -50.03 -14.45 -16.53
C LEU A 84 -49.41 -15.84 -16.63
N ASP A 85 -50.21 -16.84 -16.99
CA ASP A 85 -49.74 -18.24 -17.02
C ASP A 85 -48.61 -18.46 -18.03
N ALA A 86 -48.68 -17.81 -19.18
CA ALA A 86 -47.69 -18.11 -20.24
C ALA A 86 -46.26 -17.81 -19.78
N PHE A 87 -46.04 -16.67 -19.15
CA PHE A 87 -44.69 -16.28 -18.67
C PHE A 87 -44.26 -17.21 -17.53
N ARG A 88 -45.18 -17.52 -16.63
CA ARG A 88 -44.83 -18.35 -15.44
C ARG A 88 -44.06 -19.59 -15.90
N LYS A 90 -40.81 -20.33 -16.14
CA LYS A 90 -39.39 -20.28 -16.59
C LYS A 90 -38.57 -19.41 -15.64
N PRO A 91 -37.25 -19.64 -15.52
CA PRO A 91 -36.40 -18.80 -14.68
C PRO A 91 -36.27 -17.40 -15.30
N PHE A 92 -36.18 -16.38 -14.45
CA PHE A 92 -36.07 -14.99 -14.93
C PHE A 92 -34.75 -14.82 -15.67
N PRO A 93 -34.68 -14.03 -16.76
CA PRO A 93 -33.43 -13.76 -17.45
C PRO A 93 -32.60 -12.72 -16.70
N GLU A 94 -31.38 -12.45 -17.17
CA GLU A 94 -30.49 -11.51 -16.45
C GLU A 94 -31.22 -10.17 -16.33
N LYS A 95 -31.14 -9.53 -15.16
CA LYS A 95 -31.91 -8.29 -14.92
C LYS A 95 -30.98 -7.08 -15.00
N PRO A 96 -31.41 -5.95 -15.61
CA PRO A 96 -30.60 -4.76 -15.60
C PRO A 96 -30.35 -4.38 -14.14
N PRO A 97 -29.10 -4.05 -13.74
CA PRO A 97 -28.84 -3.60 -12.38
C PRO A 97 -29.77 -2.42 -12.08
N ASN A 98 -30.26 -2.32 -10.84
CA ASN A 98 -31.27 -1.28 -10.50
C ASN A 98 -30.72 0.12 -10.77
N ASP A 99 -29.43 0.36 -10.51
CA ASP A 99 -28.86 1.72 -10.69
C ASP A 99 -29.00 2.12 -12.15
N VAL A 100 -28.69 1.19 -13.05
CA VAL A 100 -28.83 1.46 -14.51
C VAL A 100 -30.30 1.67 -14.83
N PHE A 101 -31.17 0.84 -14.25
CA PHE A 101 -32.60 0.93 -14.60
C PHE A 101 -33.12 2.31 -14.19
N VAL A 102 -32.75 2.76 -12.99
CA VAL A 102 -33.29 4.06 -12.50
C VAL A 102 -32.81 5.15 -13.46
N THR A 103 -31.54 5.08 -13.86
CA THR A 103 -30.99 6.15 -14.73
C THR A 103 -31.74 6.16 -16.06
N ALA A 104 -32.09 4.99 -16.57
CA ALA A 104 -32.74 4.99 -17.91
C ALA A 104 -34.06 5.74 -17.84
N MET A 105 -34.88 5.44 -16.83
CA MET A 105 -36.19 6.14 -16.65
C MET A 105 -36.07 7.57 -16.12
N THR A 106 -35.19 7.84 -15.15
CA THR A 106 -35.17 9.19 -14.54
C THR A 106 -33.87 9.96 -14.78
N GLY A 107 -32.82 9.31 -15.28
CA GLY A 107 -31.51 9.99 -15.42
C GLY A 107 -31.20 10.45 -16.83
N ASN A 108 -32.15 10.32 -17.76
CA ASN A 108 -31.94 10.78 -19.16
C ASN A 108 -30.87 9.91 -19.82
N PHE A 109 -30.65 8.70 -19.30
CA PHE A 109 -29.70 7.72 -19.89
C PHE A 109 -28.24 8.04 -19.53
N GLU A 110 -27.99 9.08 -18.72
CA GLU A 110 -26.60 9.47 -18.42
C GLU A 110 -26.42 9.69 -16.92
N SER A 111 -25.44 9.03 -16.31
CA SER A 111 -25.12 9.27 -14.89
C SER A 111 -23.61 9.27 -14.69
N LYS A 112 -23.05 10.33 -14.14
CA LYS A 112 -21.60 10.34 -13.81
C LYS A 112 -20.78 10.02 -15.06
N GLY A 113 -21.17 10.54 -16.22
CA GLY A 113 -20.39 10.33 -17.45
C GLY A 113 -20.57 8.94 -18.02
N SER A 114 -21.56 8.21 -17.51
CA SER A 114 -21.81 6.82 -17.96
C SER A 114 -23.14 6.79 -18.69
N ALA A 115 -23.21 6.05 -19.80
CA ALA A 115 -24.44 6.04 -20.62
C ALA A 115 -25.05 4.64 -20.63
N VAL A 116 -26.36 4.55 -20.43
CA VAL A 116 -27.00 3.21 -20.55
C VAL A 116 -26.96 2.82 -22.02
N VAL A 117 -26.64 1.56 -22.31
CA VAL A 117 -26.43 1.16 -23.71
C VAL A 117 -27.49 0.16 -24.14
N LEU A 118 -28.08 0.37 -25.33
CA LEU A 118 -29.03 -0.61 -25.88
C LEU A 118 -28.21 -1.49 -26.82
N SER A 119 -28.05 -2.77 -26.49
CA SER A 119 -27.17 -3.66 -27.30
C SER A 119 -27.86 -4.97 -27.62
N ALA A 120 -27.50 -5.58 -28.75
CA ALA A 120 -28.11 -6.87 -29.14
C ALA A 120 -27.07 -7.80 -29.74
N VAL A 121 -27.29 -9.11 -29.62
CA VAL A 121 -26.40 -10.09 -30.31
C VAL A 121 -27.30 -10.86 -31.27
N LEU A 122 -26.92 -10.92 -32.55
CA LEU A 122 -27.78 -11.59 -33.56
C LEU A 122 -27.05 -12.85 -34.03
N ASP A 123 -27.76 -13.97 -34.07
CA ASP A 123 -27.16 -15.24 -34.56
C ASP A 123 -28.06 -15.80 -35.65
N TYR A 124 -27.50 -16.57 -36.59
CA TYR A 124 -28.29 -17.13 -37.72
C TYR A 124 -29.36 -18.07 -37.17
N ASN A 125 -30.58 -18.00 -37.71
CA ASN A 125 -31.68 -18.89 -37.26
C ASN A 125 -31.34 -20.33 -37.64
N PRO A 126 -31.46 -21.31 -36.72
CA PRO A 126 -31.25 -22.71 -37.08
C PRO A 126 -32.31 -23.13 -38.11
N ASP A 127 -33.52 -22.58 -38.00
CA ASP A 127 -34.62 -22.91 -38.96
C ASP A 127 -34.21 -22.49 -40.36
N ASN A 128 -34.34 -23.40 -41.32
CA ASN A 128 -33.98 -23.10 -42.72
C ASN A 128 -35.26 -22.82 -43.51
N SER A 129 -36.38 -22.65 -42.81
CA SER A 129 -37.68 -22.43 -43.49
C SER A 129 -37.58 -21.17 -44.34
N PRO A 130 -38.13 -21.16 -45.57
CA PRO A 130 -37.99 -20.01 -46.46
C PRO A 130 -38.62 -18.74 -45.87
N THR A 131 -39.82 -18.85 -45.29
CA THR A 131 -40.45 -17.68 -44.64
C THR A 131 -40.11 -17.67 -43.15
N ALA A 132 -38.82 -17.58 -42.81
CA ALA A 132 -38.39 -17.59 -41.39
C ALA A 132 -37.30 -16.55 -41.20
N PRO A 133 -37.16 -15.90 -40.02
CA PRO A 133 -36.17 -14.84 -39.87
C PRO A 133 -34.78 -15.41 -40.14
N LEU A 134 -33.99 -14.71 -40.94
CA LEU A 134 -32.62 -15.19 -41.26
C LEU A 134 -31.83 -15.21 -39.97
N TYR A 135 -32.02 -14.19 -39.14
CA TYR A 135 -31.22 -14.08 -37.90
C TYR A 135 -32.14 -14.12 -36.69
N LEU A 136 -31.73 -14.83 -35.65
CA LEU A 136 -32.48 -14.83 -34.35
C LEU A 136 -31.89 -13.69 -33.52
N VAL A 137 -32.73 -12.91 -32.83
CA VAL A 137 -32.22 -11.70 -32.13
C VAL A 137 -32.27 -11.88 -30.62
N LYS A 138 -31.20 -11.50 -29.92
CA LYS A 138 -31.25 -11.48 -28.44
C LYS A 138 -30.97 -10.05 -28.01
N LEU A 139 -31.90 -9.42 -27.30
CA LEU A 139 -31.65 -8.06 -26.81
C LEU A 139 -30.93 -8.20 -25.47
N LYS A 140 -29.77 -7.55 -25.34
CA LYS A 140 -28.99 -7.63 -24.09
C LYS A 140 -29.63 -6.73 -23.03
N PRO A 141 -29.49 -7.01 -21.73
CA PRO A 141 -30.03 -6.15 -20.68
C PRO A 141 -29.49 -4.72 -20.78
N LEU A 142 -30.25 -3.74 -20.28
CA LEU A 142 -29.72 -2.35 -20.25
C LEU A 142 -28.42 -2.37 -19.47
N MET A 143 -27.38 -1.72 -19.98
CA MET A 143 -26.05 -1.78 -19.35
C MET A 143 -25.51 -0.38 -19.19
N PHE A 144 -24.62 -0.18 -18.21
CA PHE A 144 -23.96 1.14 -18.07
C PHE A 144 -22.61 1.05 -18.76
N GLU A 145 -22.30 1.99 -19.62
CA GLU A 145 -20.96 2.02 -20.24
C GLU A 145 -20.48 3.46 -20.29
N GLN A 146 -19.17 3.66 -20.36
CA GLN A 146 -18.61 5.00 -20.49
C GLN A 146 -19.24 5.72 -21.67
N GLY A 147 -19.40 7.04 -21.52
CA GLY A 147 -19.98 7.83 -22.58
C GLY A 147 -18.97 8.21 -23.64
N CYS A 148 -19.48 8.87 -24.67
CA CYS A 148 -18.68 9.29 -25.81
C CYS A 148 -19.28 10.58 -26.36
N ARG A 149 -18.55 11.20 -27.29
CA ARG A 149 -18.99 12.50 -27.82
C ARG A 149 -20.41 12.43 -28.37
N LEU A 150 -20.67 11.47 -29.26
CA LEU A 150 -21.97 11.42 -29.91
C LEU A 150 -23.08 11.15 -28.90
N THR A 151 -22.83 10.27 -27.92
CA THR A 151 -23.85 10.02 -26.90
C THR A 151 -24.09 11.27 -26.06
N ARG A 152 -23.02 12.00 -25.74
CA ARG A 152 -23.16 13.24 -24.95
C ARG A 152 -23.86 14.33 -25.74
N ARG A 153 -23.84 14.27 -27.06
CA ARG A 153 -24.33 15.37 -27.87
C ARG A 153 -25.76 15.11 -28.36
N PHE A 154 -26.05 13.88 -28.79
CA PHE A 154 -27.36 13.57 -29.35
C PHE A 154 -28.20 12.67 -28.45
N GLY A 155 -27.64 12.19 -27.34
CA GLY A 155 -28.41 11.41 -26.39
C GLY A 155 -28.10 9.94 -26.46
N PRO A 156 -27.74 9.28 -25.33
CA PRO A 156 -27.31 7.88 -25.37
C PRO A 156 -28.45 6.94 -25.81
N ASP A 157 -29.68 7.41 -25.81
CA ASP A 157 -30.84 6.54 -26.15
C ASP A 157 -31.00 6.52 -27.66
N ARG A 158 -30.26 7.37 -28.38
CA ARG A 158 -30.43 7.48 -29.84
C ARG A 158 -29.42 6.55 -30.50
N PHE A 159 -28.82 5.66 -29.71
CA PHE A 159 -27.76 4.77 -30.25
C PHE A 159 -28.07 3.30 -29.96
N PHE A 160 -27.84 2.42 -30.94
CA PHE A 160 -28.12 0.99 -30.82
C PHE A 160 -27.03 0.25 -31.58
N GLU A 161 -26.31 -0.63 -30.89
CA GLU A 161 -25.24 -1.40 -31.49
C GLU A 161 -25.60 -2.89 -31.44
N ILE A 162 -25.18 -3.62 -32.48
CA ILE A 162 -25.48 -5.04 -32.59
C ILE A 162 -24.22 -5.77 -33.00
N LEU A 163 -24.17 -7.05 -32.67
CA LEU A 163 -23.15 -7.96 -33.16
C LEU A 163 -23.81 -8.94 -34.12
N ILE A 164 -23.57 -8.75 -35.40
CA ILE A 164 -24.20 -9.55 -36.45
C ILE A 164 -23.12 -10.41 -37.09
N PRO A 165 -23.44 -11.63 -37.51
CA PRO A 165 -22.43 -12.46 -38.19
C PRO A 165 -22.09 -11.90 -39.57
N SER A 166 -20.79 -11.88 -39.87
CA SER A 166 -20.33 -11.28 -41.13
C SER A 166 -20.93 -12.02 -42.32
N PRO A 167 -21.60 -11.33 -43.24
CA PRO A 167 -22.16 -12.00 -44.42
C PRO A 167 -21.12 -12.66 -45.31
N THR A 168 -19.83 -12.37 -45.13
CA THR A 168 -18.78 -12.93 -45.97
C THR A 168 -17.98 -14.01 -45.25
N SER A 169 -18.61 -14.74 -44.33
CA SER A 169 -17.91 -15.75 -43.53
C SER A 169 -17.83 -17.06 -44.31
N THR A 170 -16.61 -17.57 -44.45
CA THR A 170 -16.35 -18.81 -45.19
C THR A 170 -16.42 -20.05 -44.30
N SER A 171 -17.31 -20.04 -43.30
CA SER A 171 -17.41 -21.10 -42.31
C SER A 171 -18.46 -22.12 -42.71
N PRO A 172 -18.11 -23.41 -42.51
CA PRO A 172 -19.10 -24.48 -42.70
C PRO A 172 -20.44 -24.18 -42.03
N SER A 173 -20.39 -23.60 -40.82
CA SER A 173 -21.60 -23.38 -40.03
C SER A 173 -22.52 -22.34 -40.67
N VAL A 174 -22.07 -21.70 -41.71
CA VAL A 174 -22.90 -20.67 -42.35
C VAL A 174 -24.11 -21.31 -43.00
N PRO A 175 -25.32 -20.74 -42.88
CA PRO A 175 -26.51 -21.30 -43.53
C PRO A 175 -26.35 -21.35 -45.04
N PRO A 176 -27.12 -22.21 -45.73
CA PRO A 176 -26.94 -22.35 -47.18
C PRO A 176 -27.57 -21.23 -47.99
N VAL A 177 -28.70 -20.70 -47.50
CA VAL A 177 -29.37 -19.61 -48.20
C VAL A 177 -28.40 -18.49 -48.55
N VAL A 178 -27.59 -18.08 -47.57
CA VAL A 178 -26.60 -17.04 -47.82
C VAL A 178 -25.39 -17.60 -48.57
N SER A 179 -24.94 -18.80 -48.18
CA SER A 179 -23.72 -19.35 -48.76
C SER A 179 -23.86 -19.59 -50.26
N LYS A 180 -24.94 -20.24 -50.68
CA LYS A 180 -25.09 -20.59 -52.09
C LYS A 180 -25.43 -19.35 -52.93
N GLN A 181 -26.33 -18.51 -52.43
CA GLN A 181 -26.78 -17.37 -53.23
C GLN A 181 -25.62 -16.42 -53.52
N PRO A 182 -25.38 -16.06 -54.78
CA PRO A 182 -24.23 -15.20 -55.10
C PRO A 182 -24.40 -13.79 -54.55
N GLY A 183 -25.57 -13.19 -54.79
CA GLY A 183 -25.84 -11.85 -54.32
C GLY A 183 -26.19 -11.74 -52.86
N ALA A 184 -26.18 -12.84 -52.11
CA ALA A 184 -26.58 -12.84 -50.71
C ALA A 184 -25.89 -11.72 -49.93
N VAL A 185 -24.58 -11.55 -50.14
CA VAL A 185 -23.86 -10.49 -49.42
C VAL A 185 -24.49 -9.13 -49.66
N GLU A 186 -24.83 -8.85 -50.93
CA GLU A 186 -25.37 -7.53 -51.25
C GLU A 186 -26.73 -7.30 -50.60
N GLU A 187 -27.55 -8.35 -50.51
CA GLU A 187 -28.88 -8.20 -49.93
C GLU A 187 -28.79 -7.80 -48.45
N VAL A 188 -27.98 -8.53 -47.68
CA VAL A 188 -27.84 -8.21 -46.26
C VAL A 188 -27.27 -6.80 -46.10
N ILE A 189 -26.19 -6.49 -46.83
CA ILE A 189 -25.61 -5.16 -46.76
C ILE A 189 -26.65 -4.11 -47.09
N GLN A 190 -27.45 -4.34 -48.13
CA GLN A 190 -28.50 -3.39 -48.48
C GLN A 190 -29.53 -3.30 -47.37
N TRP A 191 -29.86 -4.44 -46.75
CA TRP A 191 -30.80 -4.41 -45.62
C TRP A 191 -30.32 -3.48 -44.52
N LEU A 192 -29.02 -3.53 -44.20
CA LEU A 192 -28.51 -2.76 -43.08
C LEU A 192 -28.49 -1.26 -43.38
N THR A 193 -28.18 -0.89 -44.62
CA THR A 193 -27.87 0.51 -44.92
C THR A 193 -28.94 1.24 -45.71
N MET A 194 -29.81 0.52 -46.42
CA MET A 194 -30.71 1.19 -47.36
C MET A 194 -31.76 2.02 -46.64
N GLY A 195 -32.34 1.50 -45.56
CA GLY A 195 -33.44 2.17 -44.90
C GLY A 195 -33.45 1.91 -43.41
N GLN A 196 -34.41 2.54 -42.73
CA GLN A 196 -34.51 2.50 -41.29
C GLN A 196 -34.98 1.13 -40.81
N HIS A 197 -34.62 0.80 -39.57
CA HIS A 197 -35.04 -0.43 -38.91
C HIS A 197 -35.87 -0.07 -37.68
N SER A 198 -36.99 -0.77 -37.50
CA SER A 198 -37.94 -0.45 -36.44
C SER A 198 -37.67 -1.29 -35.20
N LEU A 199 -37.60 -0.63 -34.05
CA LEU A 199 -37.37 -1.32 -32.79
C LEU A 199 -37.77 -0.40 -31.64
N VAL A 200 -38.53 -0.95 -30.69
CA VAL A 200 -38.97 -0.22 -29.51
C VAL A 200 -39.51 1.16 -29.88
N GLY A 201 -40.21 1.24 -31.01
CA GLY A 201 -40.84 2.49 -31.40
C GLY A 201 -39.91 3.53 -31.98
N ARG A 202 -38.71 3.14 -32.38
CA ARG A 202 -37.73 4.07 -32.93
C ARG A 202 -37.18 3.53 -34.24
N GLN A 203 -37.00 4.43 -35.21
CA GLN A 203 -36.47 4.09 -36.52
C GLN A 203 -34.95 4.28 -36.50
N TRP A 204 -34.23 3.17 -36.62
CA TRP A 204 -32.75 3.21 -36.52
C TRP A 204 -32.09 3.18 -37.90
N ARG A 205 -31.08 4.02 -38.13
CA ARG A 205 -30.33 3.99 -39.41
C ARG A 205 -28.86 3.71 -39.13
N ALA A 206 -28.24 2.85 -39.95
CA ALA A 206 -26.82 2.48 -39.75
C ALA A 206 -25.88 3.62 -40.11
N PHE A 207 -24.86 3.85 -39.27
CA PHE A 207 -23.84 4.88 -39.57
C PHE A 207 -22.42 4.32 -39.49
N PHE A 208 -22.21 3.16 -38.85
CA PHE A 208 -20.81 2.68 -38.68
C PHE A 208 -20.75 1.17 -38.49
N ALA A 209 -19.58 0.57 -38.76
CA ALA A 209 -19.40 -0.86 -38.60
C ALA A 209 -17.92 -1.15 -38.36
N LYS A 210 -17.66 -2.10 -37.49
CA LYS A 210 -16.29 -2.51 -37.19
C LYS A 210 -16.26 -4.02 -36.94
N ASP A 211 -15.09 -4.60 -37.12
CA ASP A 211 -14.91 -6.03 -36.88
C ASP A 211 -14.98 -6.32 -35.39
N ALA A 212 -15.93 -7.17 -35.00
CA ALA A 212 -16.00 -7.66 -33.63
C ALA A 212 -15.18 -8.91 -33.40
N GLY A 213 -14.58 -9.48 -34.44
CA GLY A 213 -13.79 -10.69 -34.30
C GLY A 213 -14.63 -11.95 -34.22
N TYR A 214 -13.94 -13.08 -34.09
CA TYR A 214 -14.61 -14.36 -33.96
C TYR A 214 -15.38 -14.44 -32.65
N ARG A 215 -16.67 -14.73 -32.74
CA ARG A 215 -17.52 -14.85 -31.56
C ARG A 215 -18.25 -16.18 -31.59
N LYS A 216 -18.48 -16.72 -30.40
CA LYS A 216 -19.16 -18.03 -30.27
C LYS A 216 -20.67 -17.80 -30.41
N PRO A 217 -21.39 -18.48 -31.34
CA PRO A 217 -22.85 -18.35 -31.41
C PRO A 217 -23.48 -18.63 -30.06
N LEU A 218 -24.49 -17.83 -29.73
CA LEU A 218 -25.16 -17.98 -28.45
C LEU A 218 -25.87 -19.32 -28.36
N ARG A 219 -25.65 -20.02 -27.24
CA ARG A 219 -26.30 -21.32 -27.04
C ARG A 219 -27.79 -21.19 -26.75
N GLU A 220 -28.27 -19.99 -26.42
CA GLU A 220 -29.71 -19.79 -26.28
C GLU A 220 -30.43 -20.17 -27.57
N PHE A 221 -29.80 -19.92 -28.71
CA PHE A 221 -30.38 -20.25 -30.01
C PHE A 221 -29.79 -21.53 -30.58
N LYS A 229 -20.38 -23.38 -33.29
CA LYS A 229 -19.08 -23.20 -33.99
C LYS A 229 -18.81 -21.71 -34.19
N PRO A 230 -17.62 -21.18 -33.83
CA PRO A 230 -17.36 -19.74 -33.89
C PRO A 230 -17.46 -19.10 -35.29
N ILE A 231 -18.08 -17.92 -35.36
CA ILE A 231 -18.21 -17.18 -36.66
C ILE A 231 -17.75 -15.74 -36.44
N ILE A 232 -17.09 -15.14 -37.44
CA ILE A 232 -16.71 -13.72 -37.33
C ILE A 232 -18.00 -12.91 -37.23
N LYS A 233 -18.06 -11.98 -36.28
CA LYS A 233 -19.24 -11.10 -36.18
C LYS A 233 -18.78 -9.66 -36.41
N GLU A 234 -19.68 -8.78 -36.85
CA GLU A 234 -19.36 -7.39 -37.05
C GLU A 234 -20.26 -6.53 -36.19
N ARG A 235 -19.70 -5.49 -35.57
CA ARG A 235 -20.49 -4.55 -34.80
C ARG A 235 -21.00 -3.45 -35.73
N VAL A 236 -22.31 -3.28 -35.75
CA VAL A 236 -22.92 -2.20 -36.56
C VAL A 236 -23.55 -1.22 -35.59
N HIS A 237 -23.44 0.07 -35.87
CA HIS A 237 -23.99 1.11 -34.97
C HIS A 237 -25.16 1.80 -35.67
N PHE A 238 -26.26 1.98 -34.96
CA PHE A 238 -27.48 2.58 -35.54
C PHE A 238 -27.85 3.86 -34.79
N PHE A 239 -28.29 4.89 -35.50
CA PHE A 239 -28.74 6.14 -34.86
C PHE A 239 -30.25 6.27 -35.01
N ALA A 240 -30.93 6.72 -33.96
CA ALA A 240 -32.38 6.85 -33.98
C ALA A 240 -32.75 8.15 -34.67
N GLU A 241 -33.15 8.07 -35.94
CA GLU A 241 -33.51 9.27 -36.69
C GLU A 241 -34.90 9.77 -36.28
N THR A 242 -35.84 8.84 -36.13
CA THR A 242 -37.24 9.21 -35.79
C THR A 242 -37.84 8.20 -34.82
N GLY A 243 -38.92 8.58 -34.16
CA GLY A 243 -39.61 7.69 -33.20
C GLY A 243 -41.02 8.20 -32.96
N ILE A 244 -41.88 7.40 -32.33
CA ILE A 244 -43.29 7.83 -32.16
C ILE A 244 -43.30 9.10 -31.30
N THR A 245 -42.51 9.11 -30.24
CA THR A 245 -42.44 10.28 -29.32
C THR A 245 -41.68 11.44 -29.98
N PHE A 246 -40.88 11.16 -31.02
CA PHE A 246 -40.03 12.23 -31.62
C PHE A 246 -40.89 13.32 -32.24
N ARG A 247 -40.35 14.54 -32.28
CA ARG A 247 -41.13 15.70 -32.81
C ARG A 247 -40.36 16.33 -33.97
N PRO A 248 -41.02 16.73 -35.07
CA PRO A 248 -40.36 17.42 -36.17
C PRO A 248 -40.00 18.88 -35.84
N ASP A 249 -39.04 19.45 -36.56
CA ASP A 249 -38.64 20.87 -36.36
C ASP A 249 -39.72 21.80 -36.93
N GLU A 261 -33.65 19.12 -23.50
CA GLU A 261 -34.20 18.12 -24.41
C GLU A 261 -34.16 16.73 -23.78
N PRO A 262 -35.31 16.22 -23.37
CA PRO A 262 -35.37 14.93 -22.68
C PRO A 262 -35.45 13.77 -23.67
N VAL A 263 -35.30 12.56 -23.12
CA VAL A 263 -35.25 11.36 -23.95
C VAL A 263 -36.54 11.20 -24.75
N GLU A 264 -37.68 11.21 -24.05
CA GLU A 264 -38.99 11.02 -24.68
C GLU A 264 -39.48 12.26 -25.41
N GLN A 265 -38.62 13.25 -25.63
CA GLN A 265 -39.00 14.51 -26.26
C GLN A 265 -37.82 15.01 -27.11
N ARG A 266 -37.40 14.18 -28.06
CA ARG A 266 -36.29 14.51 -28.96
C ARG A 266 -36.83 14.89 -30.33
N THR A 267 -35.92 15.37 -31.17
CA THR A 267 -36.26 15.90 -32.48
C THR A 267 -35.67 15.02 -33.57
N GLU A 268 -36.41 14.86 -34.66
CA GLU A 268 -35.92 14.07 -35.78
C GLU A 268 -34.57 14.62 -36.24
N PHE A 269 -33.68 13.71 -36.65
CA PHE A 269 -32.35 14.08 -37.09
C PHE A 269 -31.78 12.95 -37.93
N LYS A 270 -31.39 13.26 -39.16
CA LYS A 270 -30.93 12.24 -40.10
C LYS A 270 -29.44 11.96 -39.90
N VAL A 271 -29.09 10.66 -39.98
CA VAL A 271 -27.69 10.25 -39.84
C VAL A 271 -26.80 11.11 -40.72
N SER A 272 -27.28 11.50 -41.90
CA SER A 272 -26.47 12.35 -42.77
C SER A 272 -26.15 13.68 -42.09
N GLN A 273 -27.00 14.11 -41.15
CA GLN A 273 -26.77 15.34 -40.41
C GLN A 273 -25.82 15.10 -39.24
N MET A 274 -26.00 13.99 -38.53
CA MET A 274 -25.12 13.68 -37.40
C MET A 274 -23.67 13.55 -37.86
N LEU A 275 -23.45 12.84 -38.96
CA LEU A 275 -22.08 12.71 -39.46
C LEU A 275 -21.54 14.04 -39.93
N ASP A 276 -22.40 14.87 -40.52
CA ASP A 276 -21.97 16.22 -40.91
C ASP A 276 -21.55 17.03 -39.69
N TRP A 277 -22.32 16.95 -38.60
CA TRP A 277 -21.96 17.67 -37.38
C TRP A 277 -20.63 17.17 -36.82
N LEU A 278 -20.38 15.88 -36.97
CA LEU A 278 -19.16 15.29 -36.41
C LEU A 278 -17.95 15.59 -37.27
N LEU A 279 -18.09 15.46 -38.59
CA LEU A 279 -16.95 15.50 -39.50
C LEU A 279 -16.85 16.80 -40.29
N GLN A 280 -17.88 17.64 -40.27
CA GLN A 280 -17.92 18.88 -41.04
C GLN A 280 -17.52 18.60 -42.49
N LEU A 281 -18.39 17.85 -43.17
CA LEU A 281 -18.03 17.26 -44.46
C LEU A 281 -17.70 18.32 -45.51
N ASP A 282 -18.29 19.51 -45.39
CA ASP A 282 -18.05 20.56 -46.38
C ASP A 282 -16.56 20.80 -46.59
N ASN A 283 -15.80 20.85 -45.49
CA ASN A 283 -14.37 21.12 -45.57
C ASN A 283 -13.52 19.85 -45.59
N ASN A 284 -14.13 18.71 -45.93
CA ASN A 284 -13.39 17.46 -45.93
C ASN A 284 -13.76 16.58 -47.12
N THR A 285 -14.25 17.15 -48.21
CA THR A 285 -14.57 16.36 -49.38
C THR A 285 -13.32 15.83 -50.08
N TRP A 286 -12.15 16.41 -49.77
CA TRP A 286 -10.89 15.99 -50.35
C TRP A 286 -10.35 14.71 -49.72
N GLN A 287 -10.96 14.21 -48.65
CA GLN A 287 -10.50 12.99 -47.99
C GLN A 287 -11.05 11.76 -48.71
N PRO A 288 -10.27 10.68 -48.79
CA PRO A 288 -10.83 9.41 -49.27
C PRO A 288 -11.98 8.98 -48.38
N HIS A 289 -13.15 8.77 -48.99
CA HIS A 289 -14.34 8.54 -48.19
C HIS A 289 -14.16 7.37 -47.23
N LEU A 290 -13.38 6.35 -47.62
CA LEU A 290 -13.14 5.25 -46.71
C LEU A 290 -12.46 5.72 -45.43
N LYS A 291 -11.49 6.63 -45.54
CA LYS A 291 -10.80 7.15 -44.35
C LYS A 291 -11.71 8.08 -43.55
N LEU A 292 -12.37 9.01 -44.25
CA LEU A 292 -13.43 9.81 -43.62
C LEU A 292 -14.31 8.93 -42.75
N PHE A 293 -14.87 7.87 -43.35
CA PHE A 293 -15.74 6.95 -42.62
C PHE A 293 -15.06 6.43 -41.36
N SER A 294 -13.78 6.05 -41.46
CA SER A 294 -13.09 5.46 -40.31
C SER A 294 -12.93 6.43 -39.15
N ARG A 295 -13.05 7.73 -39.40
CA ARG A 295 -12.97 8.72 -38.34
C ARG A 295 -14.24 8.81 -37.53
N ILE A 296 -15.30 8.11 -37.92
CA ILE A 296 -16.51 8.10 -37.08
C ILE A 296 -16.20 7.45 -35.74
N GLN A 297 -15.20 6.57 -35.69
CA GLN A 297 -14.81 5.94 -34.43
C GLN A 297 -14.40 6.98 -33.39
N LEU A 298 -13.85 8.10 -33.83
CA LEU A 298 -13.43 9.15 -32.89
C LEU A 298 -14.61 9.77 -32.15
N GLY A 299 -15.81 9.73 -32.72
CA GLY A 299 -16.98 10.15 -31.97
C GLY A 299 -17.53 9.10 -31.04
N LEU A 300 -17.08 7.86 -31.19
CA LEU A 300 -17.53 6.74 -30.38
C LEU A 300 -16.52 6.29 -29.34
N SER A 301 -15.29 6.81 -29.37
CA SER A 301 -14.34 6.46 -28.33
C SER A 301 -14.91 6.74 -26.95
N LYS A 302 -14.76 5.76 -26.06
CA LYS A 302 -15.16 5.95 -24.68
C LYS A 302 -14.23 6.97 -24.02
N THR A 303 -14.79 8.06 -23.52
CA THR A 303 -13.98 9.13 -22.95
C THR A 303 -14.72 9.80 -21.80
N TYR A 304 -13.95 10.35 -20.87
CA TYR A 304 -14.48 11.26 -19.85
C TYR A 304 -14.33 12.69 -20.35
N ALA A 305 -15.41 13.46 -20.28
CA ALA A 305 -15.37 14.88 -20.63
C ALA A 305 -14.81 15.69 -19.47
N ILE A 306 -13.77 16.49 -19.74
CA ILE A 306 -13.07 17.22 -18.70
C ILE A 306 -13.56 18.66 -18.63
N MET A 307 -13.32 19.42 -19.70
CA MET A 307 -13.59 20.86 -19.69
C MET A 307 -13.77 21.35 -21.11
N THR A 308 -14.34 22.55 -21.23
CA THR A 308 -14.54 23.22 -22.52
C THR A 308 -13.66 24.47 -22.56
N LEU A 309 -12.60 24.43 -23.35
CA LEU A 309 -11.75 25.62 -23.51
C LEU A 309 -12.41 26.65 -24.40
N GLU A 310 -12.03 27.92 -24.19
CA GLU A 310 -12.56 28.96 -25.06
C GLU A 310 -11.72 29.06 -26.32
N PRO A 311 -12.28 29.59 -27.41
CA PRO A 311 -11.50 29.72 -28.65
C PRO A 311 -10.16 30.41 -28.42
N HIS A 312 -10.16 31.50 -27.65
CA HIS A 312 -8.90 32.21 -27.39
C HIS A 312 -7.93 31.37 -26.57
N GLN A 313 -8.38 30.26 -26.00
CA GLN A 313 -7.52 29.37 -25.21
C GLN A 313 -6.91 28.24 -26.03
N ILE A 314 -7.23 28.13 -27.32
CA ILE A 314 -6.79 27.02 -28.15
C ILE A 314 -5.78 27.52 -29.17
N ARG A 315 -4.63 26.85 -29.22
CA ARG A 315 -3.55 27.21 -30.13
C ARG A 315 -3.43 26.12 -31.20
N HIS A 316 -3.95 26.41 -32.40
CA HIS A 316 -3.86 25.49 -33.52
C HIS A 316 -2.57 25.76 -34.29
N HIS A 317 -1.62 24.82 -34.20
CA HIS A 317 -0.37 24.96 -34.92
C HIS A 317 -0.58 24.59 -36.39
N LYS A 318 0.03 25.36 -37.29
CA LYS A 318 -0.10 25.10 -38.72
C LYS A 318 0.88 24.04 -39.19
N THR A 319 2.01 23.91 -38.52
CA THR A 319 3.08 23.02 -38.95
C THR A 319 3.52 22.18 -37.77
N ASP A 320 3.81 20.90 -38.03
CA ASP A 320 4.32 20.01 -37.01
C ASP A 320 5.80 20.28 -36.75
N LEU A 321 6.29 19.81 -35.61
CA LEU A 321 7.74 19.78 -35.38
C LEU A 321 8.41 18.92 -36.44
N LEU A 322 9.45 19.46 -37.08
CA LEU A 322 10.10 18.79 -38.20
C LEU A 322 11.55 18.48 -37.89
N SER A 323 12.06 17.43 -38.53
CA SER A 323 13.43 17.01 -38.31
C SER A 323 14.39 18.19 -38.52
N PRO A 324 15.28 18.46 -37.58
CA PRO A 324 16.24 19.57 -37.77
C PRO A 324 17.20 19.34 -38.93
N SER A 325 17.28 18.15 -39.49
CA SER A 325 18.14 17.86 -40.62
C SER A 325 17.43 17.97 -41.96
N GLY A 326 16.27 18.63 -41.99
CA GLY A 326 15.61 18.93 -43.26
C GLY A 326 15.06 17.72 -43.99
N THR A 327 14.94 16.57 -43.34
CA THR A 327 14.35 15.41 -43.99
C THR A 327 12.84 15.54 -44.16
N GLY A 328 12.23 16.59 -43.61
CA GLY A 328 10.79 16.76 -43.66
C GLY A 328 10.02 15.87 -42.70
N GLU A 329 10.69 14.95 -42.02
CA GLU A 329 10.01 14.00 -41.14
C GLU A 329 9.36 14.73 -39.96
N VAL A 330 8.18 14.26 -39.58
CA VAL A 330 7.49 14.83 -38.43
C VAL A 330 8.03 14.17 -37.17
N MET A 331 8.32 14.98 -36.17
CA MET A 331 8.96 14.51 -34.94
C MET A 331 8.04 14.52 -33.74
N ASN A 332 6.80 15.00 -33.88
CA ASN A 332 5.86 15.03 -32.76
C ASN A 332 4.50 14.50 -33.18
N ASP A 333 4.49 13.45 -34.00
CA ASP A 333 3.25 12.86 -34.51
C ASP A 333 2.24 12.52 -33.42
N GLY A 334 1.18 13.31 -33.33
CA GLY A 334 0.07 13.00 -32.45
C GLY A 334 0.18 13.52 -31.05
N VAL A 335 1.25 14.23 -30.70
CA VAL A 335 1.44 14.76 -29.35
C VAL A 335 1.55 16.28 -29.39
N GLY A 336 0.82 16.93 -28.47
CA GLY A 336 0.97 18.35 -28.26
C GLY A 336 1.01 18.66 -26.78
N ARG A 337 1.22 19.95 -26.49
CA ARG A 337 1.33 20.43 -25.11
C ARG A 337 0.00 20.90 -24.56
N MET A 338 -0.08 20.94 -23.25
CA MET A 338 -1.25 21.43 -22.55
C MET A 338 -0.78 22.17 -21.30
N SER A 339 -1.59 23.09 -20.83
CA SER A 339 -1.21 23.92 -19.70
C SER A 339 -1.23 23.11 -18.41
N ARG A 340 -0.52 23.61 -17.40
CA ARG A 340 -0.59 23.00 -16.08
C ARG A 340 -2.00 23.11 -15.51
N SER A 341 -2.71 24.21 -15.77
CA SER A 341 -4.06 24.33 -15.24
C SER A 341 -4.98 23.30 -15.87
N VAL A 342 -4.81 23.02 -17.17
CA VAL A 342 -5.64 21.99 -17.80
C VAL A 342 -5.38 20.64 -17.17
N ALA A 343 -4.11 20.30 -16.94
CA ALA A 343 -3.79 19.06 -16.24
C ALA A 343 -4.44 19.01 -14.87
N LYS A 344 -4.40 20.12 -14.13
CA LYS A 344 -4.95 20.13 -12.78
C LYS A 344 -6.44 19.78 -12.79
N ARG A 345 -7.20 20.35 -13.73
CA ARG A 345 -8.63 20.01 -13.76
C ARG A 345 -8.85 18.57 -14.18
N ILE A 346 -8.00 18.02 -15.04
CA ILE A 346 -8.05 16.59 -15.32
C ILE A 346 -8.04 15.82 -14.00
N ARG A 347 -7.08 16.13 -13.12
CA ARG A 347 -6.98 15.46 -11.82
C ARG A 347 -8.24 15.69 -10.98
N ASP A 348 -8.74 16.93 -10.95
CA ASP A 348 -9.90 17.21 -10.13
C ASP A 348 -11.14 16.49 -10.64
N VAL A 349 -11.37 16.53 -11.96
CA VAL A 349 -12.57 15.93 -12.52
C VAL A 349 -12.55 14.40 -12.38
N LEU A 350 -11.39 13.79 -12.56
CA LEU A 350 -11.28 12.33 -12.45
C LEU A 350 -10.89 11.86 -11.05
N GLY A 351 -10.66 12.78 -10.13
CA GLY A 351 -10.28 12.40 -8.77
C GLY A 351 -8.94 11.70 -8.65
N LEU A 352 -7.95 12.12 -9.42
CA LEU A 352 -6.65 11.47 -9.37
C LEU A 352 -5.88 11.90 -8.12
N GLY A 353 -4.86 11.11 -7.78
CA GLY A 353 -4.04 11.44 -6.63
C GLY A 353 -3.09 12.58 -6.92
N ASP A 354 -2.49 12.59 -8.10
CA ASP A 354 -1.57 13.64 -8.50
C ASP A 354 -2.01 14.22 -9.84
N VAL A 355 -1.26 15.20 -10.31
CA VAL A 355 -1.50 15.81 -11.61
C VAL A 355 -0.80 14.97 -12.67
N PRO A 356 -1.52 14.43 -13.65
CA PRO A 356 -0.88 13.55 -14.63
C PRO A 356 0.00 14.32 -15.59
N SER A 357 1.20 13.78 -15.83
CA SER A 357 2.14 14.41 -16.76
C SER A 357 1.61 14.42 -18.18
N ALA A 358 0.78 13.44 -18.54
CA ALA A 358 0.32 13.29 -19.91
C ALA A 358 -0.95 12.47 -19.93
N VAL A 359 -1.80 12.77 -20.91
CA VAL A 359 -3.08 12.09 -21.05
C VAL A 359 -3.30 11.73 -22.50
N GLN A 360 -4.12 10.70 -22.73
CA GLN A 360 -4.56 10.29 -24.06
C GLN A 360 -6.02 10.70 -24.22
N GLY A 361 -6.32 11.44 -25.28
CA GLY A 361 -7.68 11.92 -25.43
C GLY A 361 -7.99 12.38 -26.84
N ARG A 362 -9.10 13.08 -26.96
CA ARG A 362 -9.58 13.66 -28.21
C ARG A 362 -10.03 15.09 -27.94
N PHE A 363 -9.80 15.97 -28.92
CA PHE A 363 -10.17 17.38 -28.83
C PHE A 363 -10.58 17.84 -30.21
N GLY A 364 -11.86 18.15 -30.39
CA GLY A 364 -12.37 18.42 -31.72
C GLY A 364 -11.95 17.33 -32.69
N SER A 365 -11.21 17.70 -33.73
CA SER A 365 -10.71 16.73 -34.68
C SER A 365 -9.38 16.14 -34.26
N ALA A 366 -8.83 16.57 -33.12
CA ALA A 366 -7.51 16.15 -32.70
C ALA A 366 -7.60 14.86 -31.90
N LYS A 367 -6.76 13.90 -32.26
CA LYS A 367 -6.60 12.65 -31.53
C LYS A 367 -5.12 12.49 -31.22
N GLY A 368 -4.81 12.26 -29.95
CA GLY A 368 -3.41 11.95 -29.64
C GLY A 368 -3.14 12.10 -28.15
N MET A 369 -1.87 12.37 -27.85
CA MET A 369 -1.41 12.61 -26.49
C MET A 369 -1.28 14.10 -26.25
N TRP A 370 -1.48 14.51 -24.98
CA TRP A 370 -1.19 15.86 -24.55
C TRP A 370 -0.33 15.79 -23.29
N VAL A 371 0.75 16.59 -23.26
CA VAL A 371 1.71 16.59 -22.18
C VAL A 371 1.77 17.98 -21.54
N ILE A 372 2.00 18.01 -20.23
CA ILE A 372 2.13 19.29 -19.52
C ILE A 372 3.30 20.07 -20.09
N ASP A 373 3.10 21.38 -20.27
CA ASP A 373 4.17 22.28 -20.66
C ASP A 373 5.02 22.58 -19.43
N VAL A 374 6.24 22.02 -19.40
CA VAL A 374 7.14 22.26 -18.28
C VAL A 374 7.57 23.71 -18.17
N ASP A 375 7.24 24.54 -19.15
CA ASP A 375 7.61 25.95 -19.13
C ASP A 375 6.46 26.85 -18.71
N ASP A 376 5.32 26.28 -18.35
CA ASP A 376 4.16 27.08 -17.99
C ASP A 376 4.29 27.57 -16.56
N THR A 377 4.41 28.90 -16.41
CA THR A 377 4.43 29.53 -15.10
C THR A 377 3.12 30.23 -14.76
N GLY A 378 2.21 30.40 -15.72
CA GLY A 378 0.95 31.06 -15.49
C GLY A 378 -0.12 30.11 -14.99
N ASP A 379 -1.33 30.65 -14.85
CA ASP A 379 -2.50 29.89 -14.41
C ASP A 379 -3.62 29.98 -15.43
N GLU A 380 -3.30 30.26 -16.69
CA GLU A 380 -4.30 30.38 -17.73
C GLU A 380 -4.45 29.06 -18.48
N ASP A 381 -5.70 28.66 -18.71
CA ASP A 381 -5.97 27.43 -19.45
C ASP A 381 -5.63 27.60 -20.92
N TRP A 382 -4.93 26.63 -21.49
CA TRP A 382 -4.69 26.62 -22.93
C TRP A 382 -4.21 25.25 -23.35
N ILE A 383 -4.56 24.88 -24.59
CA ILE A 383 -4.18 23.61 -25.18
C ILE A 383 -3.82 23.88 -26.64
N GLU A 384 -2.85 23.14 -27.16
CA GLU A 384 -2.47 23.26 -28.56
C GLU A 384 -2.82 21.98 -29.30
N THR A 385 -3.08 22.14 -30.60
CA THR A 385 -3.24 21.01 -31.51
C THR A 385 -2.24 21.15 -32.65
N TYR A 386 -1.92 20.03 -33.25
CA TYR A 386 -0.94 19.95 -34.32
C TYR A 386 -1.57 19.29 -35.53
N PRO A 387 -1.01 19.50 -36.73
CA PRO A 387 -1.55 18.81 -37.91
C PRO A 387 -1.69 17.32 -37.70
N SER A 388 -0.62 16.66 -37.26
CA SER A 388 -0.64 15.20 -37.10
C SER A 388 -1.73 14.76 -36.13
N GLN A 389 -2.20 15.65 -35.26
CA GLN A 389 -3.29 15.28 -34.37
C GLN A 389 -4.64 15.40 -35.06
N ARG A 390 -4.83 16.46 -35.84
CA ARG A 390 -6.14 16.81 -36.39
C ARG A 390 -6.44 15.91 -37.59
N LYS A 391 -7.37 14.98 -37.42
CA LYS A 391 -7.68 13.99 -38.44
C LYS A 391 -8.69 14.48 -39.47
N TRP A 392 -9.31 15.64 -39.24
CA TRP A 392 -10.10 16.27 -40.28
C TRP A 392 -10.09 17.77 -40.03
N GLU A 393 -10.49 18.52 -41.06
CA GLU A 393 -10.52 19.98 -40.94
C GLU A 393 -11.74 20.36 -40.13
N CYS A 394 -11.52 21.07 -39.02
CA CYS A 394 -12.58 21.37 -38.06
C CYS A 394 -12.51 22.85 -37.72
N ASP A 395 -13.66 23.42 -37.33
CA ASP A 395 -13.72 24.84 -36.98
C ASP A 395 -13.65 25.09 -35.48
N PHE A 396 -13.89 24.09 -34.65
CA PHE A 396 -13.77 24.22 -33.20
C PHE A 396 -14.66 25.34 -32.67
N VAL A 397 -15.93 25.28 -33.04
CA VAL A 397 -16.92 26.28 -32.64
C VAL A 397 -17.86 25.74 -31.57
N ASP A 398 -18.66 24.72 -31.90
CA ASP A 398 -19.54 24.09 -30.92
C ASP A 398 -18.75 23.68 -29.68
N LYS A 399 -19.42 23.78 -28.52
CA LYS A 399 -18.80 23.39 -27.25
C LYS A 399 -18.24 21.96 -27.32
N HIS A 400 -18.98 21.05 -27.95
CA HIS A 400 -18.58 19.66 -27.98
C HIS A 400 -17.36 19.43 -28.87
N GLN A 401 -17.06 20.36 -29.76
CA GLN A 401 -15.84 20.29 -30.58
C GLN A 401 -14.66 20.97 -29.90
N ARG A 402 -14.85 21.54 -28.71
CA ARG A 402 -13.78 22.16 -27.96
C ARG A 402 -13.65 21.57 -26.56
N THR A 403 -14.29 20.42 -26.33
CA THR A 403 -14.20 19.74 -25.06
C THR A 403 -13.07 18.74 -25.10
N LEU A 404 -12.16 18.83 -24.14
CA LEU A 404 -11.09 17.85 -24.01
C LEU A 404 -11.67 16.56 -23.41
N GLU A 405 -11.62 15.49 -24.19
CA GLU A 405 -12.15 14.20 -23.78
C GLU A 405 -10.97 13.28 -23.49
N VAL A 406 -10.91 12.75 -22.27
CA VAL A 406 -9.79 11.94 -21.84
C VAL A 406 -10.19 10.46 -21.90
N ARG A 407 -9.39 9.66 -22.59
CA ARG A 407 -9.62 8.22 -22.63
C ARG A 407 -8.81 7.46 -21.60
N SER A 408 -7.68 8.01 -21.16
CA SER A 408 -6.78 7.37 -20.20
C SER A 408 -5.70 8.39 -19.83
N VAL A 409 -5.00 8.11 -18.73
CA VAL A 409 -3.94 8.97 -18.22
C VAL A 409 -2.70 8.12 -17.92
N ALA A 410 -1.54 8.78 -17.95
CA ALA A 410 -0.28 8.12 -17.63
C ALA A 410 -0.24 7.80 -16.14
N SER A 411 -0.29 6.51 -15.80
CA SER A 411 -0.46 6.08 -14.42
C SER A 411 0.81 5.41 -13.92
N GLU A 412 0.73 4.93 -12.67
CA GLU A 412 1.83 4.16 -12.09
C GLU A 412 2.12 2.95 -12.98
N LEU A 413 3.41 2.62 -13.08
CA LEU A 413 3.86 1.59 -14.02
C LEU A 413 3.92 0.22 -13.34
N LYS A 414 3.69 -0.82 -14.13
CA LYS A 414 3.89 -2.20 -13.73
C LYS A 414 5.09 -2.80 -14.46
N SER A 415 5.72 -3.77 -13.82
CA SER A 415 6.69 -4.61 -14.52
C SER A 415 6.00 -5.37 -15.63
N ALA A 416 6.68 -5.46 -16.78
CA ALA A 416 6.17 -6.18 -17.92
C ALA A 416 6.98 -7.44 -18.14
N GLY A 417 6.55 -8.24 -19.10
CA GLY A 417 7.30 -9.41 -19.50
C GLY A 417 7.59 -9.44 -20.99
N LEU A 418 8.12 -10.57 -21.40
CA LEU A 418 8.43 -10.78 -22.80
C LEU A 418 7.24 -11.41 -23.50
N ASN A 419 7.33 -11.46 -24.82
CA ASN A 419 6.29 -12.10 -25.62
C ASN A 419 6.95 -12.85 -26.76
N LEU A 420 6.18 -13.73 -27.40
CA LEU A 420 6.76 -14.58 -28.42
C LEU A 420 7.34 -13.79 -29.58
N GLN A 421 6.84 -12.57 -29.81
CA GLN A 421 7.27 -11.81 -30.98
C GLN A 421 8.61 -11.14 -30.78
N LEU A 422 8.93 -10.70 -29.55
CA LEU A 422 10.23 -10.11 -29.31
C LEU A 422 11.36 -11.13 -29.35
N LEU A 423 11.07 -12.39 -29.00
CA LEU A 423 12.14 -13.38 -28.83
C LEU A 423 12.95 -13.57 -30.10
N PRO A 424 12.36 -13.90 -31.25
CA PRO A 424 13.18 -14.05 -32.47
C PRO A 424 13.98 -12.80 -32.80
N VAL A 425 13.37 -11.63 -32.64
CA VAL A 425 14.07 -10.38 -32.90
C VAL A 425 15.22 -10.19 -31.92
N LEU A 426 14.98 -10.47 -30.64
CA LEU A 426 16.06 -10.44 -29.66
C LEU A 426 17.16 -11.42 -30.04
N GLU A 427 16.81 -12.63 -30.48
CA GLU A 427 17.82 -13.60 -30.90
C GLU A 427 18.53 -13.14 -32.17
N ASP A 428 17.79 -12.47 -33.08
CA ASP A 428 18.38 -12.07 -34.36
C ASP A 428 19.35 -10.90 -34.21
N ARG A 429 19.15 -10.06 -33.19
CA ARG A 429 20.00 -8.85 -33.06
C ARG A 429 20.98 -9.03 -31.91
N ALA A 430 21.35 -10.28 -31.63
CA ALA A 430 22.28 -10.58 -30.51
C ALA A 430 23.69 -10.75 -31.04
N ARG A 431 24.68 -10.14 -30.37
CA ARG A 431 26.09 -10.37 -30.78
C ARG A 431 26.36 -11.85 -30.58
N ASP A 432 25.89 -12.40 -29.46
CA ASP A 432 26.00 -13.88 -29.28
C ASP A 432 24.59 -14.43 -29.09
N LYS A 433 24.14 -15.25 -30.02
CA LYS A 433 22.80 -15.87 -29.91
C LYS A 433 22.81 -16.80 -28.71
N VAL A 434 23.90 -17.51 -28.49
CA VAL A 434 23.95 -18.52 -27.38
C VAL A 434 23.80 -17.81 -26.04
N LYS A 435 24.47 -16.67 -25.85
CA LYS A 435 24.41 -15.97 -24.56
C LYS A 435 22.97 -15.53 -24.30
N MET A 436 22.27 -15.04 -25.33
CA MET A 436 20.87 -14.61 -25.19
C MET A 436 20.04 -15.82 -24.79
N ARG A 437 20.20 -16.93 -25.50
CA ARG A 437 19.31 -18.07 -25.20
C ARG A 437 19.45 -18.43 -23.72
N GLN A 438 20.67 -18.35 -23.19
CA GLN A 438 20.91 -18.67 -21.76
C GLN A 438 20.35 -17.56 -20.87
N ALA A 439 20.68 -16.31 -21.16
CA ALA A 439 20.20 -15.17 -20.34
C ALA A 439 18.68 -15.22 -20.17
N ILE A 440 17.94 -15.25 -21.28
CA ILE A 440 16.46 -15.30 -21.23
C ILE A 440 16.05 -16.58 -20.52
N GLY A 441 16.73 -17.68 -20.84
CA GLY A 441 16.42 -18.96 -20.19
C GLY A 441 16.61 -18.85 -18.70
N ASP A 442 17.66 -18.18 -18.25
CA ASP A 442 17.96 -18.13 -16.79
C ASP A 442 16.87 -17.30 -16.12
N ARG A 443 16.45 -16.22 -16.77
CA ARG A 443 15.36 -15.38 -16.23
C ARG A 443 14.15 -16.27 -15.97
N LEU A 444 13.85 -17.20 -16.88
CA LEU A 444 12.65 -18.07 -16.74
C LEU A 444 12.82 -18.99 -15.53
N ILE A 445 13.97 -19.65 -15.41
CA ILE A 445 14.14 -20.64 -14.31
C ILE A 445 14.11 -19.92 -12.97
N ASN A 446 14.82 -18.81 -12.86
CA ASN A 446 14.93 -18.12 -11.55
C ASN A 446 13.62 -17.40 -11.21
N ASP A 447 12.82 -17.02 -12.21
CA ASP A 447 11.51 -16.41 -11.89
C ASP A 447 10.60 -17.51 -11.34
N LEU A 448 10.65 -18.69 -11.97
CA LEU A 448 9.78 -19.81 -11.52
C LEU A 448 10.22 -20.21 -10.12
N GLN A 449 11.52 -20.33 -9.89
CA GLN A 449 12.02 -20.79 -8.56
C GLN A 449 11.59 -19.79 -7.48
N ARG A 450 11.56 -18.50 -7.80
CA ARG A 450 11.10 -17.49 -6.82
C ARG A 450 9.61 -17.70 -6.57
N GLN A 451 8.81 -17.70 -7.64
CA GLN A 451 7.34 -17.84 -7.52
C GLN A 451 7.02 -18.98 -6.57
N PHE A 452 7.74 -20.09 -6.67
CA PHE A 452 7.40 -21.24 -5.85
C PHE A 452 8.00 -21.15 -4.45
N SER A 453 9.29 -20.78 -4.35
CA SER A 453 9.90 -20.66 -3.04
C SER A 453 9.16 -19.66 -2.16
N GLU A 454 8.48 -18.68 -2.78
CA GLU A 454 7.69 -17.72 -2.02
C GLU A 454 6.39 -18.35 -1.53
N GLN A 455 5.66 -19.02 -2.42
CA GLN A 455 4.41 -19.65 -2.02
C GLN A 455 4.65 -20.78 -1.03
N LYS A 456 5.71 -21.57 -1.23
CA LYS A 456 6.01 -22.66 -0.31
C LYS A 456 6.27 -22.14 1.10
N HIS A 457 6.99 -21.03 1.22
CA HIS A 457 7.25 -20.46 2.53
C HIS A 457 5.98 -19.93 3.17
N ALA A 458 5.17 -19.21 2.40
CA ALA A 458 3.94 -18.64 2.95
C ALA A 458 3.00 -19.74 3.43
N LEU A 459 2.89 -20.84 2.67
CA LEU A 459 1.95 -21.90 3.03
C LEU A 459 2.15 -22.41 4.44
N ASN A 460 3.30 -22.15 5.06
CA ASN A 460 3.54 -22.69 6.40
C ASN A 460 2.73 -21.95 7.46
N ARG A 461 2.46 -20.66 7.25
CA ARG A 461 1.71 -19.85 8.22
C ARG A 461 0.47 -19.26 7.57
N PRO A 462 -0.77 -19.43 8.12
CA PRO A 462 -1.97 -18.94 7.46
C PRO A 462 -1.92 -17.43 7.19
N VAL A 463 -1.37 -16.66 8.11
CA VAL A 463 -1.28 -15.19 7.95
C VAL A 463 -0.43 -14.87 6.73
N GLU A 464 0.62 -15.66 6.49
CA GLU A 464 1.56 -15.37 5.38
C GLU A 464 0.92 -15.79 4.06
N PHE A 465 0.14 -16.88 4.08
CA PHE A 465 -0.56 -17.30 2.85
C PHE A 465 -1.65 -16.29 2.48
N ARG A 466 -2.40 -15.79 3.46
CA ARG A 466 -3.44 -14.76 3.18
C ARG A 466 -2.78 -13.57 2.49
N GLN A 467 -1.66 -13.10 3.02
CA GLN A 467 -0.95 -11.96 2.40
C GLN A 467 -0.58 -12.33 0.97
N TRP A 468 -0.05 -13.52 0.76
CA TRP A 468 0.38 -13.95 -0.60
C TRP A 468 -0.82 -13.97 -1.54
N VAL A 469 -1.96 -14.48 -1.09
CA VAL A 469 -3.13 -14.63 -1.99
C VAL A 469 -3.65 -13.25 -2.39
N TYR A 470 -3.65 -12.29 -1.46
CA TYR A 470 -4.07 -10.91 -1.82
C TYR A 470 -3.04 -10.30 -2.77
N GLU A 471 -1.76 -10.63 -2.56
CA GLU A 471 -0.70 -10.07 -3.42
C GLU A 471 -0.77 -10.74 -4.79
N SER A 472 -1.29 -11.97 -4.84
CA SER A 472 -1.44 -12.70 -6.11
C SER A 472 -2.51 -12.03 -6.97
N TYR A 473 -3.73 -11.88 -6.45
CA TYR A 473 -4.84 -11.31 -7.26
C TYR A 473 -5.58 -10.24 -6.47
N SER A 474 -6.03 -9.18 -7.15
CA SER A 474 -6.85 -8.13 -6.47
C SER A 474 -8.29 -8.16 -7.00
N SER A 475 -9.26 -8.26 -6.11
CA SER A 475 -10.70 -8.36 -6.51
C SER A 475 -11.42 -7.07 -6.10
N ARG A 476 -10.67 -5.99 -5.91
CA ARG A 476 -11.28 -4.72 -5.45
C ARG A 476 -12.43 -4.34 -6.38
N ALA A 477 -12.25 -4.52 -7.68
CA ALA A 477 -13.30 -4.16 -8.67
C ALA A 477 -14.61 -4.87 -8.34
N THR A 478 -14.60 -6.21 -8.28
CA THR A 478 -15.85 -6.96 -8.04
C THR A 478 -16.40 -6.64 -6.66
N ARG A 479 -15.52 -6.33 -5.71
CA ARG A 479 -15.96 -5.99 -4.34
C ARG A 479 -16.71 -4.67 -4.39
N VAL A 480 -16.16 -3.66 -5.05
CA VAL A 480 -16.85 -2.34 -5.19
C VAL A 480 -18.12 -2.56 -6.00
N SER A 481 -18.03 -3.35 -7.08
CA SER A 481 -19.20 -3.54 -7.98
C SER A 481 -20.38 -4.13 -7.23
N HIS A 482 -20.14 -5.14 -6.40
CA HIS A 482 -21.28 -5.84 -5.74
C HIS A 482 -21.55 -5.25 -4.36
N GLY A 483 -20.61 -4.51 -3.79
CA GLY A 483 -20.77 -4.00 -2.43
C GLY A 483 -20.63 -5.13 -1.44
N ARG A 484 -20.03 -6.23 -1.89
CA ARG A 484 -19.85 -7.43 -1.05
C ARG A 484 -18.93 -8.37 -1.82
N VAL A 485 -18.35 -9.37 -1.16
CA VAL A 485 -17.56 -10.37 -1.92
C VAL A 485 -18.58 -11.28 -2.60
N PRO A 486 -18.56 -11.41 -3.94
CA PRO A 486 -19.55 -12.22 -4.63
C PRO A 486 -19.41 -13.67 -4.17
N PHE A 487 -20.54 -14.34 -3.93
CA PHE A 487 -20.49 -15.72 -3.41
C PHE A 487 -21.28 -16.65 -4.32
N LEU A 488 -20.62 -17.66 -4.89
CA LEU A 488 -21.38 -18.68 -5.66
C LEU A 488 -21.77 -19.77 -4.66
N ALA A 489 -23.06 -19.90 -4.37
CA ALA A 489 -23.54 -20.88 -3.38
C ALA A 489 -22.97 -20.56 -1.99
N GLY A 490 -22.23 -21.48 -1.38
CA GLY A 490 -21.77 -21.28 0.01
C GLY A 490 -20.32 -20.88 0.14
N LEU A 491 -19.65 -20.60 -0.97
CA LEU A 491 -18.24 -20.12 -0.90
C LEU A 491 -18.08 -18.96 -1.86
N PRO A 492 -17.11 -18.05 -1.68
CA PRO A 492 -16.89 -16.97 -2.62
C PRO A 492 -16.65 -17.50 -4.04
N ASP A 493 -16.99 -16.69 -5.04
CA ASP A 493 -16.86 -17.15 -6.45
C ASP A 493 -15.38 -17.38 -6.76
N SER A 494 -14.54 -16.38 -6.50
CA SER A 494 -13.09 -16.49 -6.80
C SER A 494 -12.45 -17.53 -5.88
N GLN A 495 -11.54 -18.33 -6.42
CA GLN A 495 -10.82 -19.34 -5.61
C GLN A 495 -9.92 -18.58 -4.65
N GLU A 496 -9.32 -17.50 -5.13
CA GLU A 496 -8.43 -16.68 -4.28
C GLU A 496 -9.21 -16.21 -3.05
N GLU A 497 -10.42 -15.69 -3.25
CA GLU A 497 -11.24 -15.18 -2.13
C GLU A 497 -11.68 -16.33 -1.23
N THR A 498 -11.99 -17.49 -1.82
CA THR A 498 -12.43 -18.67 -1.04
C THR A 498 -11.33 -19.02 -0.03
N LEU A 499 -10.09 -19.08 -0.51
CA LEU A 499 -8.95 -19.41 0.38
C LEU A 499 -8.94 -18.42 1.55
N ASN A 500 -8.87 -17.13 1.26
CA ASN A 500 -8.77 -16.11 2.34
C ASN A 500 -9.97 -16.20 3.29
N PHE A 501 -11.19 -16.36 2.77
CA PHE A 501 -12.41 -16.42 3.60
C PHE A 501 -12.29 -17.54 4.63
N LEU A 502 -11.86 -18.72 4.19
CA LEU A 502 -11.83 -19.89 5.11
C LEU A 502 -10.66 -19.76 6.07
N MET A 503 -9.54 -19.20 5.60
CA MET A 503 -8.39 -19.00 6.50
C MET A 503 -8.74 -17.92 7.52
N ASN A 504 -9.54 -16.94 7.12
CA ASN A 504 -9.95 -15.84 8.04
C ASN A 504 -10.87 -16.41 9.11
N SER A 505 -11.47 -17.58 8.86
CA SER A 505 -12.32 -18.25 9.87
C SER A 505 -11.52 -19.29 10.65
N GLY A 506 -10.23 -19.47 10.34
CA GLY A 506 -9.40 -20.36 11.17
C GLY A 506 -8.80 -21.57 10.47
N PHE A 507 -9.04 -21.74 9.17
CA PHE A 507 -8.57 -22.99 8.51
C PHE A 507 -7.09 -22.86 8.16
N ASP A 508 -6.32 -23.93 8.39
CA ASP A 508 -4.88 -23.92 8.05
C ASP A 508 -4.73 -24.48 6.64
N PRO A 509 -4.01 -23.79 5.75
CA PRO A 509 -3.80 -24.28 4.41
C PRO A 509 -3.06 -25.63 4.36
N LYS A 510 -2.32 -26.00 5.39
CA LYS A 510 -1.52 -27.24 5.34
C LYS A 510 -2.20 -28.32 6.19
N LYS A 511 -3.42 -28.07 6.66
CA LYS A 511 -4.10 -29.02 7.57
C LYS A 511 -5.43 -29.43 6.93
N GLN A 512 -5.98 -28.60 6.06
CA GLN A 512 -7.22 -28.98 5.34
C GLN A 512 -6.88 -29.07 3.84
N LYS A 513 -7.10 -30.24 3.25
CA LYS A 513 -6.70 -30.47 1.87
C LYS A 513 -7.54 -29.65 0.89
N TYR A 514 -8.79 -29.36 1.24
CA TYR A 514 -9.63 -28.53 0.39
C TYR A 514 -8.92 -27.23 0.02
N LEU A 515 -8.22 -26.63 0.99
CA LEU A 515 -7.48 -25.41 0.70
C LEU A 515 -6.23 -25.71 -0.12
N GLN A 516 -5.57 -26.83 0.17
CA GLN A 516 -4.40 -27.21 -0.62
C GLN A 516 -4.77 -27.39 -2.09
N ASP A 517 -5.85 -28.14 -2.35
CA ASP A 517 -6.24 -28.41 -3.73
C ASP A 517 -6.46 -27.12 -4.51
N ILE A 518 -7.00 -26.09 -3.85
CA ILE A 518 -7.25 -24.80 -4.51
C ILE A 518 -5.93 -24.11 -4.85
N ALA A 519 -4.97 -24.14 -3.93
CA ALA A 519 -3.67 -23.52 -4.21
C ALA A 519 -2.91 -24.32 -5.26
N TRP A 520 -3.09 -25.63 -5.26
CA TRP A 520 -2.46 -26.50 -6.30
C TRP A 520 -2.97 -26.09 -7.67
N ASP A 521 -4.29 -26.07 -7.85
CA ASP A 521 -4.87 -25.77 -9.17
C ASP A 521 -4.45 -24.37 -9.62
N LEU A 522 -4.48 -23.42 -8.68
CA LEU A 522 -4.16 -22.02 -9.07
C LEU A 522 -2.73 -21.96 -9.57
N GLN A 523 -1.81 -22.64 -8.87
CA GLN A 523 -0.37 -22.63 -9.27
C GLN A 523 -0.22 -23.30 -10.62
N LYS A 524 -0.94 -24.41 -10.82
CA LYS A 524 -0.79 -25.16 -12.08
C LYS A 524 -1.23 -24.25 -13.24
N ARG A 525 -2.32 -23.53 -13.06
CA ARG A 525 -2.84 -22.67 -14.16
C ARG A 525 -1.82 -21.58 -14.48
N LYS A 526 -1.22 -20.99 -13.46
CA LYS A 526 -0.27 -19.88 -13.71
C LYS A 526 0.93 -20.44 -14.47
N CYS A 527 1.30 -21.68 -14.17
CA CYS A 527 2.42 -22.35 -14.89
C CYS A 527 1.97 -22.66 -16.32
N ASP A 528 0.71 -23.08 -16.48
CA ASP A 528 0.19 -23.41 -17.83
C ASP A 528 0.25 -22.16 -18.70
N THR A 529 -0.09 -21.00 -18.14
CA THR A 529 0.00 -19.73 -18.91
C THR A 529 1.45 -19.51 -19.35
N LEU A 530 2.40 -19.76 -18.46
CA LEU A 530 3.84 -19.57 -18.80
C LEU A 530 4.20 -20.57 -19.90
N LYS A 531 3.72 -21.79 -19.77
CA LYS A 531 4.00 -22.83 -20.80
C LYS A 531 3.39 -22.41 -22.13
N SER A 532 2.14 -21.94 -22.13
CA SER A 532 1.44 -21.66 -23.40
C SER A 532 1.73 -20.27 -23.97
N LYS A 533 2.39 -19.37 -23.25
CA LYS A 533 2.56 -18.00 -23.82
C LYS A 533 3.96 -17.45 -23.54
N LEU A 534 4.77 -18.18 -22.79
CA LEU A 534 6.15 -17.74 -22.46
C LEU A 534 6.18 -16.24 -22.16
N ASN A 535 5.41 -15.81 -21.16
CA ASN A 535 5.45 -14.39 -20.74
C ASN A 535 6.57 -14.25 -19.71
N ILE A 536 7.81 -14.49 -20.14
CA ILE A 536 8.97 -14.45 -19.20
C ILE A 536 9.01 -13.06 -18.58
N ARG A 537 8.81 -12.98 -17.27
CA ARG A 537 8.75 -11.67 -16.59
C ARG A 537 10.14 -11.05 -16.49
N VAL A 538 10.24 -9.78 -16.87
CA VAL A 538 11.52 -9.03 -16.72
C VAL A 538 11.22 -7.90 -15.75
N GLY A 539 11.75 -7.97 -14.54
CA GLY A 539 11.41 -6.95 -13.53
C GLY A 539 11.82 -5.57 -13.96
N ARG A 540 12.93 -5.48 -14.68
CA ARG A 540 13.41 -4.18 -15.17
C ARG A 540 12.81 -3.93 -16.53
N SER A 541 11.49 -3.91 -16.60
CA SER A 541 10.77 -3.65 -17.88
C SER A 541 9.38 -3.09 -17.58
N ALA A 542 8.84 -2.25 -18.46
CA ALA A 542 7.46 -1.78 -18.32
C ALA A 542 6.99 -1.26 -19.67
N TYR A 543 5.68 -1.11 -19.79
CA TYR A 543 5.05 -0.45 -20.93
C TYR A 543 4.75 1.00 -20.53
N ILE A 544 5.27 1.95 -21.31
CA ILE A 544 5.20 3.37 -20.97
C ILE A 544 4.69 4.14 -22.17
N TYR A 545 3.71 5.03 -21.95
CA TYR A 545 3.27 5.96 -22.98
C TYR A 545 4.46 6.68 -23.58
N MET A 546 4.48 6.79 -24.90
CA MET A 546 5.58 7.43 -25.61
C MET A 546 5.28 8.90 -25.84
N ILE A 547 6.27 9.77 -25.56
CA ILE A 547 6.12 11.22 -25.68
C ILE A 547 7.35 11.80 -26.36
N ALA A 548 7.15 12.85 -27.14
CA ALA A 548 8.25 13.52 -27.82
C ALA A 548 8.73 14.74 -27.02
N ASP A 549 10.02 15.04 -27.16
CA ASP A 549 10.65 16.14 -26.43
C ASP A 549 10.45 17.43 -27.19
N PHE A 550 9.48 18.24 -26.76
CA PHE A 550 9.24 19.52 -27.40
C PHE A 550 10.38 20.50 -27.18
N TRP A 551 11.24 20.26 -26.21
CA TRP A 551 12.20 21.24 -25.72
C TRP A 551 13.64 20.97 -26.16
N GLY A 552 13.85 19.99 -27.05
CA GLY A 552 15.16 19.82 -27.65
C GLY A 552 16.29 19.53 -26.71
N VAL A 553 16.00 19.00 -25.52
CA VAL A 553 17.07 18.70 -24.58
C VAL A 553 17.69 17.32 -24.82
N LEU A 554 16.93 16.37 -25.36
CA LEU A 554 17.45 15.03 -25.62
C LEU A 554 18.05 14.98 -27.02
N GLU A 555 19.29 14.52 -27.10
CA GLU A 555 19.92 14.29 -28.40
C GLU A 555 19.35 13.04 -29.06
N GLU A 556 19.69 12.84 -30.33
CA GLU A 556 19.23 11.67 -31.03
C GLU A 556 19.64 10.41 -30.28
N ASN A 557 18.73 9.46 -30.19
CA ASN A 557 18.97 8.18 -29.53
C ASN A 557 19.19 8.33 -28.02
N GLU A 558 18.69 9.41 -27.42
CA GLU A 558 18.59 9.53 -25.97
C GLU A 558 17.12 9.58 -25.58
N VAL A 559 16.76 8.88 -24.50
CA VAL A 559 15.42 8.92 -23.96
C VAL A 559 15.48 9.30 -22.50
N HIS A 560 14.35 9.79 -21.99
CA HIS A 560 14.21 10.23 -20.62
C HIS A 560 13.04 9.49 -19.99
N VAL A 561 13.29 8.85 -18.86
CA VAL A 561 12.25 8.12 -18.13
C VAL A 561 12.32 8.51 -16.66
N GLY A 562 11.26 9.12 -16.16
CA GLY A 562 11.12 9.41 -14.74
C GLY A 562 9.83 8.78 -14.23
N PHE A 563 9.91 8.19 -13.05
CA PHE A 563 8.77 7.51 -12.45
C PHE A 563 8.09 8.39 -11.42
N SER A 564 6.81 8.09 -11.18
CA SER A 564 6.04 8.86 -10.21
C SER A 564 6.29 8.37 -8.79
N SER A 565 6.74 7.13 -8.64
CA SER A 565 7.00 6.55 -7.34
C SER A 565 8.11 5.51 -7.49
N LYS A 566 8.49 4.90 -6.38
CA LYS A 566 9.55 3.90 -6.40
C LYS A 566 9.13 2.70 -7.23
N PHE A 567 9.91 2.41 -8.27
CA PHE A 567 9.72 1.23 -9.11
C PHE A 567 10.66 0.14 -8.61
N ARG A 568 10.09 -0.97 -8.13
CA ARG A 568 10.84 -1.99 -7.41
C ARG A 568 11.07 -3.22 -8.27
N ASP A 569 12.31 -3.72 -8.27
CA ASP A 569 12.66 -5.00 -8.88
C ASP A 569 13.56 -5.76 -7.89
N GLU A 570 13.00 -6.80 -7.28
CA GLU A 570 13.75 -7.60 -6.32
C GLU A 570 14.37 -6.70 -5.25
N GLU A 571 15.70 -6.66 -5.16
CA GLU A 571 16.37 -5.85 -4.14
C GLU A 571 16.96 -4.56 -4.71
N GLU A 572 16.46 -4.11 -5.86
CA GLU A 572 16.84 -2.83 -6.44
C GLU A 572 15.57 -2.10 -6.84
N SER A 573 15.60 -0.77 -6.69
CA SER A 573 14.44 0.06 -7.02
C SER A 573 14.90 1.33 -7.70
N PHE A 574 13.94 2.02 -8.34
CA PHE A 574 14.23 3.14 -9.23
C PHE A 574 13.15 4.19 -9.10
N THR A 575 13.55 5.46 -9.16
CA THR A 575 12.61 6.56 -9.44
C THR A 575 12.88 7.23 -10.77
N LEU A 576 13.94 6.84 -11.46
CA LEU A 576 14.27 7.36 -12.79
C LEU A 576 15.32 6.43 -13.40
N LEU A 577 15.66 6.69 -14.65
CA LEU A 577 16.70 5.94 -15.33
C LEU A 577 17.78 6.91 -15.80
N SER A 578 19.04 6.50 -15.62
CA SER A 578 20.15 7.37 -16.01
C SER A 578 21.40 6.54 -16.19
N ASP A 579 22.26 7.01 -17.09
CA ASP A 579 23.57 6.41 -17.33
C ASP A 579 23.47 4.91 -17.55
N CYS A 580 22.64 4.53 -18.51
CA CYS A 580 22.48 3.12 -18.89
C CYS A 580 21.73 3.05 -20.19
N ASP A 581 21.84 1.89 -20.85
CA ASP A 581 21.14 1.64 -22.09
C ASP A 581 19.80 0.96 -21.85
N VAL A 582 18.85 1.24 -22.72
CA VAL A 582 17.51 0.68 -22.63
C VAL A 582 17.13 0.10 -23.99
N LEU A 583 16.19 -0.84 -23.96
CA LEU A 583 15.62 -1.45 -25.15
C LEU A 583 14.18 -0.99 -25.27
N VAL A 584 13.83 -0.36 -26.40
CA VAL A 584 12.47 0.09 -26.65
C VAL A 584 11.90 -0.71 -27.82
N ALA A 585 10.61 -0.99 -27.76
CA ALA A 585 9.96 -1.73 -28.83
C ALA A 585 8.47 -1.53 -28.74
N ARG A 586 7.77 -1.88 -29.82
CA ARG A 586 6.33 -1.79 -29.89
C ARG A 586 5.79 -3.09 -30.45
N SER A 587 4.60 -3.48 -30.00
CA SER A 587 3.97 -4.61 -30.64
C SER A 587 2.97 -4.13 -31.67
N PRO A 588 2.82 -4.84 -32.80
CA PRO A 588 3.62 -6.03 -33.10
C PRO A 588 5.04 -5.69 -33.53
N ALA A 589 5.99 -6.55 -33.19
CA ALA A 589 7.38 -6.42 -33.60
C ALA A 589 7.70 -7.52 -34.60
N HIS A 590 8.11 -7.13 -35.81
CA HIS A 590 8.44 -8.08 -36.87
C HIS A 590 9.81 -7.81 -37.50
N PHE A 591 10.04 -6.57 -37.91
CA PHE A 591 11.31 -6.21 -38.51
C PHE A 591 12.45 -6.32 -37.50
N PRO A 592 13.66 -6.65 -37.97
CA PRO A 592 14.81 -6.62 -37.05
C PRO A 592 15.01 -5.29 -36.36
N SER A 593 14.54 -4.21 -36.96
CA SER A 593 14.68 -2.87 -36.39
C SER A 593 13.54 -2.51 -35.45
N ASP A 594 12.57 -3.40 -35.25
CA ASP A 594 11.43 -3.07 -34.42
C ASP A 594 11.78 -2.98 -32.94
N ILE A 595 12.97 -3.43 -32.57
CA ILE A 595 13.54 -3.19 -31.25
C ILE A 595 14.76 -2.30 -31.45
N GLN A 596 14.96 -1.36 -30.53
CA GLN A 596 16.02 -0.37 -30.67
C GLN A 596 16.69 -0.11 -29.34
N ARG A 597 18.03 -0.17 -29.34
CA ARG A 597 18.82 0.12 -28.16
C ARG A 597 19.19 1.61 -28.14
N VAL A 598 18.85 2.29 -27.05
CA VAL A 598 19.07 3.73 -26.90
C VAL A 598 19.62 4.00 -25.50
N ARG A 599 19.94 5.27 -25.24
CA ARG A 599 20.63 5.69 -24.02
C ARG A 599 19.67 6.47 -23.13
N ALA A 600 19.41 5.96 -21.92
CA ALA A 600 18.56 6.66 -20.98
C ALA A 600 19.34 7.80 -20.34
N VAL A 601 18.88 9.04 -20.57
CA VAL A 601 19.48 10.23 -19.98
C VAL A 601 18.38 10.97 -19.23
N PHE A 602 18.63 11.26 -17.94
CA PHE A 602 17.66 12.00 -17.14
C PHE A 602 17.97 13.49 -17.27
N LYS A 603 17.06 14.23 -17.92
CA LYS A 603 17.21 15.67 -18.03
C LYS A 603 16.43 16.35 -16.92
N PRO A 604 17.08 17.08 -16.01
CA PRO A 604 16.32 17.78 -14.97
C PRO A 604 15.28 18.71 -15.53
N GLU A 605 15.48 19.22 -16.75
CA GLU A 605 14.46 20.02 -17.43
C GLU A 605 13.11 19.30 -17.45
N LEU A 606 13.13 18.00 -17.74
CA LEU A 606 11.93 17.20 -17.92
C LEU A 606 11.47 16.50 -16.65
N HIS A 607 12.14 16.77 -15.52
CA HIS A 607 11.92 15.96 -14.32
C HIS A 607 10.45 15.88 -13.92
N SER A 608 9.65 16.88 -14.25
CA SER A 608 8.28 16.89 -13.78
C SER A 608 7.37 15.98 -14.59
N LEU A 609 7.85 15.46 -15.72
CA LEU A 609 7.08 14.55 -16.57
C LEU A 609 7.36 13.12 -16.10
N LYS A 610 6.37 12.50 -15.47
CA LYS A 610 6.55 11.20 -14.85
C LYS A 610 5.65 10.15 -15.48
N ASP A 611 6.10 8.89 -15.41
CA ASP A 611 5.34 7.76 -15.93
C ASP A 611 5.10 7.88 -17.43
N VAL A 612 6.09 8.43 -18.15
CA VAL A 612 6.11 8.49 -19.60
C VAL A 612 7.57 8.41 -20.03
N ILE A 613 7.78 7.97 -21.26
CA ILE A 613 9.12 7.91 -21.85
C ILE A 613 9.17 8.93 -22.98
N ILE A 614 10.22 9.73 -23.00
CA ILE A 614 10.30 10.90 -23.87
C ILE A 614 11.38 10.62 -24.91
N PHE A 615 10.97 10.49 -26.16
CA PHE A 615 11.91 10.35 -27.26
C PHE A 615 12.38 11.72 -27.72
N SER A 616 13.57 11.74 -28.30
CA SER A 616 14.16 12.98 -28.79
C SER A 616 13.40 13.49 -30.01
N THR A 617 13.42 14.80 -30.20
CA THR A 617 12.89 15.40 -31.41
C THR A 617 13.99 15.82 -32.37
N LYS A 618 15.21 15.33 -32.16
CA LYS A 618 16.33 15.55 -33.06
C LYS A 618 16.61 14.28 -33.87
N GLY A 619 17.32 14.44 -34.96
CA GLY A 619 17.68 13.33 -35.83
C GLY A 619 16.87 13.35 -37.12
N ASP A 620 17.23 12.41 -37.99
CA ASP A 620 16.56 12.32 -39.30
C ASP A 620 15.16 11.76 -39.16
N VAL A 621 14.99 10.71 -38.37
CA VAL A 621 13.72 10.00 -38.27
C VAL A 621 13.30 9.94 -36.81
N PRO A 622 12.03 10.17 -36.48
CA PRO A 622 11.58 10.00 -35.10
C PRO A 622 11.78 8.56 -34.65
N LEU A 623 12.30 8.42 -33.42
CA LEU A 623 12.52 7.08 -32.88
C LEU A 623 11.25 6.26 -32.88
N ALA A 624 10.11 6.89 -32.55
CA ALA A 624 8.85 6.16 -32.49
C ALA A 624 8.50 5.52 -33.83
N LYS A 625 8.82 6.20 -34.94
CA LYS A 625 8.56 5.60 -36.24
C LYS A 625 9.31 4.29 -36.39
N LYS A 626 10.52 4.21 -35.83
CA LYS A 626 11.32 3.00 -35.93
C LYS A 626 10.71 1.83 -35.15
N LEU A 627 9.81 2.11 -34.20
CA LEU A 627 9.14 1.06 -33.44
C LEU A 627 7.86 0.67 -34.15
N SER A 628 8.03 0.02 -35.30
CA SER A 628 6.92 -0.57 -36.03
C SER A 628 5.97 0.50 -36.57
N GLY A 629 6.55 1.62 -36.99
CA GLY A 629 5.75 2.71 -37.50
C GLY A 629 4.88 3.33 -36.43
N GLY A 630 5.48 3.60 -35.27
CA GLY A 630 4.75 4.15 -34.15
C GLY A 630 4.85 5.67 -34.08
N ASP A 631 4.13 6.23 -33.11
CA ASP A 631 3.97 7.67 -33.02
C ASP A 631 3.76 8.02 -31.54
N TYR A 632 3.20 9.19 -31.28
CA TYR A 632 3.00 9.67 -29.92
C TYR A 632 1.56 10.07 -29.67
N ASP A 633 0.59 9.30 -30.20
CA ASP A 633 -0.82 9.63 -30.01
C ASP A 633 -1.52 8.65 -29.06
N GLY A 634 -0.75 7.89 -28.29
CA GLY A 634 -1.31 6.90 -27.37
C GLY A 634 -0.48 5.64 -27.39
N ASP A 635 0.50 5.58 -28.29
CA ASP A 635 1.38 4.44 -28.38
C ASP A 635 2.06 4.20 -27.04
N MET A 636 2.22 2.93 -26.69
CA MET A 636 2.95 2.51 -25.51
C MET A 636 4.14 1.69 -25.97
N ALA A 637 5.32 2.02 -25.46
CA ALA A 637 6.53 1.30 -25.82
C ALA A 637 6.83 0.23 -24.77
N TRP A 638 7.39 -0.89 -25.22
CA TRP A 638 8.02 -1.83 -24.32
C TRP A 638 9.38 -1.24 -23.92
N VAL A 639 9.56 -0.95 -22.64
CA VAL A 639 10.82 -0.39 -22.15
C VAL A 639 11.46 -1.40 -21.21
N CYS A 640 12.70 -1.78 -21.52
CA CYS A 640 13.43 -2.78 -20.75
C CYS A 640 14.84 -2.28 -20.47
N TRP A 641 15.21 -2.19 -19.20
CA TRP A 641 16.55 -1.79 -18.79
C TRP A 641 17.30 -2.90 -18.07
N ASP A 642 16.86 -4.14 -18.23
CA ASP A 642 17.60 -5.27 -17.72
C ASP A 642 18.94 -5.43 -18.43
N PRO A 643 20.07 -5.28 -17.74
CA PRO A 643 21.37 -5.35 -18.42
C PRO A 643 21.62 -6.68 -19.13
N GLU A 644 21.22 -7.80 -18.54
CA GLU A 644 21.52 -9.06 -19.19
C GLU A 644 20.78 -9.22 -20.51
N ILE A 645 19.78 -8.38 -20.77
CA ILE A 645 19.01 -8.47 -22.00
C ILE A 645 19.41 -7.36 -22.96
N VAL A 646 19.84 -6.22 -22.41
CA VAL A 646 20.11 -5.06 -23.25
C VAL A 646 21.48 -5.17 -23.92
N ASP A 647 22.53 -5.44 -23.14
CA ASP A 647 23.89 -5.27 -23.64
C ASP A 647 24.29 -6.29 -24.70
N GLY A 648 23.56 -7.40 -24.85
CA GLY A 648 23.80 -8.27 -25.99
C GLY A 648 23.16 -7.82 -27.28
N PHE A 649 22.40 -6.72 -27.25
CA PHE A 649 21.62 -6.24 -28.37
C PHE A 649 22.41 -5.26 -29.23
N VAL A 650 22.30 -5.43 -30.55
CA VAL A 650 22.95 -4.55 -31.52
C VAL A 650 21.88 -4.08 -32.51
N ASN A 651 21.85 -2.78 -32.81
CA ASN A 651 20.76 -2.21 -33.58
C ASN A 651 20.82 -2.60 -35.05
N ALA A 652 19.64 -2.70 -35.66
CA ALA A 652 19.49 -2.91 -37.09
C ALA A 652 18.96 -1.64 -37.73
N GLU A 653 19.52 -1.29 -38.88
CA GLU A 653 19.03 -0.12 -39.60
C GLU A 653 17.73 -0.47 -40.30
N MET A 654 16.81 0.49 -40.34
CA MET A 654 15.46 0.24 -40.84
C MET A 654 15.50 -0.37 -42.23
N PRO A 655 14.57 -1.27 -42.54
CA PRO A 655 14.67 -2.07 -43.76
C PRO A 655 14.03 -1.40 -44.95
N LEU A 656 14.55 -1.75 -46.13
CA LEU A 656 13.98 -1.28 -47.39
C LEU A 656 12.86 -2.23 -47.78
N GLU A 657 11.62 -1.75 -47.66
CA GLU A 657 10.44 -2.57 -47.82
C GLU A 657 10.14 -2.82 -49.30
N PRO A 658 9.53 -3.96 -49.62
CA PRO A 658 9.19 -4.23 -51.02
C PRO A 658 8.00 -3.42 -51.47
N ASP A 659 7.94 -3.17 -52.78
CA ASP A 659 6.76 -2.55 -53.38
C ASP A 659 5.69 -3.62 -53.58
N LEU A 660 4.64 -3.56 -52.78
CA LEU A 660 3.55 -4.53 -52.84
C LEU A 660 2.29 -3.94 -53.46
N SER A 661 2.47 -2.95 -54.34
CA SER A 661 1.32 -2.30 -54.97
C SER A 661 0.58 -3.25 -55.90
N ARG A 662 1.28 -4.24 -56.47
CA ARG A 662 0.59 -5.20 -57.33
C ARG A 662 -0.47 -5.97 -56.56
N TYR A 663 -0.25 -6.23 -55.27
CA TYR A 663 -1.14 -7.08 -54.49
C TYR A 663 -2.06 -6.29 -53.56
N LEU A 664 -1.57 -5.19 -52.99
CA LEU A 664 -2.36 -4.36 -52.09
C LEU A 664 -2.98 -3.21 -52.89
N LYS A 665 -4.27 -3.33 -53.17
CA LYS A 665 -4.97 -2.39 -54.05
C LYS A 665 -5.66 -1.34 -53.18
N LYS A 666 -5.20 -0.10 -53.28
CA LYS A 666 -5.66 1.00 -52.43
C LYS A 666 -6.80 1.74 -53.12
N ASP A 667 -7.91 1.92 -52.39
CA ASP A 667 -9.09 2.64 -52.89
C ASP A 667 -9.07 4.04 -52.29
N LYS A 668 -8.56 5.00 -53.05
CA LYS A 668 -8.40 6.37 -52.56
C LYS A 668 -9.53 7.30 -53.02
N THR A 669 -10.65 6.72 -53.47
CA THR A 669 -11.79 7.51 -53.95
C THR A 669 -12.23 8.52 -52.89
N THR A 670 -12.28 9.79 -53.28
CA THR A 670 -12.58 10.86 -52.35
C THR A 670 -14.08 11.07 -52.20
N PHE A 671 -14.46 11.69 -51.08
CA PHE A 671 -15.84 12.11 -50.89
C PHE A 671 -16.31 12.96 -52.06
N LYS A 672 -15.50 13.95 -52.45
CA LYS A 672 -15.81 14.77 -53.62
C LYS A 672 -16.12 13.90 -54.84
N GLN A 673 -15.23 12.95 -55.16
CA GLN A 673 -15.47 12.10 -56.32
C GLN A 673 -16.80 11.37 -56.20
N LEU A 674 -17.13 10.88 -55.01
CA LEU A 674 -18.43 10.25 -54.82
C LEU A 674 -19.56 11.24 -55.09
N MET A 675 -19.38 12.49 -54.68
CA MET A 675 -20.43 13.48 -54.84
C MET A 675 -20.69 13.82 -56.30
N ALA A 676 -19.65 13.79 -57.14
CA ALA A 676 -19.82 14.15 -58.54
C ALA A 676 -20.88 13.30 -59.21
N SER A 677 -21.04 12.05 -58.78
CA SER A 677 -22.08 11.20 -59.35
C SER A 677 -23.48 11.75 -59.11
N HIS A 678 -23.65 12.63 -58.12
CA HIS A 678 -24.97 13.08 -57.72
C HIS A 678 -25.21 14.57 -57.90
N GLY A 679 -24.17 15.41 -57.91
CA GLY A 679 -24.34 16.82 -58.14
C GLY A 679 -23.71 17.73 -57.08
N THR A 680 -24.41 18.81 -56.73
CA THR A 680 -23.99 19.74 -55.70
C THR A 680 -25.20 20.17 -54.86
N GLY A 681 -24.91 20.67 -53.66
CA GLY A 681 -25.95 21.12 -52.76
C GLY A 681 -26.31 20.07 -51.73
N SER A 682 -27.23 20.47 -50.83
CA SER A 682 -27.55 19.65 -49.67
C SER A 682 -27.93 18.23 -50.05
N ALA A 683 -28.92 18.08 -50.93
CA ALA A 683 -29.36 16.74 -51.32
C ALA A 683 -28.20 15.90 -51.86
N ALA A 684 -27.34 16.52 -52.67
CA ALA A 684 -26.19 15.81 -53.20
C ALA A 684 -25.25 15.36 -52.08
N LYS A 685 -24.92 16.27 -51.17
CA LYS A 685 -24.13 15.90 -50.00
C LYS A 685 -24.80 14.78 -49.21
N GLU A 686 -26.10 14.92 -48.95
CA GLU A 686 -26.83 13.92 -48.17
C GLU A 686 -26.78 12.56 -48.86
N GLN A 687 -27.03 12.53 -50.18
CA GLN A 687 -26.92 11.26 -50.90
C GLN A 687 -25.51 10.70 -50.80
N THR A 688 -24.49 11.55 -50.96
CA THR A 688 -23.12 11.09 -50.93
C THR A 688 -22.76 10.51 -49.57
N THR A 689 -23.29 11.08 -48.49
CA THR A 689 -22.97 10.56 -47.17
C THR A 689 -23.50 9.14 -47.00
N TYR A 690 -24.67 8.85 -47.57
CA TYR A 690 -25.19 7.50 -47.48
C TYR A 690 -24.45 6.55 -48.41
N ASP A 691 -23.96 7.04 -49.55
CA ASP A 691 -23.05 6.25 -50.37
C ASP A 691 -21.82 5.87 -49.57
N MET A 692 -21.20 6.86 -48.90
CA MET A 692 -20.04 6.58 -48.08
C MET A 692 -20.31 5.47 -47.08
N ILE A 693 -21.52 5.45 -46.50
CA ILE A 693 -21.84 4.47 -45.48
C ILE A 693 -21.89 3.07 -46.09
N GLN A 694 -22.78 2.85 -47.07
CA GLN A 694 -22.92 1.52 -47.64
C GLN A 694 -21.64 1.09 -48.36
N LYS A 695 -21.01 2.01 -49.09
CA LYS A 695 -19.74 1.68 -49.73
C LYS A 695 -18.71 1.26 -48.69
N SER A 696 -18.59 2.01 -47.58
CA SER A 696 -17.65 1.64 -46.53
C SER A 696 -18.06 0.36 -45.81
N PHE A 697 -19.37 0.13 -45.65
CA PHE A 697 -19.82 -1.15 -45.11
C PHE A 697 -19.33 -2.30 -45.98
N HIS A 698 -19.42 -2.17 -47.30
CA HIS A 698 -18.93 -3.22 -48.18
C HIS A 698 -17.44 -3.42 -47.98
N PHE A 699 -16.66 -2.34 -47.99
CA PHE A 699 -15.23 -2.44 -47.78
C PHE A 699 -14.90 -2.97 -46.38
N ALA A 700 -15.75 -2.65 -45.39
CA ALA A 700 -15.48 -3.10 -44.03
C ALA A 700 -15.80 -4.57 -43.82
N LEU A 701 -16.59 -5.18 -44.72
CA LEU A 701 -16.96 -6.57 -44.61
C LEU A 701 -16.12 -7.48 -45.52
N GLN A 702 -15.15 -6.93 -46.23
CA GLN A 702 -14.22 -7.77 -46.96
C GLN A 702 -13.55 -8.74 -46.00
N PRO A 703 -13.32 -9.98 -46.41
CA PRO A 703 -12.57 -10.91 -45.56
C PRO A 703 -11.23 -10.31 -45.17
N ASN A 704 -10.91 -10.39 -43.89
CA ASN A 704 -9.65 -9.86 -43.41
C ASN A 704 -8.57 -10.93 -43.48
N PHE A 705 -7.36 -10.52 -43.81
CA PHE A 705 -6.24 -11.43 -43.91
C PHE A 705 -5.11 -11.11 -42.94
N LEU A 706 -5.27 -10.12 -42.06
CA LEU A 706 -4.22 -9.81 -41.10
C LEU A 706 -3.84 -11.03 -40.28
N GLY A 707 -4.83 -11.80 -39.83
CA GLY A 707 -4.59 -13.02 -39.11
C GLY A 707 -3.85 -14.07 -39.92
N MET A 708 -4.37 -14.43 -41.09
CA MET A 708 -3.69 -15.44 -41.90
C MET A 708 -2.25 -15.05 -42.17
N CYS A 709 -2.02 -13.85 -42.72
CA CYS A 709 -0.67 -13.51 -43.14
C CYS A 709 0.29 -13.44 -41.96
N THR A 710 -0.20 -13.04 -40.78
CA THR A 710 0.66 -13.05 -39.60
C THR A 710 1.03 -14.46 -39.20
N ASN A 711 0.06 -15.38 -39.22
CA ASN A 711 0.34 -16.77 -38.88
C ASN A 711 1.24 -17.42 -39.93
N TYR A 712 1.03 -17.12 -41.21
CA TYR A 712 1.92 -17.68 -42.25
C TYR A 712 3.36 -17.25 -41.98
N LYS A 713 3.57 -15.98 -41.64
CA LYS A 713 4.94 -15.46 -41.42
C LYS A 713 5.56 -16.21 -40.26
N GLU A 714 4.77 -16.50 -39.24
CA GLU A 714 5.31 -17.18 -38.06
C GLU A 714 5.84 -18.54 -38.51
N ARG A 715 5.04 -19.28 -39.27
CA ARG A 715 5.43 -20.64 -39.71
C ARG A 715 6.66 -20.57 -40.61
N LEU A 716 6.63 -19.70 -41.61
CA LEU A 716 7.76 -19.66 -42.57
C LEU A 716 9.02 -19.27 -41.84
N CYS A 717 8.93 -18.25 -40.99
CA CYS A 717 10.14 -17.76 -40.28
C CYS A 717 10.66 -18.87 -39.37
N TYR A 718 9.75 -19.60 -38.79
CA TYR A 718 10.15 -20.73 -37.92
C TYR A 718 10.86 -21.81 -38.74
N ILE A 719 10.31 -22.20 -39.87
CA ILE A 719 10.88 -23.29 -40.69
C ILE A 719 12.28 -22.88 -41.14
N ASN A 720 12.42 -21.62 -41.54
CA ASN A 720 13.73 -21.11 -42.01
C ASN A 720 14.55 -20.65 -40.81
N ASN A 721 13.96 -20.61 -39.62
CA ASN A 721 14.65 -20.11 -38.42
C ASN A 721 15.23 -18.72 -38.74
N SER A 722 14.47 -17.87 -39.41
CA SER A 722 15.01 -16.55 -39.80
C SER A 722 13.94 -15.46 -39.83
N VAL A 723 14.20 -14.39 -39.11
CA VAL A 723 13.31 -13.23 -39.14
C VAL A 723 13.97 -12.05 -39.86
N SER A 724 15.02 -12.31 -40.65
CA SER A 724 15.78 -11.24 -41.27
C SER A 724 16.07 -11.46 -42.75
N ASN A 725 15.80 -12.66 -43.29
CA ASN A 725 16.06 -12.90 -44.70
C ASN A 725 14.99 -12.24 -45.56
N LYS A 726 15.10 -12.44 -46.88
CA LYS A 726 14.26 -11.68 -47.81
C LYS A 726 12.78 -11.98 -47.62
N PRO A 727 12.33 -13.24 -47.60
CA PRO A 727 10.89 -13.49 -47.40
C PRO A 727 10.38 -12.99 -46.06
N ALA A 728 11.19 -13.11 -44.99
CA ALA A 728 10.76 -12.61 -43.70
C ALA A 728 10.50 -11.11 -43.75
N ILE A 729 11.29 -10.38 -44.54
CA ILE A 729 11.12 -8.93 -44.57
C ILE A 729 9.86 -8.55 -45.31
N ILE A 730 9.58 -9.19 -46.46
CA ILE A 730 8.40 -8.80 -47.23
C ILE A 730 7.14 -9.09 -46.43
N LEU A 731 7.07 -10.26 -45.78
CA LEU A 731 5.91 -10.57 -44.95
C LEU A 731 5.73 -9.55 -43.83
N SER A 732 6.82 -9.07 -43.25
CA SER A 732 6.70 -8.02 -42.25
C SER A 732 6.09 -6.76 -42.85
N SER A 733 6.40 -6.46 -44.12
CA SER A 733 5.75 -5.34 -44.79
C SER A 733 4.28 -5.63 -45.04
N LEU A 734 3.96 -6.82 -45.53
CA LEU A 734 2.57 -7.15 -45.80
C LEU A 734 1.73 -6.98 -44.53
N VAL A 735 2.14 -7.60 -43.43
CA VAL A 735 1.37 -7.47 -42.19
C VAL A 735 1.42 -6.04 -41.67
N GLY A 736 2.45 -5.28 -42.03
CA GLY A 736 2.50 -3.89 -41.64
C GLY A 736 1.52 -3.03 -42.40
N ASN A 737 1.21 -3.43 -43.63
CA ASN A 737 0.18 -2.72 -44.40
C ASN A 737 -1.21 -3.21 -44.02
N LEU A 738 -1.38 -4.53 -43.83
CA LEU A 738 -2.72 -5.07 -43.58
C LEU A 738 -3.30 -4.56 -42.26
N VAL A 739 -2.45 -4.35 -41.24
CA VAL A 739 -2.98 -3.86 -39.98
C VAL A 739 -3.57 -2.46 -40.13
N ASP A 740 -3.05 -1.67 -41.07
CA ASP A 740 -3.58 -0.33 -41.37
C ASP A 740 -4.62 -0.35 -42.48
N GLN A 741 -5.33 -1.46 -42.66
CA GLN A 741 -6.18 -1.63 -43.85
C GLN A 741 -7.34 -0.63 -43.87
N SER A 742 -8.15 -0.61 -42.81
CA SER A 742 -9.38 0.18 -42.83
C SER A 742 -9.12 1.67 -43.00
N LYS A 743 -7.91 2.13 -42.66
CA LYS A 743 -7.60 3.55 -42.75
C LYS A 743 -6.88 3.91 -44.04
N GLN A 744 -6.26 2.94 -44.71
CA GLN A 744 -5.57 3.16 -45.97
C GLN A 744 -6.41 2.74 -47.18
N GLY A 745 -7.53 2.08 -46.98
CA GLY A 745 -8.40 1.69 -48.07
C GLY A 745 -7.77 0.64 -48.95
N ILE A 746 -7.26 -0.42 -48.33
CA ILE A 746 -6.51 -1.45 -49.04
C ILE A 746 -7.43 -2.62 -49.32
N VAL A 747 -7.61 -2.93 -50.61
CA VAL A 747 -8.33 -4.13 -51.02
C VAL A 747 -7.34 -5.29 -51.09
N PHE A 748 -7.75 -6.43 -50.55
CA PHE A 748 -6.86 -7.59 -50.50
C PHE A 748 -7.73 -8.84 -50.34
N ASN A 749 -7.70 -9.71 -51.33
CA ASN A 749 -8.56 -10.88 -51.35
C ASN A 749 -7.72 -12.16 -51.34
N GLU A 750 -8.42 -13.29 -51.18
CA GLU A 750 -7.78 -14.60 -51.23
C GLU A 750 -6.87 -14.72 -52.44
N ALA A 751 -7.32 -14.22 -53.59
CA ALA A 751 -6.58 -14.38 -54.84
C ALA A 751 -5.21 -13.70 -54.76
N SER A 752 -5.18 -12.43 -54.30
CA SER A 752 -3.91 -11.73 -54.19
C SER A 752 -2.98 -12.43 -53.20
N TRP A 753 -3.53 -12.97 -52.12
CA TRP A 753 -2.71 -13.64 -51.12
C TRP A 753 -2.01 -14.86 -51.72
N ALA A 754 -2.77 -15.70 -52.43
CA ALA A 754 -2.17 -16.83 -53.10
C ALA A 754 -1.20 -16.37 -54.18
N GLN A 755 -1.49 -15.28 -54.86
CA GLN A 755 -0.58 -14.75 -55.89
C GLN A 755 0.75 -14.34 -55.25
N LEU A 756 0.71 -13.61 -54.13
CA LEU A 756 1.93 -13.10 -53.46
C LEU A 756 2.78 -14.28 -52.99
N ARG A 757 2.13 -15.31 -52.45
CA ARG A 757 2.85 -16.51 -51.95
C ARG A 757 3.58 -17.20 -53.10
N ARG A 758 3.00 -17.21 -54.31
CA ARG A 758 3.63 -17.89 -55.43
C ARG A 758 4.76 -17.07 -56.02
N GLU A 759 4.52 -15.78 -56.27
CA GLU A 759 5.47 -14.96 -57.02
C GLU A 759 6.68 -14.57 -56.18
N LEU A 760 6.48 -14.28 -54.90
CA LEU A 760 7.53 -13.70 -54.07
C LEU A 760 8.00 -14.60 -52.94
N LEU A 761 7.17 -15.52 -52.45
CA LEU A 761 7.48 -16.26 -51.25
C LEU A 761 7.95 -17.68 -51.51
N GLY A 762 8.08 -18.08 -52.77
CA GLY A 762 8.65 -19.37 -53.10
C GLY A 762 7.67 -20.48 -53.41
N GLY A 763 6.40 -20.16 -53.63
CA GLY A 763 5.44 -21.16 -54.06
C GLY A 763 4.85 -22.02 -52.97
N ALA A 764 5.44 -22.07 -51.78
CA ALA A 764 4.82 -22.77 -50.67
C ALA A 764 3.54 -22.06 -50.27
N LEU A 765 2.49 -22.84 -50.03
CA LEU A 765 1.17 -22.27 -49.78
C LEU A 765 0.60 -22.65 -48.41
N SER A 766 0.78 -23.89 -47.99
CA SER A 766 0.32 -24.35 -46.67
C SER A 766 1.53 -24.79 -45.85
N LEU A 767 1.83 -24.07 -44.78
CA LEU A 767 3.07 -24.36 -44.01
C LEU A 767 2.72 -25.07 -42.69
N PRO A 768 3.58 -25.98 -42.18
CA PRO A 768 3.32 -26.71 -40.95
C PRO A 768 3.23 -25.84 -39.70
N ASP A 769 2.29 -26.16 -38.81
CA ASP A 769 2.17 -25.41 -37.53
C ASP A 769 3.45 -25.66 -36.72
N PRO A 770 3.98 -24.63 -36.03
CA PRO A 770 5.20 -24.78 -35.24
C PRO A 770 5.05 -25.72 -34.04
N MET A 771 6.16 -26.29 -33.57
CA MET A 771 6.13 -27.26 -32.45
C MET A 771 5.60 -26.62 -31.17
N TYR A 772 5.90 -25.33 -30.94
CA TYR A 772 5.51 -24.67 -29.66
C TYR A 772 3.99 -24.52 -29.55
N LYS A 773 3.28 -24.61 -30.67
CA LYS A 773 1.80 -24.52 -30.66
C LYS A 773 1.23 -25.75 -29.94
N SER A 774 2.03 -26.80 -29.83
CA SER A 774 1.59 -28.03 -29.12
C SER A 774 2.06 -28.03 -27.65
N ASP A 775 1.38 -28.78 -26.77
CA ASP A 775 1.69 -28.71 -25.32
C ASP A 775 2.86 -29.63 -24.95
N SER A 776 3.21 -30.56 -25.82
CA SER A 776 4.32 -31.52 -25.56
C SER A 776 5.26 -31.50 -26.76
N TRP A 777 6.50 -31.95 -26.58
CA TRP A 777 7.46 -31.86 -27.70
C TRP A 777 7.13 -32.97 -28.70
N LEU A 778 6.65 -32.58 -29.87
CA LEU A 778 6.31 -33.56 -30.94
C LEU A 778 7.42 -33.49 -32.00
N GLY A 779 8.46 -32.72 -31.73
CA GLY A 779 9.61 -32.61 -32.65
C GLY A 779 10.59 -33.73 -32.45
N ARG A 780 11.57 -33.86 -33.35
CA ARG A 780 12.57 -34.93 -33.24
C ARG A 780 13.89 -34.34 -32.77
N GLY A 781 14.46 -34.90 -31.70
CA GLY A 781 15.76 -34.42 -31.21
C GLY A 781 15.63 -33.25 -30.26
N GLU A 782 16.76 -32.68 -29.86
CA GLU A 782 16.74 -31.50 -28.98
C GLU A 782 16.13 -30.33 -29.75
N PRO A 783 15.32 -29.47 -29.11
CA PRO A 783 14.68 -28.36 -29.80
C PRO A 783 15.66 -27.39 -30.46
N THR A 784 15.33 -26.92 -31.66
CA THR A 784 16.24 -26.03 -32.42
C THR A 784 15.80 -24.57 -32.35
N HIS A 785 14.50 -24.32 -32.21
CA HIS A 785 13.97 -22.93 -32.20
C HIS A 785 14.04 -22.35 -30.79
N ILE A 786 14.27 -21.05 -30.67
CA ILE A 786 14.41 -20.39 -29.33
C ILE A 786 13.12 -20.55 -28.53
N ILE A 787 11.97 -20.37 -29.17
CA ILE A 787 10.69 -20.53 -28.45
C ILE A 787 10.57 -22.00 -28.05
N ASP A 788 10.91 -22.91 -28.97
CA ASP A 788 10.79 -24.36 -28.70
C ASP A 788 11.74 -24.75 -27.58
N TYR A 789 12.95 -24.20 -27.59
CA TYR A 789 13.95 -24.50 -26.54
C TYR A 789 13.42 -24.01 -25.19
N LEU A 790 12.89 -22.79 -25.16
CA LEU A 790 12.43 -22.24 -23.87
C LEU A 790 11.20 -23.01 -23.39
N LYS A 791 10.25 -23.29 -24.27
CA LYS A 791 9.00 -23.97 -23.85
C LYS A 791 9.24 -25.43 -23.46
N PHE A 792 10.10 -26.14 -24.19
CA PHE A 792 10.22 -27.61 -23.95
C PHE A 792 11.53 -27.99 -23.25
N SER A 793 12.59 -27.21 -23.41
CA SER A 793 13.88 -27.62 -22.80
C SER A 793 14.05 -26.91 -21.45
N ILE A 794 13.42 -25.75 -21.28
CA ILE A 794 13.62 -24.96 -20.03
C ILE A 794 12.34 -24.94 -19.19
N ALA A 795 11.25 -24.42 -19.75
CA ALA A 795 10.01 -24.23 -18.97
C ALA A 795 9.39 -25.54 -18.49
N ARG A 796 8.97 -26.42 -19.39
CA ARG A 796 8.22 -27.62 -18.96
C ARG A 796 9.03 -28.44 -17.97
N PRO A 797 10.34 -28.71 -18.16
CA PRO A 797 11.11 -29.40 -17.13
C PRO A 797 11.02 -28.69 -15.79
N ALA A 798 11.35 -27.40 -15.75
CA ALA A 798 11.37 -26.63 -14.49
C ALA A 798 9.98 -26.65 -13.86
N ILE A 799 8.95 -26.44 -14.68
CA ILE A 799 7.56 -26.45 -14.15
C ILE A 799 7.34 -27.78 -13.44
N ASP A 800 7.67 -28.88 -14.10
CA ASP A 800 7.39 -30.23 -13.52
C ASP A 800 8.19 -30.42 -12.22
N LYS A 801 9.45 -30.01 -12.23
CA LYS A 801 10.30 -30.15 -11.02
C LYS A 801 9.75 -29.32 -9.87
N GLU A 802 9.42 -28.05 -10.12
CA GLU A 802 8.94 -27.15 -9.04
C GLU A 802 7.61 -27.67 -8.50
N LEU A 803 6.75 -28.14 -9.39
CA LEU A 803 5.41 -28.62 -8.98
C LEU A 803 5.58 -29.84 -8.06
N GLU A 804 6.51 -30.73 -8.38
CA GLU A 804 6.74 -31.93 -7.53
C GLU A 804 7.37 -31.49 -6.20
N ALA A 805 8.29 -30.52 -6.22
CA ALA A 805 8.86 -30.01 -4.96
C ALA A 805 7.75 -29.39 -4.12
N PHE A 806 6.84 -28.66 -4.76
CA PHE A 806 5.71 -28.03 -4.06
C PHE A 806 4.81 -29.13 -3.48
N HIS A 807 4.57 -30.19 -4.25
CA HIS A 807 3.76 -31.33 -3.75
C HIS A 807 4.48 -32.01 -2.60
N ASN A 808 5.79 -32.20 -2.74
CA ASN A 808 6.61 -32.86 -1.69
C ASN A 808 6.61 -31.98 -0.44
N ALA A 809 6.64 -30.66 -0.63
CA ALA A 809 6.65 -29.72 0.51
C ALA A 809 5.37 -29.89 1.32
N MET A 810 4.23 -30.05 0.63
CA MET A 810 2.94 -30.17 1.35
C MET A 810 2.79 -31.62 1.84
N ALA A 820 -1.90 -33.20 5.70
CA ALA A 820 -3.14 -32.64 5.16
C ALA A 820 -4.27 -33.69 5.16
N HIS A 821 -5.48 -33.26 5.47
CA HIS A 821 -6.62 -34.17 5.62
C HIS A 821 -7.90 -33.39 5.36
N PHE A 822 -8.83 -33.97 4.60
CA PHE A 822 -10.15 -33.36 4.48
C PHE A 822 -10.84 -33.33 5.83
N TRP A 823 -10.75 -34.42 6.58
CA TRP A 823 -11.43 -34.51 7.86
C TRP A 823 -10.96 -33.41 8.81
N ASP A 824 -11.86 -33.01 9.70
CA ASP A 824 -11.61 -32.03 10.74
C ASP A 824 -12.63 -32.27 11.84
N PRO A 825 -12.19 -32.75 13.02
CA PRO A 825 -13.16 -33.03 14.08
C PRO A 825 -14.00 -31.83 14.48
N ASP A 826 -13.48 -30.62 14.30
CA ASP A 826 -14.26 -29.43 14.64
C ASP A 826 -15.51 -29.33 13.77
N LEU A 827 -15.34 -29.53 12.46
CA LEU A 827 -16.43 -29.36 11.52
C LEU A 827 -17.59 -30.31 11.74
N ALA A 828 -17.44 -31.31 12.62
CA ALA A 828 -18.50 -32.27 12.87
C ALA A 828 -19.10 -32.13 14.26
N SER A 829 -18.83 -31.00 14.94
CA SER A 829 -19.33 -30.80 16.29
C SER A 829 -20.84 -30.95 16.36
N TYR A 830 -21.55 -30.30 15.43
CA TYR A 830 -23.00 -30.27 15.52
C TYR A 830 -23.60 -31.64 15.19
N TYR A 831 -22.99 -32.37 14.25
CA TYR A 831 -23.41 -33.75 14.02
C TYR A 831 -23.40 -34.53 15.33
N THR A 832 -22.25 -34.58 15.99
CA THR A 832 -22.12 -35.29 17.25
C THR A 832 -23.13 -34.77 18.27
N PHE A 833 -23.41 -33.47 18.24
CA PHE A 833 -24.32 -32.90 19.22
C PHE A 833 -25.76 -33.33 18.96
N PHE A 834 -26.16 -33.38 17.69
CA PHE A 834 -27.53 -33.78 17.36
C PHE A 834 -27.72 -35.29 17.45
N LYS A 835 -26.70 -36.05 17.03
CA LYS A 835 -26.78 -37.53 17.18
C LYS A 835 -27.03 -37.85 18.66
N GLU A 836 -26.35 -37.15 19.57
CA GLU A 836 -26.51 -37.48 21.00
C GLU A 836 -27.96 -37.22 21.40
N ILE A 837 -28.50 -36.09 20.97
CA ILE A 837 -29.94 -35.76 21.28
C ILE A 837 -30.81 -36.80 20.57
N SER A 838 -30.45 -37.14 19.34
CA SER A 838 -31.25 -38.11 18.54
C SER A 838 -31.26 -39.47 19.23
N ASP A 839 -30.12 -39.87 19.81
CA ASP A 839 -30.06 -41.17 20.53
C ASP A 839 -31.00 -41.13 21.73
N LYS A 840 -30.95 -40.05 22.51
CA LYS A 840 -31.86 -39.92 23.70
C LYS A 840 -33.31 -39.69 23.28
N SER A 841 -33.57 -38.94 22.20
CA SER A 841 -34.96 -38.58 21.83
C SER A 841 -35.31 -39.03 20.40
N ARG A 842 -36.45 -39.73 20.24
CA ARG A 842 -36.85 -40.26 18.92
C ARG A 842 -37.41 -39.11 18.07
N SER A 843 -38.03 -38.13 18.70
CA SER A 843 -38.53 -36.98 17.94
C SER A 843 -37.44 -36.39 17.05
N SER A 844 -36.29 -36.13 17.63
CA SER A 844 -35.19 -35.48 16.87
C SER A 844 -34.61 -36.43 15.84
N ALA A 845 -34.76 -37.73 16.08
CA ALA A 845 -34.16 -38.73 15.16
C ALA A 845 -34.77 -38.58 13.76
N LEU A 846 -36.07 -38.32 13.69
CA LEU A 846 -36.74 -38.26 12.38
C LEU A 846 -36.14 -37.11 11.56
N LEU A 847 -35.94 -35.96 12.20
CA LEU A 847 -35.43 -34.78 11.45
C LEU A 847 -34.04 -35.12 10.93
N PHE A 848 -33.23 -35.78 11.75
CA PHE A 848 -31.84 -36.10 11.36
C PHE A 848 -31.86 -36.97 10.12
N THR A 849 -32.74 -37.98 10.10
CA THR A 849 -32.77 -38.92 8.96
C THR A 849 -33.18 -38.18 7.69
N THR A 850 -34.19 -37.31 7.79
CA THR A 850 -34.68 -36.58 6.61
C THR A 850 -33.56 -35.70 6.08
N LEU A 851 -32.84 -35.03 6.98
CA LEU A 851 -31.76 -34.12 6.57
C LEU A 851 -30.71 -34.93 5.83
N LYS A 852 -30.35 -36.08 6.39
CA LYS A 852 -29.26 -36.89 5.79
C LYS A 852 -29.72 -37.33 4.40
N ASN A 853 -30.95 -37.81 4.31
CA ASN A 853 -31.44 -38.34 3.02
C ASN A 853 -31.51 -37.19 2.01
N ARG A 854 -31.98 -36.03 2.45
CA ARG A 854 -32.14 -34.88 1.53
C ARG A 854 -30.76 -34.49 0.99
N ILE A 855 -29.76 -34.49 1.86
CA ILE A 855 -28.40 -34.05 1.44
C ILE A 855 -27.93 -34.99 0.32
N GLY A 856 -28.21 -36.28 0.47
CA GLY A 856 -27.80 -37.26 -0.56
C GLY A 856 -28.47 -36.95 -1.88
N GLU A 857 -29.74 -36.54 -1.83
CA GLU A 857 -30.45 -36.17 -3.08
C GLU A 857 -29.74 -35.00 -3.74
N VAL A 858 -29.35 -33.99 -2.94
CA VAL A 858 -28.68 -32.79 -3.50
C VAL A 858 -27.33 -33.18 -4.09
N GLU A 859 -26.62 -34.08 -3.44
CA GLU A 859 -25.32 -34.56 -3.98
C GLU A 859 -25.56 -35.25 -5.31
N LYS A 860 -26.65 -36.01 -5.39
CA LYS A 860 -26.94 -36.75 -6.63
C LYS A 860 -27.13 -35.71 -7.74
N GLU A 861 -27.82 -34.62 -7.44
CA GLU A 861 -28.04 -33.54 -8.44
C GLU A 861 -26.70 -32.93 -8.82
N TYR A 862 -25.79 -32.81 -7.85
CA TYR A 862 -24.49 -32.16 -8.11
C TYR A 862 -23.78 -32.95 -9.21
N GLY A 863 -23.91 -34.29 -9.17
CA GLY A 863 -23.33 -35.11 -10.25
C GLY A 863 -24.17 -35.04 -11.52
N ARG A 872 -20.62 -33.06 -19.34
CA ARG A 872 -21.86 -32.60 -18.65
C ARG A 872 -22.19 -31.19 -19.11
N ASP A 873 -21.51 -30.71 -20.15
CA ASP A 873 -21.72 -29.31 -20.61
C ASP A 873 -23.15 -29.15 -21.12
N SER A 874 -23.78 -28.01 -20.81
CA SER A 874 -25.19 -27.77 -21.22
C SER A 874 -25.38 -26.30 -21.58
N LYS A 875 -26.53 -25.95 -22.14
CA LYS A 875 -26.83 -24.53 -22.43
C LYS A 875 -26.80 -23.78 -21.11
N ASP A 876 -27.35 -24.38 -20.04
CA ASP A 876 -27.25 -23.74 -18.70
C ASP A 876 -25.80 -23.91 -18.24
N PRO A 877 -25.06 -22.82 -17.94
CA PRO A 877 -23.64 -22.91 -17.60
C PRO A 877 -23.31 -23.38 -16.18
N TYR A 878 -22.02 -23.43 -15.85
CA TYR A 878 -21.59 -23.95 -14.51
C TYR A 878 -22.23 -23.14 -13.38
N PRO A 879 -22.25 -21.80 -13.38
CA PRO A 879 -22.94 -21.06 -12.32
C PRO A 879 -24.40 -21.47 -12.18
N VAL A 880 -25.16 -21.48 -13.27
CA VAL A 880 -26.63 -21.74 -13.17
C VAL A 880 -26.82 -23.12 -12.56
N ARG A 881 -26.02 -24.09 -12.99
CA ARG A 881 -26.16 -25.47 -12.48
C ARG A 881 -25.88 -25.45 -10.99
N VAL A 882 -24.85 -24.71 -10.58
CA VAL A 882 -24.48 -24.66 -9.14
C VAL A 882 -25.64 -24.05 -8.36
N ASN A 883 -26.22 -22.97 -8.89
CA ASN A 883 -27.30 -22.27 -8.15
C ASN A 883 -28.48 -23.22 -7.97
N GLN A 884 -28.79 -24.01 -9.00
CA GLN A 884 -29.96 -24.92 -8.94
C GLN A 884 -29.73 -25.98 -7.85
N VAL A 885 -28.51 -26.53 -7.79
CA VAL A 885 -28.20 -27.52 -6.72
C VAL A 885 -28.29 -26.81 -5.38
N TYR A 886 -27.79 -25.58 -5.31
CA TYR A 886 -27.80 -24.80 -4.06
C TYR A 886 -29.24 -24.55 -3.62
N GLU A 887 -30.14 -24.28 -4.57
CA GLU A 887 -31.53 -23.94 -4.19
C GLU A 887 -32.15 -25.14 -3.49
N LYS A 888 -31.86 -26.36 -3.95
CA LYS A 888 -32.38 -27.56 -3.26
C LYS A 888 -31.68 -27.70 -1.91
N TRP A 889 -30.41 -27.32 -1.85
CA TRP A 889 -29.65 -27.42 -0.58
C TRP A 889 -30.26 -26.48 0.46
N CYS A 890 -30.56 -25.24 0.06
CA CYS A 890 -31.16 -24.25 0.98
C CYS A 890 -32.59 -24.68 1.29
N ALA A 891 -33.20 -25.42 0.37
CA ALA A 891 -34.58 -25.89 0.56
C ALA A 891 -34.64 -26.79 1.80
N ILE A 892 -33.60 -27.59 2.04
CA ILE A 892 -33.74 -28.48 3.22
C ILE A 892 -34.02 -27.55 4.40
N THR A 893 -35.10 -27.84 5.14
CA THR A 893 -35.52 -26.94 6.24
C THR A 893 -36.09 -27.83 7.33
N PRO A 894 -36.20 -27.36 8.59
CA PRO A 894 -36.66 -28.26 9.63
C PRO A 894 -38.03 -28.83 9.28
N GLU A 895 -38.93 -28.01 8.73
CA GLU A 895 -40.29 -28.47 8.33
C GLU A 895 -40.77 -29.58 9.24
N SER A 906 -40.96 -28.79 18.54
CA SER A 906 -41.34 -27.42 18.12
C SER A 906 -40.48 -26.41 18.87
N LYS A 907 -40.26 -26.61 20.17
CA LYS A 907 -39.36 -25.70 20.90
C LYS A 907 -37.98 -25.85 20.28
N VAL A 908 -37.57 -27.08 20.01
CA VAL A 908 -36.26 -27.33 19.35
C VAL A 908 -36.31 -26.74 17.95
N ILE A 909 -37.42 -26.92 17.24
CA ILE A 909 -37.51 -26.45 15.83
C ILE A 909 -37.39 -24.93 15.83
N ARG A 910 -38.02 -24.26 16.78
CA ARG A 910 -37.93 -22.79 16.88
C ARG A 910 -36.49 -22.38 17.18
N LEU A 911 -35.84 -23.11 18.09
CA LEU A 911 -34.44 -22.78 18.49
C LEU A 911 -33.50 -23.03 17.30
N LEU A 912 -33.84 -23.99 16.45
CA LEU A 912 -33.00 -24.31 15.27
C LEU A 912 -33.33 -23.35 14.12
N GLU A 913 -34.61 -23.07 13.88
CA GLU A 913 -34.98 -22.24 12.73
C GLU A 913 -34.71 -20.76 12.98
N LEU A 914 -34.89 -20.29 14.22
CA LEU A 914 -34.61 -18.90 14.58
C LEU A 914 -35.22 -17.94 13.57
N SER A 915 -36.53 -18.10 13.35
CA SER A 915 -37.18 -17.44 12.22
C SER A 915 -37.15 -15.92 12.33
N PHE A 916 -36.89 -15.35 13.51
CA PHE A 916 -36.75 -13.89 13.58
C PHE A 916 -35.61 -13.40 12.70
N LEU A 917 -34.63 -14.25 12.40
CA LEU A 917 -33.58 -13.87 11.47
C LEU A 917 -34.09 -13.96 10.04
N ALA A 918 -33.94 -12.87 9.29
CA ALA A 918 -34.43 -12.84 7.92
C ALA A 918 -33.67 -13.85 7.05
N ASP A 919 -32.35 -13.82 7.11
CA ASP A 919 -31.50 -14.74 6.38
C ASP A 919 -31.40 -16.03 7.18
N ARG A 920 -32.17 -17.04 6.80
CA ARG A 920 -32.17 -18.31 7.53
C ARG A 920 -30.85 -19.04 7.43
N GLU A 921 -30.01 -18.70 6.44
CA GLU A 921 -28.67 -19.26 6.37
C GLU A 921 -27.80 -18.87 7.56
N MET A 922 -28.32 -18.05 8.47
CA MET A 922 -27.62 -17.63 9.67
C MET A 922 -28.16 -18.27 10.94
N ASN A 923 -29.17 -19.13 10.83
CA ASN A 923 -29.72 -19.79 12.01
C ASN A 923 -28.90 -21.02 12.37
N THR A 924 -29.23 -21.63 13.50
CA THR A 924 -28.48 -22.78 13.99
C THR A 924 -28.72 -24.03 13.14
N TRP A 925 -29.89 -24.13 12.51
CA TRP A 925 -30.21 -25.33 11.72
C TRP A 925 -29.20 -25.47 10.58
N ALA A 926 -28.83 -24.35 9.98
CA ALA A 926 -27.90 -24.38 8.84
C ALA A 926 -26.57 -24.96 9.31
N LEU A 927 -26.16 -24.60 10.52
CA LEU A 927 -24.88 -25.09 11.05
C LEU A 927 -24.96 -26.62 11.18
N LEU A 928 -26.07 -27.15 11.70
CA LEU A 928 -26.23 -28.61 11.86
C LEU A 928 -26.27 -29.28 10.49
N ARG A 929 -26.98 -28.70 9.53
CA ARG A 929 -27.14 -29.37 8.22
C ARG A 929 -25.76 -29.50 7.58
N ALA A 930 -24.96 -28.44 7.63
CA ALA A 930 -23.61 -28.47 7.04
C ALA A 930 -22.73 -29.48 7.78
N SER A 931 -22.85 -29.55 9.11
CA SER A 931 -22.01 -30.47 9.89
C SER A 931 -22.32 -31.91 9.49
N THR A 932 -23.60 -32.24 9.41
CA THR A 932 -23.99 -33.62 8.99
C THR A 932 -23.40 -33.89 7.62
N ALA A 933 -23.58 -32.97 6.69
CA ALA A 933 -23.08 -33.19 5.31
C ALA A 933 -21.58 -33.47 5.35
N PHE A 934 -20.82 -32.69 6.12
CA PHE A 934 -19.35 -32.86 6.15
C PHE A 934 -19.05 -34.29 6.58
N LYS A 935 -19.65 -34.73 7.68
CA LYS A 935 -19.34 -36.09 8.20
C LYS A 935 -19.68 -37.11 7.12
N LEU A 936 -20.85 -36.97 6.49
CA LEU A 936 -21.30 -38.00 5.54
C LEU A 936 -20.48 -37.99 4.25
N TYR A 937 -20.04 -36.82 3.77
CA TYR A 937 -19.37 -36.81 2.45
C TYR A 937 -18.06 -36.04 2.43
N TYR A 938 -17.30 -36.00 3.53
CA TYR A 938 -15.99 -35.31 3.43
C TYR A 938 -15.11 -36.03 2.41
N HIS A 939 -15.08 -37.36 2.48
CA HIS A 939 -14.20 -38.16 1.57
C HIS A 939 -14.96 -38.48 0.29
N LYS A 940 -16.22 -38.89 0.41
CA LYS A 940 -16.98 -39.33 -0.79
C LYS A 940 -17.11 -38.21 -1.82
N SER A 941 -17.51 -37.01 -1.40
CA SER A 941 -17.56 -35.87 -2.35
C SER A 941 -17.18 -34.57 -1.63
N PRO A 942 -15.91 -34.18 -1.64
CA PRO A 942 -15.49 -32.97 -0.95
C PRO A 942 -16.08 -31.69 -1.57
N LYS A 943 -16.13 -31.61 -2.90
CA LYS A 943 -16.57 -30.33 -3.53
C LYS A 943 -17.99 -30.01 -3.08
N PHE A 944 -18.85 -31.02 -2.99
CA PHE A 944 -20.27 -30.76 -2.63
C PHE A 944 -20.39 -30.20 -1.21
N VAL A 945 -19.70 -30.81 -0.25
CA VAL A 945 -19.90 -30.37 1.16
C VAL A 945 -19.36 -28.97 1.32
N TRP A 946 -18.43 -28.57 0.47
CA TRP A 946 -17.83 -27.25 0.66
C TRP A 946 -18.52 -26.18 -0.18
N GLN A 947 -18.74 -26.46 -1.46
CA GLN A 947 -19.33 -25.43 -2.35
C GLN A 947 -20.74 -25.12 -1.84
N MET A 948 -21.33 -26.03 -1.07
CA MET A 948 -22.71 -25.80 -0.61
C MET A 948 -22.73 -25.37 0.85
N ALA A 949 -21.82 -25.88 1.68
CA ALA A 949 -21.89 -25.59 3.13
C ALA A 949 -20.65 -24.87 3.67
N GLY A 950 -19.83 -24.27 2.82
CA GLY A 950 -18.58 -23.67 3.29
C GLY A 950 -18.78 -22.54 4.29
N ARG A 951 -19.74 -21.64 4.05
CA ARG A 951 -19.87 -20.47 4.96
C ARG A 951 -20.27 -20.92 6.37
N GLN A 952 -21.14 -21.93 6.48
CA GLN A 952 -21.56 -22.46 7.79
C GLN A 952 -20.38 -23.19 8.44
N LEU A 953 -19.59 -23.92 7.66
CA LEU A 953 -18.47 -24.70 8.24
C LEU A 953 -17.46 -23.70 8.79
N ALA A 954 -17.26 -22.59 8.07
CA ALA A 954 -16.34 -21.54 8.53
C ALA A 954 -16.81 -20.97 9.86
N TYR A 955 -18.11 -20.75 9.98
CA TYR A 955 -18.67 -20.21 11.24
C TYR A 955 -18.40 -21.22 12.34
N ILE A 956 -18.60 -22.50 12.04
CA ILE A 956 -18.42 -23.57 13.06
C ILE A 956 -16.95 -23.61 13.49
N LYS A 957 -16.03 -23.47 12.55
CA LYS A 957 -14.58 -23.46 12.87
C LYS A 957 -14.29 -22.24 13.75
N ALA A 958 -14.70 -21.05 13.34
CA ALA A 958 -14.40 -19.87 14.15
C ALA A 958 -15.03 -19.99 15.54
N GLN A 959 -16.20 -20.62 15.63
CA GLN A 959 -16.77 -20.90 16.95
C GLN A 959 -15.90 -21.88 17.72
N MET A 960 -15.42 -22.92 17.03
CA MET A 960 -14.67 -23.98 17.70
C MET A 960 -13.28 -23.52 18.10
N THR A 961 -12.63 -22.73 17.24
CA THR A 961 -11.25 -22.32 17.50
C THR A 961 -11.14 -21.22 18.53
N SER A 962 -12.23 -20.54 18.87
CA SER A 962 -12.17 -19.49 19.88
C SER A 962 -11.90 -20.08 21.26
N ARG A 963 -10.98 -19.46 22.00
CA ARG A 963 -10.63 -19.90 23.33
C ARG A 963 -10.95 -18.81 24.36
N PRO A 964 -11.34 -19.21 25.58
CA PRO A 964 -11.75 -18.22 26.59
C PRO A 964 -10.64 -17.23 26.92
N GLY A 965 -10.98 -15.94 26.85
CA GLY A 965 -10.05 -14.90 27.23
C GLY A 965 -9.17 -14.42 26.10
N GLU A 966 -8.85 -15.30 25.15
CA GLU A 966 -7.93 -14.99 24.05
C GLU A 966 -8.67 -14.27 22.93
N GLY A 967 -9.09 -13.04 23.23
CA GLY A 967 -9.76 -12.21 22.25
C GLY A 967 -11.17 -12.68 21.95
N ALA A 968 -11.74 -12.08 20.91
CA ALA A 968 -13.10 -12.37 20.51
C ALA A 968 -13.16 -12.46 18.99
N PRO A 969 -13.81 -13.49 18.45
CA PRO A 969 -14.08 -13.50 17.01
C PRO A 969 -15.05 -12.37 16.67
N ALA A 970 -15.07 -12.01 15.39
CA ALA A 970 -15.91 -10.89 14.93
C ALA A 970 -16.75 -11.28 13.70
N LEU A 971 -18.07 -11.33 13.84
CA LEU A 971 -18.96 -11.56 12.68
C LEU A 971 -19.07 -10.23 11.95
N MET A 972 -18.41 -10.13 10.80
CA MET A 972 -18.42 -8.88 10.02
C MET A 972 -19.53 -8.98 8.98
N THR A 973 -20.13 -7.85 8.66
CA THR A 973 -21.17 -7.83 7.62
C THR A 973 -20.49 -8.07 6.28
N ALA A 974 -21.21 -8.65 5.34
CA ALA A 974 -20.69 -8.85 4.00
C ALA A 974 -20.01 -7.59 3.47
N PHE A 975 -20.70 -6.45 3.56
CA PHE A 975 -20.15 -5.22 3.01
C PHE A 975 -18.88 -4.81 3.74
N MET A 976 -18.95 -4.68 5.08
CA MET A 976 -17.78 -4.27 5.84
C MET A 976 -16.62 -5.25 5.68
N TYR A 977 -16.92 -6.54 5.50
CA TYR A 977 -15.85 -7.49 5.24
C TYR A 977 -15.19 -7.21 3.89
N ALA A 978 -16.00 -6.90 2.87
CA ALA A 978 -15.47 -6.71 1.52
C ALA A 978 -14.65 -5.44 1.36
N GLY A 979 -14.44 -4.70 2.44
CA GLY A 979 -13.71 -3.42 2.34
C GLY A 979 -12.49 -3.41 3.23
N LEU A 980 -12.02 -4.58 3.61
CA LEU A 980 -10.83 -4.70 4.48
C LEU A 980 -9.74 -5.41 3.68
N MET A 981 -8.48 -5.04 3.88
CA MET A 981 -7.35 -5.65 3.14
C MET A 981 -6.34 -6.18 4.16
N PRO A 982 -5.57 -7.23 3.86
CA PRO A 982 -4.53 -7.69 4.78
C PRO A 982 -3.47 -6.62 5.02
N ASP A 983 -3.02 -6.46 6.26
CA ASP A 983 -2.00 -5.45 6.61
C ASP A 983 -0.62 -6.10 6.50
N LYS A 984 0.16 -5.71 5.50
CA LYS A 984 1.49 -6.32 5.29
C LYS A 984 2.36 -5.98 6.49
N LYS A 985 2.36 -4.71 6.89
CA LYS A 985 3.21 -4.34 8.01
C LYS A 985 2.88 -5.16 9.26
N PHE A 986 1.61 -5.56 9.42
CA PHE A 986 1.25 -6.40 10.55
C PHE A 986 1.86 -7.78 10.42
N THR A 987 1.94 -8.29 9.19
CA THR A 987 2.40 -9.65 8.97
C THR A 987 3.87 -9.81 9.33
N LYS A 988 4.73 -8.93 8.79
CA LYS A 988 6.16 -9.07 9.01
C LYS A 988 6.53 -8.80 10.46
N GLN A 989 5.78 -7.93 11.14
CA GLN A 989 6.03 -7.70 12.56
C GLN A 989 5.63 -8.91 13.40
N TYR A 990 4.48 -9.50 13.09
CA TYR A 990 4.04 -10.68 13.84
C TYR A 990 4.99 -11.86 13.63
N VAL A 991 5.40 -12.10 12.38
CA VAL A 991 6.37 -13.15 12.12
C VAL A 991 7.69 -12.85 12.82
N ALA A 992 8.04 -11.57 12.93
CA ALA A 992 9.27 -11.23 13.67
C ALA A 992 9.13 -11.71 15.12
N ARG A 993 8.01 -11.39 15.75
CA ARG A 993 7.80 -11.76 17.17
C ARG A 993 7.96 -13.27 17.35
N LEU A 994 7.68 -14.06 16.30
CA LEU A 994 7.76 -15.50 16.47
C LEU A 994 9.16 -16.05 16.34
N GLU A 995 10.04 -15.32 15.63
CA GLU A 995 11.41 -15.78 15.45
C GLU A 995 12.27 -15.50 16.68
N GLY A 996 12.06 -14.35 17.32
CA GLY A 996 12.86 -13.95 18.46
C GLY A 996 14.05 -13.10 18.07
N ALA B 15 33.00 11.49 54.47
CA ALA B 15 31.64 11.39 55.05
C ALA B 15 31.48 10.02 55.71
N PRO B 16 31.83 9.85 57.00
CA PRO B 16 31.79 8.54 57.63
C PRO B 16 30.38 7.97 57.64
N VAL B 17 29.37 8.80 57.90
CA VAL B 17 27.98 8.26 58.01
C VAL B 17 27.60 7.65 56.66
N VAL B 18 27.91 8.35 55.57
CA VAL B 18 27.57 7.85 54.21
C VAL B 18 28.36 6.55 53.94
N ALA B 19 29.64 6.53 54.33
CA ALA B 19 30.48 5.36 54.02
C ALA B 19 29.91 4.13 54.73
N ALA B 20 29.49 4.26 55.98
CA ALA B 20 29.00 3.09 56.75
C ALA B 20 27.76 2.53 56.08
N ARG B 21 26.99 3.39 55.39
CA ARG B 21 25.81 2.94 54.67
C ARG B 21 26.16 2.37 53.31
N LEU B 22 27.38 2.60 52.83
CA LEU B 22 27.84 2.11 51.54
C LEU B 22 28.62 0.81 51.65
N ARG B 23 28.70 0.20 52.84
CA ARG B 23 29.54 -0.97 53.01
C ARG B 23 28.91 -2.22 52.40
N ASN B 24 27.58 -2.33 52.42
CA ASN B 24 26.88 -3.53 51.96
C ASN B 24 25.66 -3.13 51.14
N ILE B 25 25.90 -2.67 49.92
CA ILE B 25 24.81 -2.28 49.03
C ILE B 25 24.28 -3.48 48.27
N TRP B 26 25.16 -4.32 47.78
CA TRP B 26 24.80 -5.33 46.80
C TRP B 26 24.35 -6.62 47.47
N PRO B 27 23.54 -7.43 46.78
CA PRO B 27 23.20 -8.75 47.32
C PRO B 27 24.45 -9.61 47.49
N LYS B 28 24.42 -10.47 48.50
CA LYS B 28 25.56 -11.32 48.82
C LYS B 28 25.54 -12.59 47.97
N PHE B 29 26.76 -13.09 47.67
CA PHE B 29 26.91 -14.32 46.91
C PHE B 29 27.15 -15.48 47.85
N PRO B 30 26.18 -16.39 48.14
CA PRO B 30 26.47 -17.51 49.00
C PRO B 30 27.25 -18.63 48.30
N LYS B 31 27.90 -19.48 49.09
CA LYS B 31 28.73 -20.58 48.53
C LYS B 31 27.83 -21.54 47.73
N TRP B 32 26.60 -21.75 48.18
CA TRP B 32 25.75 -22.76 47.50
C TRP B 32 25.51 -22.42 46.03
N LEU B 33 25.59 -21.14 45.67
CA LEU B 33 25.38 -20.72 44.26
C LEU B 33 26.72 -20.54 43.51
N HIS B 34 27.85 -20.89 44.12
CA HIS B 34 29.16 -20.64 43.46
C HIS B 34 29.21 -21.38 42.12
N GLU B 35 28.83 -22.66 42.08
CA GLU B 35 28.98 -23.47 40.86
C GLU B 35 27.89 -23.09 39.84
N ALA B 36 26.91 -22.29 40.27
CA ALA B 36 25.76 -21.99 39.39
C ALA B 36 26.19 -21.22 38.15
N PRO B 37 25.54 -21.46 36.99
CA PRO B 37 25.80 -20.65 35.81
C PRO B 37 25.38 -19.21 36.13
N LEU B 38 26.08 -18.24 35.56
CA LEU B 38 25.79 -16.82 35.78
C LEU B 38 24.30 -16.55 35.67
N ALA B 39 23.72 -16.98 34.57
CA ALA B 39 22.28 -16.71 34.33
C ALA B 39 21.46 -17.24 35.51
N VAL B 40 21.75 -18.48 35.93
CA VAL B 40 20.96 -19.09 37.03
C VAL B 40 21.16 -18.23 38.26
N ALA B 41 22.40 -17.81 38.53
CA ALA B 41 22.66 -17.04 39.75
C ALA B 41 21.87 -15.74 39.72
N TRP B 42 21.89 -15.05 38.59
CA TRP B 42 21.21 -13.74 38.51
C TRP B 42 19.71 -13.94 38.73
N GLU B 43 19.14 -14.94 38.07
CA GLU B 43 17.67 -15.15 38.16
C GLU B 43 17.28 -15.57 39.56
N VAL B 44 18.09 -16.42 40.19
CA VAL B 44 17.81 -16.86 41.58
C VAL B 44 17.85 -15.63 42.48
N THR B 45 18.86 -14.80 42.32
CA THR B 45 19.02 -13.64 43.22
C THR B 45 17.78 -12.76 43.08
N ARG B 46 17.32 -12.57 41.85
CA ARG B 46 16.16 -11.71 41.62
C ARG B 46 14.94 -12.25 42.34
N LEU B 47 14.70 -13.56 42.23
CA LEU B 47 13.51 -14.15 42.85
C LEU B 47 13.54 -14.00 44.37
N PHE B 48 14.68 -14.34 44.99
CA PHE B 48 14.78 -14.23 46.44
C PHE B 48 14.54 -12.79 46.90
N MET B 49 15.07 -11.82 46.16
CA MET B 49 14.84 -10.42 46.51
C MET B 49 13.37 -10.05 46.35
N HIS B 50 12.75 -10.45 45.25
CA HIS B 50 11.34 -10.16 45.03
C HIS B 50 10.48 -10.75 46.14
N CYS B 51 10.73 -12.01 46.49
CA CYS B 51 10.02 -12.65 47.58
C CYS B 51 10.58 -12.29 48.95
N LYS B 52 11.66 -11.51 49.00
CA LYS B 52 12.26 -11.05 50.25
C LYS B 52 12.70 -12.24 51.11
N VAL B 53 13.63 -13.02 50.57
CA VAL B 53 14.21 -14.17 51.23
C VAL B 53 15.73 -13.97 51.28
N ASP B 54 16.32 -14.16 52.46
CA ASP B 54 17.76 -14.05 52.60
C ASP B 54 18.45 -15.20 51.88
N LEU B 55 19.51 -14.88 51.15
CA LEU B 55 20.30 -15.88 50.45
C LEU B 55 21.37 -16.51 51.32
N GLU B 56 21.57 -16.01 52.52
CA GLU B 56 22.60 -16.53 53.42
C GLU B 56 22.03 -16.90 54.78
N SER B 59 19.69 -20.49 56.38
CA SER B 59 19.84 -21.80 57.05
C SER B 59 18.70 -22.75 56.67
N LEU B 60 17.89 -22.39 55.66
CA LEU B 60 16.81 -23.27 55.17
C LEU B 60 17.48 -24.40 54.37
N GLY B 61 16.74 -25.42 53.93
CA GLY B 61 17.42 -26.44 53.12
C GLY B 61 17.60 -25.94 51.71
N LEU B 62 18.28 -24.80 51.56
CA LEU B 62 18.55 -24.22 50.23
C LEU B 62 19.82 -24.89 49.74
N LYS B 63 19.72 -25.68 48.68
CA LYS B 63 20.89 -26.41 48.17
C LYS B 63 20.85 -26.34 46.65
N TYR B 64 21.99 -26.48 46.01
CA TYR B 64 22.04 -26.34 44.54
C TYR B 64 21.17 -27.42 43.89
N ASP B 65 20.35 -27.01 42.91
CA ASP B 65 19.55 -28.01 42.16
C ASP B 65 20.25 -28.27 40.80
N PRO B 66 20.91 -29.43 40.56
CA PRO B 66 21.59 -29.65 39.30
C PRO B 66 20.63 -29.50 38.11
N SER B 67 19.33 -29.57 38.37
CA SER B 67 18.32 -29.38 37.30
C SER B 67 18.50 -28.00 36.67
N TRP B 68 18.93 -27.02 37.48
CA TRP B 68 19.06 -25.62 36.99
C TRP B 68 20.07 -25.52 35.84
N SER B 69 21.16 -26.26 35.91
CA SER B 69 22.24 -26.12 34.89
C SER B 69 21.69 -26.48 33.50
N THR B 70 20.77 -27.44 33.43
CA THR B 70 20.22 -27.91 32.15
C THR B 70 18.90 -27.21 31.84
N ALA B 71 18.53 -26.20 32.63
CA ALA B 71 17.20 -25.57 32.44
C ALA B 71 17.10 -24.70 31.20
N ARG B 72 15.91 -24.61 30.61
CA ARG B 72 15.67 -23.79 29.44
C ARG B 72 14.53 -22.81 29.65
N ASP B 73 13.87 -22.86 30.80
CA ASP B 73 12.85 -21.91 31.20
C ASP B 73 13.08 -21.56 32.66
N VAL B 74 13.11 -20.26 32.97
CA VAL B 74 13.42 -19.83 34.33
C VAL B 74 12.37 -20.32 35.30
N THR B 75 11.11 -20.44 34.85
CA THR B 75 10.04 -20.87 35.74
C THR B 75 10.34 -22.25 36.32
N ASP B 76 10.96 -23.14 35.53
CA ASP B 76 11.33 -24.45 36.02
C ASP B 76 12.31 -24.34 37.19
N ILE B 77 13.31 -23.48 37.06
CA ILE B 77 14.21 -23.20 38.17
C ILE B 77 13.43 -22.58 39.32
N TRP B 78 12.54 -21.64 39.01
CA TRP B 78 11.77 -20.98 40.05
C TRP B 78 10.80 -21.94 40.72
N LYS B 79 10.28 -22.92 39.98
CA LYS B 79 9.35 -23.89 40.58
C LYS B 79 10.01 -24.66 41.71
N THR B 80 11.26 -25.09 41.51
CA THR B 80 11.97 -25.80 42.57
C THR B 80 12.01 -25.02 43.86
N LEU B 81 11.92 -23.69 43.78
CA LEU B 81 11.87 -22.84 44.98
C LEU B 81 10.42 -22.63 45.39
N TYR B 82 9.83 -23.69 45.95
CA TYR B 82 8.48 -23.63 46.50
C TYR B 82 8.48 -23.74 48.02
N ARG B 83 9.66 -23.69 48.66
CA ARG B 83 9.74 -23.85 50.10
C ARG B 83 9.06 -22.70 50.84
N LEU B 84 8.99 -21.52 50.21
CA LEU B 84 8.37 -20.35 50.83
C LEU B 84 9.28 -19.72 51.88
N PRO B 93 7.26 -12.57 40.01
CA PRO B 93 8.21 -11.61 39.45
C PRO B 93 8.21 -11.59 37.92
N GLU B 94 8.77 -10.54 37.33
CA GLU B 94 8.93 -10.49 35.88
C GLU B 94 9.91 -11.57 35.44
N LYS B 95 9.63 -12.17 34.28
CA LYS B 95 10.38 -13.33 33.81
C LYS B 95 11.17 -13.01 32.55
N PRO B 96 12.47 -13.30 32.52
CA PRO B 96 13.22 -13.21 31.28
C PRO B 96 12.49 -13.98 30.18
N PRO B 97 12.44 -13.44 28.96
CA PRO B 97 11.88 -14.23 27.86
C PRO B 97 12.72 -15.49 27.64
N ASN B 98 12.03 -16.58 27.32
CA ASN B 98 12.70 -17.88 27.27
C ASN B 98 13.88 -17.87 26.30
N ASP B 99 13.74 -17.20 25.16
CA ASP B 99 14.84 -17.16 24.21
C ASP B 99 16.07 -16.51 24.83
N VAL B 100 15.88 -15.51 25.70
CA VAL B 100 16.99 -14.84 26.34
C VAL B 100 17.73 -15.81 27.27
N PHE B 101 16.99 -16.49 28.14
CA PHE B 101 17.62 -17.42 29.07
C PHE B 101 18.45 -18.47 28.33
N VAL B 102 17.90 -19.03 27.24
CA VAL B 102 18.64 -20.03 26.47
C VAL B 102 19.93 -19.45 25.94
N THR B 103 19.85 -18.27 25.30
CA THR B 103 21.06 -17.60 24.84
C THR B 103 22.02 -17.34 25.98
N ALA B 104 21.50 -17.08 27.19
CA ALA B 104 22.38 -16.85 28.32
C ALA B 104 23.00 -18.15 28.82
N MET B 105 22.23 -19.24 28.79
CA MET B 105 22.72 -20.52 29.29
C MET B 105 23.59 -21.24 28.27
N THR B 106 23.19 -21.25 27.00
CA THR B 106 23.87 -22.05 25.99
C THR B 106 24.41 -21.24 24.81
N GLY B 107 24.05 -19.97 24.69
CA GLY B 107 24.43 -19.17 23.54
C GLY B 107 25.59 -18.20 23.75
N ASN B 108 26.30 -18.29 24.87
CA ASN B 108 27.41 -17.38 25.17
C ASN B 108 26.94 -15.93 25.25
N PHE B 109 25.70 -15.71 25.66
CA PHE B 109 25.15 -14.39 25.91
C PHE B 109 24.96 -13.57 24.65
N GLU B 110 25.12 -14.16 23.47
CA GLU B 110 25.04 -13.43 22.21
C GLU B 110 24.24 -14.24 21.22
N SER B 111 23.17 -13.64 20.68
CA SER B 111 22.32 -14.31 19.69
C SER B 111 21.90 -13.29 18.63
N LYS B 112 22.31 -13.52 17.39
CA LYS B 112 21.87 -12.69 16.27
C LYS B 112 22.25 -11.24 16.47
N GLY B 113 23.47 -11.00 16.99
CA GLY B 113 23.91 -9.66 17.30
C GLY B 113 23.35 -9.08 18.58
N SER B 114 22.26 -9.61 19.11
CA SER B 114 21.72 -9.14 20.38
C SER B 114 22.56 -9.66 21.54
N ALA B 115 22.77 -8.80 22.53
CA ALA B 115 23.51 -9.16 23.73
C ALA B 115 22.57 -9.14 24.92
N VAL B 116 22.58 -10.20 25.72
CA VAL B 116 21.82 -10.18 26.96
C VAL B 116 22.49 -9.20 27.91
N VAL B 117 21.69 -8.39 28.59
CA VAL B 117 22.19 -7.25 29.35
C VAL B 117 21.95 -7.49 30.83
N LEU B 118 22.99 -7.29 31.63
CA LEU B 118 22.88 -7.33 33.08
C LEU B 118 22.62 -5.91 33.56
N SER B 119 21.36 -5.61 33.85
CA SER B 119 20.95 -4.26 34.21
C SER B 119 20.35 -4.23 35.61
N ALA B 120 20.58 -3.13 36.32
CA ALA B 120 20.03 -2.92 37.64
C ALA B 120 19.63 -1.46 37.82
N VAL B 121 18.67 -1.23 38.70
CA VAL B 121 18.21 0.11 39.05
C VAL B 121 18.39 0.30 40.55
N LEU B 122 19.07 1.37 40.93
CA LEU B 122 19.28 1.70 42.34
C LEU B 122 18.43 2.90 42.71
N ASP B 123 17.95 2.89 43.96
CA ASP B 123 17.17 4.01 44.49
C ASP B 123 17.49 4.15 45.98
N TYR B 124 17.43 5.40 46.44
CA TYR B 124 17.72 5.69 47.84
C TYR B 124 16.85 4.84 48.75
N ASN B 125 17.47 4.22 49.74
CA ASN B 125 16.73 3.37 50.67
C ASN B 125 15.80 4.23 51.51
N PRO B 126 14.51 3.89 51.60
CA PRO B 126 13.59 4.74 52.37
C PRO B 126 14.00 4.87 53.83
N ASP B 127 14.31 3.74 54.47
CA ASP B 127 14.74 3.76 55.89
C ASP B 127 15.98 4.62 56.01
N ASN B 128 16.01 5.53 56.99
CA ASN B 128 17.18 6.44 57.17
C ASN B 128 18.06 5.86 58.27
N SER B 129 17.79 4.63 58.69
CA SER B 129 18.57 4.04 59.80
C SER B 129 20.04 4.02 59.40
N PRO B 130 20.98 4.42 60.29
CA PRO B 130 22.39 4.33 59.97
C PRO B 130 22.79 2.85 60.02
N THR B 131 23.89 2.49 59.34
CA THR B 131 24.35 1.07 59.29
C THR B 131 23.38 0.28 58.40
N ALA B 132 22.57 0.98 57.61
CA ALA B 132 21.66 0.32 56.66
C ALA B 132 22.05 0.81 55.27
N PRO B 133 21.82 0.04 54.19
CA PRO B 133 22.30 0.47 52.88
C PRO B 133 21.70 1.81 52.46
N LEU B 134 22.52 2.72 51.94
CA LEU B 134 22.01 4.02 51.42
C LEU B 134 21.15 3.73 50.19
N TYR B 135 21.57 2.76 49.38
CA TYR B 135 20.85 2.50 48.11
C TYR B 135 20.12 1.16 48.14
N LEU B 136 18.89 1.14 47.64
CA LEU B 136 18.12 -0.09 47.49
C LEU B 136 18.30 -0.59 46.06
N VAL B 137 18.67 -1.86 45.91
CA VAL B 137 19.07 -2.43 44.63
C VAL B 137 17.96 -3.30 44.08
N LYS B 138 17.73 -3.20 42.77
CA LYS B 138 16.83 -4.09 42.05
C LYS B 138 17.53 -4.57 40.79
N LEU B 139 17.81 -5.88 40.72
CA LEU B 139 18.34 -6.48 39.51
C LEU B 139 17.21 -6.64 38.50
N LYS B 140 17.37 -6.05 37.33
CA LYS B 140 16.35 -6.17 36.30
C LYS B 140 16.46 -7.51 35.58
N PRO B 141 15.38 -7.97 34.97
CA PRO B 141 15.44 -9.25 34.24
C PRO B 141 16.53 -9.25 33.19
N LEU B 142 17.00 -10.44 32.81
CA LEU B 142 17.86 -10.55 31.65
C LEU B 142 17.09 -10.07 30.43
N MET B 143 17.77 -9.33 29.56
CA MET B 143 17.07 -8.72 28.43
C MET B 143 18.01 -8.60 27.25
N PHE B 144 17.41 -8.46 26.07
CA PHE B 144 18.13 -8.27 24.82
C PHE B 144 18.24 -6.78 24.50
N GLU B 145 19.46 -6.34 24.25
CA GLU B 145 19.75 -5.09 23.55
C GLU B 145 20.64 -5.42 22.37
N GLN B 146 20.67 -4.53 21.39
CA GLN B 146 21.66 -4.68 20.34
C GLN B 146 23.05 -4.64 20.97
N GLY B 147 23.96 -5.44 20.41
CA GLY B 147 25.32 -5.47 20.90
C GLY B 147 26.08 -4.23 20.50
N CYS B 148 27.31 -4.14 20.99
CA CYS B 148 28.21 -3.06 20.67
C CYS B 148 29.62 -3.63 20.51
N ARG B 149 30.56 -2.77 20.12
CA ARG B 149 31.92 -3.23 19.92
C ARG B 149 32.49 -3.87 21.18
N LEU B 150 32.23 -3.28 22.35
CA LEU B 150 32.86 -3.78 23.56
C LEU B 150 32.28 -5.13 23.98
N THR B 151 30.96 -5.29 23.86
CA THR B 151 30.35 -6.58 24.20
C THR B 151 30.75 -7.66 23.21
N ARG B 152 30.87 -7.30 21.92
CA ARG B 152 31.26 -8.28 20.91
C ARG B 152 32.71 -8.74 21.06
N ARG B 153 33.56 -7.93 21.70
CA ARG B 153 34.97 -8.27 21.80
C ARG B 153 35.30 -9.00 23.10
N PHE B 154 34.89 -8.46 24.23
CA PHE B 154 35.21 -9.03 25.53
C PHE B 154 34.08 -9.86 26.11
N GLY B 155 32.90 -9.86 25.48
CA GLY B 155 31.80 -10.69 25.93
C GLY B 155 30.78 -9.93 26.74
N PRO B 156 29.51 -10.02 26.34
CA PRO B 156 28.45 -9.31 27.07
C PRO B 156 28.41 -9.66 28.55
N ASP B 157 28.75 -10.90 28.91
CA ASP B 157 28.68 -11.30 30.31
C ASP B 157 29.58 -10.47 31.21
N ARG B 158 30.54 -9.76 30.61
CA ARG B 158 31.52 -9.00 31.42
C ARG B 158 31.11 -7.53 31.50
N PHE B 159 29.83 -7.24 31.28
CA PHE B 159 29.36 -5.83 31.32
C PHE B 159 28.11 -5.71 32.19
N PHE B 160 28.08 -4.74 33.09
CA PHE B 160 26.93 -4.51 34.01
C PHE B 160 26.59 -3.03 33.98
N GLU B 161 25.31 -2.69 33.84
CA GLU B 161 24.90 -1.26 33.76
C GLU B 161 23.91 -0.94 34.87
N ILE B 162 24.12 0.20 35.54
CA ILE B 162 23.24 0.61 36.67
C ILE B 162 22.72 2.04 36.51
N LEU B 163 21.46 2.29 36.85
CA LEU B 163 20.90 3.63 36.93
C LEU B 163 20.90 4.04 38.40
N ILE B 164 21.75 4.99 38.77
CA ILE B 164 21.93 5.39 40.16
C ILE B 164 21.56 6.85 40.34
N PRO B 165 20.93 7.23 41.45
CA PRO B 165 20.61 8.65 41.68
C PRO B 165 21.87 9.48 41.86
N SER B 166 21.89 10.64 41.19
CA SER B 166 23.09 11.47 41.17
C SER B 166 23.41 12.02 42.55
N PRO B 167 24.66 11.90 43.01
CA PRO B 167 25.02 12.44 44.33
C PRO B 167 24.99 13.97 44.41
N THR B 168 25.10 14.63 43.26
CA THR B 168 25.13 16.11 43.21
C THR B 168 23.71 16.60 42.92
N SER B 169 22.72 16.08 43.63
CA SER B 169 21.31 16.43 43.35
C SER B 169 20.77 17.35 44.44
N THR B 170 20.08 18.42 44.04
CA THR B 170 19.56 19.40 45.01
C THR B 170 18.11 19.05 45.35
N SER B 171 17.65 17.88 44.90
CA SER B 171 16.23 17.51 45.10
C SER B 171 15.91 17.41 46.60
N PRO B 172 14.69 17.76 47.03
CA PRO B 172 14.31 17.62 48.43
C PRO B 172 14.40 16.15 48.86
N SER B 173 14.07 15.22 47.96
CA SER B 173 14.03 13.79 48.32
C SER B 173 15.41 13.29 48.73
N VAL B 174 16.48 13.95 48.30
CA VAL B 174 17.81 13.39 48.61
C VAL B 174 17.88 13.21 50.13
N PRO B 175 18.22 12.02 50.63
CA PRO B 175 18.22 11.76 52.05
C PRO B 175 19.22 12.67 52.77
N PRO B 176 18.85 13.21 53.95
CA PRO B 176 19.70 14.15 54.67
C PRO B 176 21.12 13.60 54.80
N VAL B 177 21.27 12.27 54.85
CA VAL B 177 22.61 11.74 55.08
C VAL B 177 23.56 12.24 54.00
N VAL B 178 23.06 12.34 52.77
CA VAL B 178 23.87 12.87 51.68
C VAL B 178 23.82 14.40 51.66
N SER B 179 22.61 14.96 51.76
CA SER B 179 22.44 16.40 51.57
C SER B 179 23.13 17.20 52.67
N LYS B 180 22.88 16.82 53.93
CA LYS B 180 23.32 17.66 55.05
C LYS B 180 24.84 17.68 55.16
N GLN B 181 25.49 16.52 55.02
CA GLN B 181 26.94 16.46 55.16
C GLN B 181 27.60 16.69 53.81
N PRO B 182 28.40 17.76 53.58
CA PRO B 182 29.11 17.87 52.32
C PRO B 182 30.24 16.83 52.33
N GLY B 183 30.81 16.54 51.17
CA GLY B 183 31.86 15.51 51.08
C GLY B 183 31.23 14.15 50.86
N ALA B 184 29.91 14.08 51.03
CA ALA B 184 29.21 12.80 50.74
C ALA B 184 29.39 12.50 49.25
N VAL B 185 29.38 13.53 48.43
CA VAL B 185 29.56 13.37 46.95
C VAL B 185 30.88 12.65 46.72
N GLU B 186 31.95 13.14 47.31
CA GLU B 186 33.27 12.53 47.02
C GLU B 186 33.21 11.08 47.45
N GLU B 187 32.55 10.80 48.57
CA GLU B 187 32.47 9.41 49.09
C GLU B 187 31.71 8.52 48.11
N VAL B 188 30.59 9.00 47.56
CA VAL B 188 29.78 8.16 46.63
C VAL B 188 30.62 7.88 45.38
N ILE B 189 31.32 8.89 44.88
CA ILE B 189 32.20 8.67 43.69
C ILE B 189 33.29 7.68 44.09
N GLN B 190 33.83 7.83 45.30
CA GLN B 190 34.94 6.94 45.71
C GLN B 190 34.41 5.51 45.73
N TRP B 191 33.18 5.33 46.21
CA TRP B 191 32.62 3.97 46.29
C TRP B 191 32.54 3.40 44.88
N LEU B 192 32.06 4.19 43.92
CA LEU B 192 31.91 3.74 42.53
C LEU B 192 33.27 3.48 41.87
N THR B 193 34.25 4.35 42.08
CA THR B 193 35.52 4.25 41.31
C THR B 193 36.68 3.59 42.04
N MET B 194 36.85 3.81 43.35
CA MET B 194 38.06 3.34 44.06
C MET B 194 38.37 1.88 43.71
N GLY B 195 37.39 0.99 43.82
CA GLY B 195 37.68 -0.42 43.58
C GLY B 195 36.53 -1.26 43.07
N GLN B 196 36.67 -2.58 43.17
CA GLN B 196 35.71 -3.51 42.60
C GLN B 196 34.45 -3.61 43.44
N HIS B 197 33.39 -4.12 42.81
CA HIS B 197 32.14 -4.43 43.49
C HIS B 197 31.78 -5.87 43.19
N SER B 198 31.46 -6.63 44.24
CA SER B 198 31.19 -8.06 44.09
C SER B 198 29.70 -8.28 43.82
N LEU B 199 29.41 -8.92 42.69
CA LEU B 199 28.03 -9.24 42.33
C LEU B 199 28.03 -10.51 41.48
N VAL B 200 27.12 -11.43 41.81
CA VAL B 200 26.98 -12.71 41.14
C VAL B 200 28.34 -13.35 40.86
N GLY B 201 29.24 -13.28 41.84
CA GLY B 201 30.50 -13.99 41.74
C GLY B 201 31.54 -13.36 40.84
N ARG B 202 31.35 -12.10 40.45
CA ARG B 202 32.31 -11.42 39.60
C ARG B 202 32.70 -10.08 40.22
N GLN B 203 33.97 -9.70 40.03
CA GLN B 203 34.48 -8.42 40.49
C GLN B 203 34.24 -7.36 39.40
N TRP B 204 33.43 -6.34 39.73
CA TRP B 204 33.04 -5.33 38.73
C TRP B 204 33.69 -3.97 39.00
N ARG B 205 34.38 -3.40 38.01
CA ARG B 205 35.03 -2.07 38.16
C ARG B 205 34.37 -1.07 37.21
N ALA B 206 34.05 0.13 37.69
CA ALA B 206 33.43 1.17 36.85
C ALA B 206 34.39 1.66 35.78
N PHE B 207 33.86 1.98 34.60
CA PHE B 207 34.71 2.48 33.49
C PHE B 207 34.02 3.65 32.78
N PHE B 208 32.72 3.85 32.99
CA PHE B 208 32.03 4.89 32.24
C PHE B 208 30.77 5.29 32.98
N ALA B 209 30.32 6.52 32.74
CA ALA B 209 29.11 7.04 33.36
C ALA B 209 28.55 8.16 32.49
N LYS B 210 27.22 8.16 32.31
CA LYS B 210 26.58 9.16 31.48
C LYS B 210 25.25 9.56 32.10
N ASP B 211 24.73 10.73 31.74
CA ASP B 211 23.45 11.23 32.31
C ASP B 211 22.26 10.41 31.81
N ALA B 212 21.45 9.90 32.72
CA ALA B 212 20.24 9.15 32.34
C ALA B 212 19.00 10.03 32.49
N GLY B 213 19.18 11.26 32.99
CA GLY B 213 18.05 12.18 33.12
C GLY B 213 17.25 11.94 34.37
N TYR B 214 16.17 12.70 34.55
CA TYR B 214 15.30 12.49 35.72
C TYR B 214 14.60 11.15 35.55
N ARG B 215 14.56 10.34 36.61
CA ARG B 215 13.91 9.02 36.54
C ARG B 215 13.09 8.84 37.82
N LYS B 216 11.83 8.43 37.69
CA LYS B 216 10.96 8.28 38.88
C LYS B 216 11.41 7.06 39.67
N PRO B 217 11.58 7.17 41.01
CA PRO B 217 11.94 6.03 41.81
C PRO B 217 10.84 4.98 41.84
N LEU B 218 11.22 3.71 41.70
CA LEU B 218 10.23 2.61 41.78
C LEU B 218 9.82 2.41 43.23
N ARG B 219 8.60 1.95 43.48
CA ARG B 219 8.14 1.69 44.86
C ARG B 219 8.81 0.41 45.40
N LYS B 229 8.76 10.78 44.02
CA LYS B 229 9.14 12.14 43.52
C LYS B 229 10.34 12.00 42.58
N PRO B 230 10.31 12.56 41.35
CA PRO B 230 11.40 12.36 40.40
C PRO B 230 12.77 12.90 40.81
N ILE B 231 13.85 12.14 40.51
CA ILE B 231 15.23 12.62 40.81
C ILE B 231 16.12 12.31 39.60
N ILE B 232 17.15 13.12 39.36
CA ILE B 232 18.11 12.85 38.25
C ILE B 232 18.92 11.61 38.58
N LYS B 233 19.06 10.71 37.62
CA LYS B 233 19.85 9.47 37.85
C LYS B 233 21.00 9.42 36.84
N GLU B 234 22.04 8.65 37.13
CA GLU B 234 23.21 8.56 36.22
C GLU B 234 23.46 7.10 35.85
N ARG B 235 23.67 6.84 34.56
CA ARG B 235 24.04 5.50 34.11
C ARG B 235 25.52 5.27 34.32
N VAL B 236 25.86 4.18 34.99
CA VAL B 236 27.25 3.79 35.24
C VAL B 236 27.45 2.40 34.65
N HIS B 237 28.58 2.23 33.97
CA HIS B 237 28.92 0.98 33.31
C HIS B 237 30.06 0.30 34.04
N PHE B 238 29.94 -1.01 34.22
CA PHE B 238 30.93 -1.80 34.94
C PHE B 238 31.43 -2.94 34.07
N PHE B 239 32.71 -3.26 34.21
CA PHE B 239 33.35 -4.35 33.49
C PHE B 239 33.89 -5.37 34.50
N ALA B 240 33.69 -6.65 34.21
CA ALA B 240 34.11 -7.70 35.13
C ALA B 240 35.60 -8.01 34.88
N GLU B 241 36.45 -7.56 35.81
CA GLU B 241 37.88 -7.81 35.68
C GLU B 241 38.23 -9.24 36.07
N THR B 242 37.59 -9.78 37.10
CA THR B 242 37.88 -11.14 37.56
C THR B 242 36.61 -11.73 38.17
N GLY B 243 36.72 -12.99 38.59
CA GLY B 243 35.58 -13.67 39.18
C GLY B 243 36.01 -15.02 39.73
N ILE B 244 35.03 -15.76 40.24
CA ILE B 244 35.30 -17.10 40.77
C ILE B 244 35.70 -18.05 39.65
N THR B 245 35.07 -17.93 38.49
CA THR B 245 35.33 -18.79 37.35
C THR B 245 36.46 -18.28 36.45
N PHE B 246 37.05 -17.14 36.77
CA PHE B 246 38.02 -16.52 35.88
C PHE B 246 39.40 -17.13 36.03
N ARG B 247 40.20 -17.03 34.96
CA ARG B 247 41.55 -17.55 34.87
C ARG B 247 42.57 -16.43 34.92
N PRO B 248 43.68 -16.62 35.63
CA PRO B 248 44.81 -15.70 35.50
C PRO B 248 45.45 -15.81 34.13
N ASP B 249 46.16 -14.75 33.74
CA ASP B 249 46.83 -14.73 32.45
C ASP B 249 48.26 -15.25 32.56
N GLU B 261 36.41 -18.89 24.38
CA GLU B 261 36.35 -18.35 25.73
C GLU B 261 34.90 -18.19 26.20
N PRO B 262 34.35 -19.26 26.79
CA PRO B 262 32.94 -19.22 27.22
C PRO B 262 32.67 -18.29 28.39
N VAL B 263 31.38 -18.13 28.74
CA VAL B 263 31.01 -17.15 29.75
C VAL B 263 31.62 -17.51 31.11
N GLU B 264 31.48 -18.76 31.52
CA GLU B 264 32.07 -19.22 32.77
C GLU B 264 33.55 -19.55 32.62
N GLN B 265 34.14 -19.24 31.48
CA GLN B 265 35.53 -19.54 31.18
C GLN B 265 36.26 -18.27 30.71
N ARG B 266 36.17 -17.22 31.51
CA ARG B 266 36.80 -15.95 31.18
C ARG B 266 38.21 -15.87 31.76
N THR B 267 38.97 -14.90 31.28
CA THR B 267 40.32 -14.64 31.75
C THR B 267 40.39 -13.27 32.38
N GLU B 268 41.13 -13.15 33.47
CA GLU B 268 41.24 -11.88 34.19
C GLU B 268 41.72 -10.77 33.26
N PHE B 269 41.12 -9.59 33.42
CA PHE B 269 41.43 -8.45 32.57
C PHE B 269 41.04 -7.16 33.28
N LYS B 270 41.99 -6.23 33.38
CA LYS B 270 41.74 -4.97 34.05
C LYS B 270 41.09 -3.95 33.13
N VAL B 271 40.24 -3.09 33.70
CA VAL B 271 39.60 -2.04 32.92
C VAL B 271 40.65 -1.17 32.24
N SER B 272 41.73 -0.86 32.95
CA SER B 272 42.79 -0.06 32.35
C SER B 272 43.30 -0.69 31.06
N GLN B 273 43.16 -2.01 30.90
CA GLN B 273 43.60 -2.67 29.68
C GLN B 273 42.53 -2.64 28.61
N MET B 274 41.27 -2.86 29.00
CA MET B 274 40.17 -2.79 28.05
C MET B 274 40.12 -1.43 27.37
N LEU B 275 40.12 -0.36 28.17
CA LEU B 275 40.21 0.98 27.59
C LEU B 275 41.43 1.12 26.70
N ASP B 276 42.59 0.59 27.15
CA ASP B 276 43.78 0.65 26.31
C ASP B 276 43.58 -0.11 25.00
N TRP B 277 42.77 -1.17 25.01
CA TRP B 277 42.46 -1.85 23.76
C TRP B 277 41.56 -0.99 22.88
N LEU B 278 40.59 -0.33 23.48
CA LEU B 278 39.64 0.46 22.71
C LEU B 278 40.30 1.73 22.16
N LEU B 279 41.09 2.42 23.00
CA LEU B 279 41.56 3.76 22.68
C LEU B 279 43.03 3.85 22.34
N GLN B 280 43.80 2.78 22.54
CA GLN B 280 45.23 2.78 22.23
C GLN B 280 45.93 3.97 22.89
N LEU B 281 45.84 3.99 24.22
CA LEU B 281 46.22 5.19 24.96
C LEU B 281 47.65 5.61 24.69
N ASP B 282 48.52 4.66 24.33
CA ASP B 282 49.91 5.03 24.05
C ASP B 282 49.99 6.08 22.95
N ASN B 283 49.12 5.99 21.94
CA ASN B 283 49.14 6.90 20.81
C ASN B 283 48.10 8.00 20.92
N ASN B 284 47.52 8.19 22.10
CA ASN B 284 46.48 9.19 22.27
C ASN B 284 46.63 10.00 23.55
N THR B 285 47.81 9.95 24.17
CA THR B 285 48.05 10.71 25.40
C THR B 285 47.99 12.21 25.20
N TRP B 286 48.01 12.68 23.96
CA TRP B 286 47.90 14.10 23.66
C TRP B 286 46.50 14.66 23.88
N GLN B 287 45.51 13.81 23.98
CA GLN B 287 44.14 14.27 24.05
C GLN B 287 43.79 14.76 25.45
N PRO B 288 42.94 15.77 25.55
CA PRO B 288 42.34 16.08 26.86
C PRO B 288 41.66 14.85 27.42
N HIS B 289 41.99 14.51 28.66
CA HIS B 289 41.54 13.23 29.18
C HIS B 289 40.02 13.17 29.29
N LEU B 290 39.36 14.31 29.50
CA LEU B 290 37.89 14.30 29.49
C LEU B 290 37.35 13.93 28.12
N LYS B 291 37.95 14.46 27.05
CA LYS B 291 37.50 14.09 25.72
C LYS B 291 37.76 12.61 25.46
N LEU B 292 38.98 12.15 25.77
CA LEU B 292 39.28 10.72 25.70
C LEU B 292 38.23 9.91 26.43
N PHE B 293 37.88 10.31 27.66
CA PHE B 293 36.82 9.63 28.39
C PHE B 293 35.54 9.57 27.56
N SER B 294 35.18 10.68 26.92
CA SER B 294 33.95 10.74 26.15
C SER B 294 33.94 9.74 24.99
N ARG B 295 35.12 9.37 24.49
CA ARG B 295 35.19 8.45 23.36
C ARG B 295 34.86 7.01 23.75
N ILE B 296 34.75 6.71 25.05
CA ILE B 296 34.37 5.36 25.46
C ILE B 296 32.97 5.01 24.95
N GLN B 297 32.12 6.02 24.74
CA GLN B 297 30.77 5.73 24.25
C GLN B 297 30.81 5.08 22.88
N LEU B 298 31.82 5.40 22.06
CA LEU B 298 31.91 4.79 20.74
C LEU B 298 32.00 3.27 20.85
N GLY B 299 32.68 2.76 21.88
CA GLY B 299 32.72 1.32 22.09
C GLY B 299 31.45 0.74 22.66
N LEU B 300 30.56 1.61 23.15
CA LEU B 300 29.32 1.13 23.80
C LEU B 300 28.12 1.46 22.90
N SER B 301 28.36 2.12 21.78
CA SER B 301 27.24 2.51 20.88
C SER B 301 26.56 1.26 20.37
N LYS B 302 25.24 1.18 20.48
CA LYS B 302 24.49 0.00 20.00
C LYS B 302 24.59 -0.03 18.48
N THR B 303 25.22 -1.05 17.92
CA THR B 303 25.45 -1.06 16.46
C THR B 303 25.25 -2.47 15.91
N TYR B 304 24.86 -2.54 14.64
CA TYR B 304 24.74 -3.85 13.97
C TYR B 304 26.06 -4.07 13.21
N ALA B 305 26.76 -5.15 13.52
CA ALA B 305 27.98 -5.48 12.81
C ALA B 305 27.65 -5.98 11.41
N ILE B 306 28.29 -5.39 10.41
CA ILE B 306 27.99 -5.74 9.02
C ILE B 306 29.10 -6.63 8.45
N MET B 307 30.31 -6.09 8.36
CA MET B 307 31.41 -6.82 7.77
C MET B 307 32.72 -6.37 8.42
N THR B 308 33.75 -7.19 8.21
CA THR B 308 35.10 -6.87 8.75
C THR B 308 36.03 -6.66 7.55
N LEU B 309 36.31 -5.41 7.20
CA LEU B 309 37.14 -5.11 6.01
C LEU B 309 38.61 -5.41 6.28
N GLU B 310 39.32 -5.93 5.28
CA GLU B 310 40.76 -6.26 5.40
C GLU B 310 41.59 -4.97 5.30
N PRO B 311 42.85 -4.94 5.76
CA PRO B 311 43.63 -3.71 5.79
C PRO B 311 43.83 -3.05 4.43
N HIS B 312 44.02 -3.85 3.38
CA HIS B 312 44.22 -3.29 2.02
C HIS B 312 42.96 -2.56 1.56
N GLN B 313 41.79 -2.99 2.03
CA GLN B 313 40.51 -2.41 1.58
C GLN B 313 40.20 -1.09 2.32
N ILE B 314 41.09 -0.58 3.16
CA ILE B 314 40.80 0.62 3.95
C ILE B 314 41.66 1.77 3.44
N ARG B 315 41.01 2.90 3.15
CA ARG B 315 41.66 4.10 2.64
C ARG B 315 41.61 5.18 3.72
N HIS B 316 42.73 5.39 4.41
CA HIS B 316 42.83 6.44 5.42
C HIS B 316 43.40 7.70 4.77
N HIS B 317 42.62 8.78 4.80
CA HIS B 317 43.06 10.04 4.22
C HIS B 317 43.79 10.84 5.28
N LYS B 318 44.93 11.43 4.91
CA LYS B 318 45.69 12.23 5.87
C LYS B 318 45.10 13.62 6.04
N THR B 319 44.39 14.12 5.04
CA THR B 319 43.82 15.46 5.06
C THR B 319 42.33 15.41 4.76
N ASP B 320 41.54 16.19 5.50
CA ASP B 320 40.14 16.36 5.19
C ASP B 320 39.99 17.24 3.94
N LEU B 321 38.83 17.14 3.29
CA LEU B 321 38.51 18.07 2.23
C LEU B 321 38.38 19.48 2.79
N LEU B 322 39.05 20.43 2.17
CA LEU B 322 39.12 21.79 2.71
C LEU B 322 38.56 22.80 1.73
N SER B 323 38.37 24.02 2.22
CA SER B 323 37.70 25.04 1.42
C SER B 323 38.54 25.41 0.21
N PRO B 324 37.93 25.51 -0.97
CA PRO B 324 38.68 26.00 -2.14
C PRO B 324 39.09 27.45 -2.03
N SER B 325 38.60 28.13 -0.98
CA SER B 325 38.88 29.58 -0.80
C SER B 325 40.01 29.82 0.21
N GLY B 326 40.62 28.77 0.76
CA GLY B 326 41.79 28.97 1.65
C GLY B 326 41.48 29.31 3.09
N THR B 327 40.21 29.24 3.49
CA THR B 327 39.84 29.49 4.91
C THR B 327 40.44 28.40 5.80
N GLY B 328 40.61 27.20 5.25
CA GLY B 328 41.11 26.07 6.04
C GLY B 328 39.96 25.35 6.69
N GLU B 329 38.74 25.76 6.37
CA GLU B 329 37.53 25.12 6.96
C GLU B 329 37.35 23.73 6.38
N VAL B 330 36.89 22.79 7.20
CA VAL B 330 36.68 21.38 6.75
C VAL B 330 35.30 21.30 6.11
N MET B 331 35.20 20.65 4.95
CA MET B 331 33.91 20.64 4.23
C MET B 331 33.29 19.24 4.23
N ASN B 332 33.99 18.26 4.78
CA ASN B 332 33.50 16.86 4.82
C ASN B 332 33.51 16.33 6.25
N ASP B 333 33.20 17.17 7.23
CA ASP B 333 33.33 16.74 8.64
C ASP B 333 32.43 15.54 8.92
N GLY B 334 33.01 14.42 9.34
CA GLY B 334 32.24 13.22 9.73
C GLY B 334 31.80 12.35 8.58
N VAL B 335 32.11 12.73 7.35
CA VAL B 335 31.56 11.96 6.21
C VAL B 335 32.64 11.44 5.27
N GLY B 336 32.52 10.18 4.87
CA GLY B 336 33.40 9.66 3.84
C GLY B 336 32.63 8.74 2.92
N ARG B 337 33.36 8.23 1.92
CA ARG B 337 32.78 7.38 0.89
C ARG B 337 33.00 5.90 1.21
N MET B 338 32.12 5.08 0.66
CA MET B 338 32.24 3.63 0.73
C MET B 338 31.88 3.05 -0.63
N SER B 339 32.31 1.81 -0.85
CA SER B 339 32.07 1.14 -2.12
C SER B 339 30.62 0.66 -2.21
N ARG B 340 30.18 0.35 -3.43
CA ARG B 340 28.77 -0.07 -3.62
C ARG B 340 28.60 -1.45 -3.01
N SER B 341 29.66 -2.26 -3.08
CA SER B 341 29.62 -3.64 -2.55
C SER B 341 29.44 -3.63 -1.03
N VAL B 342 30.11 -2.72 -0.32
CA VAL B 342 29.94 -2.64 1.15
C VAL B 342 28.49 -2.23 1.43
N ALA B 343 27.92 -1.36 0.61
CA ALA B 343 26.53 -0.91 0.81
C ALA B 343 25.58 -2.07 0.56
N LYS B 344 25.88 -2.91 -0.43
CA LYS B 344 25.01 -4.04 -0.78
C LYS B 344 25.02 -5.04 0.37
N ARG B 345 26.16 -5.23 1.02
CA ARG B 345 26.26 -6.15 2.18
C ARG B 345 25.40 -5.61 3.32
N ILE B 346 25.38 -4.29 3.51
CA ILE B 346 24.58 -3.68 4.62
C ILE B 346 23.12 -4.03 4.37
N ARG B 347 22.68 -3.98 3.12
CA ARG B 347 21.29 -4.40 2.82
C ARG B 347 21.13 -5.87 3.17
N ASP B 348 22.09 -6.71 2.80
CA ASP B 348 21.94 -8.17 3.00
C ASP B 348 21.94 -8.53 4.49
N VAL B 349 22.86 -7.96 5.27
CA VAL B 349 22.93 -8.26 6.70
C VAL B 349 21.71 -7.70 7.43
N LEU B 350 21.30 -6.49 7.08
CA LEU B 350 20.19 -5.85 7.79
C LEU B 350 18.84 -6.17 7.18
N GLY B 351 18.78 -6.99 6.13
CA GLY B 351 17.52 -7.35 5.52
C GLY B 351 16.80 -6.19 4.88
N LEU B 352 17.53 -5.19 4.40
CA LEU B 352 16.89 -4.01 3.86
C LEU B 352 16.30 -4.30 2.49
N GLY B 353 15.26 -3.52 2.14
CA GLY B 353 14.59 -3.72 0.87
C GLY B 353 15.39 -3.21 -0.31
N ASP B 354 16.31 -2.28 -0.08
CA ASP B 354 17.12 -1.71 -1.16
C ASP B 354 18.50 -1.38 -0.63
N VAL B 355 19.40 -1.06 -1.55
CA VAL B 355 20.75 -0.66 -1.16
C VAL B 355 20.70 0.72 -0.53
N PRO B 356 21.22 0.90 0.68
CA PRO B 356 21.20 2.23 1.29
C PRO B 356 22.21 3.16 0.62
N SER B 357 21.83 4.43 0.49
CA SER B 357 22.73 5.42 -0.09
C SER B 357 23.73 5.94 0.91
N ALA B 358 23.40 5.92 2.19
CA ALA B 358 24.26 6.45 3.23
C ALA B 358 23.90 5.76 4.54
N VAL B 359 24.92 5.51 5.36
CA VAL B 359 24.72 4.90 6.66
C VAL B 359 25.41 5.72 7.72
N GLN B 360 24.92 5.59 8.94
CA GLN B 360 25.55 6.15 10.13
C GLN B 360 26.15 5.00 10.93
N GLY B 361 27.45 5.07 11.19
CA GLY B 361 28.06 4.01 11.94
C GLY B 361 29.43 4.39 12.45
N ARG B 362 30.15 3.36 12.88
CA ARG B 362 31.49 3.51 13.43
C ARG B 362 32.40 2.43 12.85
N PHE B 363 33.60 2.83 12.49
CA PHE B 363 34.60 1.95 11.92
C PHE B 363 35.91 2.28 12.63
N GLY B 364 36.32 1.41 13.55
CA GLY B 364 37.48 1.71 14.37
C GLY B 364 37.29 3.02 15.10
N SER B 365 38.29 3.90 15.02
CA SER B 365 38.17 5.22 15.62
C SER B 365 37.23 6.13 14.84
N ALA B 366 36.80 5.73 13.65
CA ALA B 366 35.99 6.58 12.80
C ALA B 366 34.53 6.53 13.21
N LYS B 367 33.95 7.71 13.44
CA LYS B 367 32.53 7.86 13.71
C LYS B 367 31.94 8.81 12.69
N GLY B 368 30.83 8.42 12.09
CA GLY B 368 30.11 9.39 11.27
C GLY B 368 29.24 8.70 10.22
N MET B 369 29.19 9.35 9.05
CA MET B 369 28.38 8.91 7.92
C MET B 369 29.27 8.47 6.78
N TRP B 370 28.83 7.44 6.07
CA TRP B 370 29.50 6.99 4.85
C TRP B 370 28.47 6.96 3.72
N VAL B 371 28.87 7.46 2.56
CA VAL B 371 27.99 7.54 1.39
C VAL B 371 28.59 6.72 0.25
N ILE B 372 27.71 6.18 -0.60
CA ILE B 372 28.17 5.38 -1.74
C ILE B 372 28.93 6.27 -2.71
N ASP B 373 30.05 5.75 -3.22
CA ASP B 373 30.77 6.45 -4.28
C ASP B 373 30.01 6.30 -5.58
N VAL B 374 29.38 7.39 -6.05
CA VAL B 374 28.65 7.35 -7.30
C VAL B 374 29.56 6.99 -8.47
N ASP B 375 30.86 7.15 -8.32
CA ASP B 375 31.82 6.84 -9.37
C ASP B 375 32.41 5.45 -9.25
N ASP B 376 31.89 4.62 -8.34
CA ASP B 376 32.42 3.27 -8.14
C ASP B 376 31.89 2.36 -9.25
N THR B 377 32.78 1.97 -10.17
CA THR B 377 32.44 1.11 -11.28
C THR B 377 32.82 -0.35 -11.05
N GLY B 378 33.42 -0.67 -9.90
CA GLY B 378 33.95 -1.99 -9.66
C GLY B 378 33.08 -2.83 -8.73
N ASP B 379 33.62 -3.98 -8.30
CA ASP B 379 32.86 -4.88 -7.39
C ASP B 379 33.75 -5.29 -6.21
N GLU B 380 34.60 -4.37 -5.72
CA GLU B 380 35.54 -4.74 -4.64
C GLU B 380 35.20 -3.96 -3.37
N ASP B 381 35.21 -4.62 -2.21
CA ASP B 381 34.89 -3.95 -0.93
C ASP B 381 35.96 -2.90 -0.63
N TRP B 382 35.53 -1.67 -0.38
CA TRP B 382 36.47 -0.59 0.03
C TRP B 382 35.74 0.44 0.88
N ILE B 383 36.41 0.99 1.90
CA ILE B 383 35.82 2.05 2.74
C ILE B 383 36.91 3.10 2.92
N GLU B 384 36.53 4.33 3.21
CA GLU B 384 37.53 5.41 3.40
C GLU B 384 37.31 6.12 4.72
N THR B 385 38.38 6.64 5.32
CA THR B 385 38.28 7.36 6.60
C THR B 385 38.95 8.71 6.48
N TYR B 386 38.44 9.72 7.18
CA TYR B 386 38.96 11.07 7.13
C TYR B 386 39.35 11.51 8.53
N PRO B 387 40.24 12.50 8.64
CA PRO B 387 40.65 12.95 9.99
C PRO B 387 39.48 13.34 10.87
N SER B 388 38.52 14.09 10.32
CA SER B 388 37.38 14.53 11.13
C SER B 388 36.62 13.34 11.70
N GLN B 389 36.51 12.25 10.95
CA GLN B 389 35.78 11.10 11.48
C GLN B 389 36.53 10.46 12.63
N ARG B 390 37.87 10.42 12.56
CA ARG B 390 38.67 9.62 13.50
C ARG B 390 38.88 10.37 14.81
N LYS B 391 38.24 9.88 15.88
CA LYS B 391 38.29 10.53 17.18
C LYS B 391 39.48 10.10 18.03
N TRP B 392 40.27 9.14 17.57
CA TRP B 392 41.52 8.79 18.21
C TRP B 392 42.38 8.07 17.19
N GLU B 393 43.68 7.99 17.48
CA GLU B 393 44.61 7.28 16.56
C GLU B 393 44.45 5.77 16.78
N CYS B 394 43.89 5.08 15.79
CA CYS B 394 43.73 3.60 15.89
C CYS B 394 44.65 2.96 14.84
N ASP B 395 45.09 1.73 15.07
CA ASP B 395 46.03 1.06 14.15
C ASP B 395 45.23 0.34 13.07
N PHE B 396 43.95 0.08 13.34
CA PHE B 396 43.09 -0.66 12.39
C PHE B 396 43.78 -2.00 12.11
N VAL B 397 44.04 -2.78 13.15
CA VAL B 397 44.74 -4.10 13.01
C VAL B 397 43.80 -5.19 13.53
N ASP B 398 43.26 -5.01 14.73
CA ASP B 398 42.29 -5.99 15.30
C ASP B 398 41.05 -5.99 14.42
N LYS B 399 40.42 -7.15 14.26
CA LYS B 399 39.22 -7.26 13.41
C LYS B 399 38.12 -6.37 13.95
N HIS B 400 38.01 -6.24 15.28
CA HIS B 400 36.91 -5.45 15.87
C HIS B 400 37.16 -3.96 15.66
N GLN B 401 38.38 -3.58 15.28
CA GLN B 401 38.68 -2.17 14.96
C GLN B 401 38.70 -2.00 13.44
N ARG B 402 38.29 -3.03 12.71
CA ARG B 402 38.25 -2.98 11.23
C ARG B 402 36.87 -3.49 10.80
N THR B 403 35.92 -3.51 11.73
CA THR B 403 34.55 -3.90 11.45
C THR B 403 33.69 -2.66 11.23
N LEU B 404 32.91 -2.65 10.16
CA LEU B 404 31.95 -1.58 9.92
C LEU B 404 30.70 -1.82 10.75
N GLU B 405 30.41 -0.92 11.68
CA GLU B 405 29.29 -1.03 12.60
C GLU B 405 28.28 0.05 12.27
N VAL B 406 27.04 -0.35 12.01
CA VAL B 406 25.99 0.55 11.55
C VAL B 406 25.02 0.81 12.70
N ARG B 407 24.65 2.08 12.90
CA ARG B 407 23.62 2.41 13.91
C ARG B 407 22.31 2.63 13.15
N SER B 408 22.37 3.38 12.05
CA SER B 408 21.13 3.68 11.28
C SER B 408 21.41 3.79 9.79
N VAL B 409 20.35 3.63 8.98
CA VAL B 409 20.49 3.71 7.50
C VAL B 409 19.56 4.80 7.00
N ALA B 410 19.96 5.50 5.94
CA ALA B 410 19.04 6.49 5.35
C ALA B 410 17.79 5.73 4.95
N SER B 411 16.62 6.23 5.35
CA SER B 411 15.38 5.46 5.14
C SER B 411 14.29 6.38 4.62
N GLU B 412 13.11 5.83 4.36
CA GLU B 412 12.03 6.64 3.78
C GLU B 412 11.78 7.84 4.68
N LEU B 413 11.61 9.01 4.06
CA LEU B 413 11.47 10.26 4.82
C LEU B 413 10.02 10.49 5.22
N LYS B 414 9.82 11.09 6.38
CA LYS B 414 8.50 11.43 6.88
C LYS B 414 8.33 12.95 6.88
N SER B 415 7.10 13.40 6.66
CA SER B 415 6.83 14.82 6.76
C SER B 415 7.06 15.31 8.18
N ALA B 416 7.53 16.56 8.32
CA ALA B 416 7.85 17.14 9.62
C ALA B 416 6.94 18.31 9.95
N GLY B 417 7.37 19.15 10.89
CA GLY B 417 6.62 20.30 11.31
C GLY B 417 7.53 21.42 11.77
N LEU B 418 6.91 22.54 12.13
CA LEU B 418 7.61 23.72 12.63
C LEU B 418 7.65 23.64 14.15
N ASN B 419 8.83 23.39 14.71
CA ASN B 419 8.95 23.45 16.16
C ASN B 419 9.00 24.90 16.62
N LEU B 420 8.71 25.10 17.91
CA LEU B 420 8.59 26.46 18.45
C LEU B 420 9.90 27.22 18.46
N GLN B 421 11.05 26.54 18.26
CA GLN B 421 12.31 27.27 18.19
C GLN B 421 12.49 27.95 16.84
N LEU B 422 11.93 27.37 15.77
CA LEU B 422 12.13 27.95 14.44
C LEU B 422 11.27 29.19 14.22
N LEU B 423 10.10 29.27 14.87
CA LEU B 423 9.18 30.36 14.56
C LEU B 423 9.78 31.74 14.81
N PRO B 424 10.40 32.02 15.97
CA PRO B 424 11.01 33.34 16.16
C PRO B 424 12.11 33.64 15.15
N VAL B 425 12.89 32.63 14.77
CA VAL B 425 13.96 32.87 13.81
C VAL B 425 13.38 33.16 12.44
N LEU B 426 12.28 32.49 12.09
CA LEU B 426 11.60 32.78 10.83
C LEU B 426 11.10 34.22 10.80
N GLU B 427 10.53 34.68 11.92
CA GLU B 427 10.03 36.05 11.99
C GLU B 427 11.16 37.08 11.99
N ASP B 428 12.29 36.74 12.62
CA ASP B 428 13.42 37.67 12.66
C ASP B 428 14.01 37.90 11.28
N ARG B 429 14.03 36.87 10.44
CA ARG B 429 14.61 36.97 9.11
C ARG B 429 13.56 37.16 8.02
N ALA B 430 12.32 37.46 8.39
CA ALA B 430 11.28 37.68 7.40
C ALA B 430 11.39 39.07 6.81
N ARG B 431 11.38 39.15 5.48
CA ARG B 431 11.38 40.45 4.82
C ARG B 431 10.20 41.29 5.28
N ASP B 432 9.02 40.68 5.36
CA ASP B 432 7.82 41.31 5.90
C ASP B 432 7.32 40.42 7.04
N LYS B 433 7.50 40.88 8.28
CA LYS B 433 7.08 40.08 9.42
C LYS B 433 5.58 39.88 9.44
N VAL B 434 4.81 40.84 8.94
CA VAL B 434 3.33 40.74 9.03
C VAL B 434 2.84 39.67 8.05
N LYS B 435 3.49 39.55 6.89
CA LYS B 435 3.10 38.53 5.88
C LYS B 435 3.50 37.14 6.37
N MET B 436 4.66 37.01 7.01
CA MET B 436 5.04 35.69 7.59
C MET B 436 3.93 35.29 8.54
N ARG B 437 3.65 36.13 9.52
CA ARG B 437 2.58 35.85 10.51
C ARG B 437 1.32 35.46 9.77
N GLN B 438 0.93 36.25 8.77
CA GLN B 438 -0.34 35.99 8.05
C GLN B 438 -0.30 34.60 7.44
N ALA B 439 0.78 34.27 6.75
CA ALA B 439 0.87 32.96 6.08
C ALA B 439 0.80 31.84 7.11
N ILE B 440 1.70 31.81 8.09
CA ILE B 440 1.72 30.66 9.04
C ILE B 440 0.37 30.56 9.73
N GLY B 441 -0.28 31.69 9.99
CA GLY B 441 -1.61 31.67 10.61
C GLY B 441 -2.67 31.18 9.67
N ASP B 442 -2.67 31.68 8.43
CA ASP B 442 -3.70 31.27 7.45
C ASP B 442 -3.50 29.79 7.14
N ARG B 443 -2.25 29.34 7.06
CA ARG B 443 -1.97 27.91 6.83
C ARG B 443 -2.58 27.12 7.97
N LEU B 444 -2.34 27.55 9.21
CA LEU B 444 -2.83 26.79 10.38
C LEU B 444 -4.36 26.72 10.33
N ILE B 445 -5.01 27.83 9.99
CA ILE B 445 -6.50 27.86 9.97
C ILE B 445 -6.99 26.88 8.90
N ASN B 446 -6.33 26.90 7.74
CA ASN B 446 -6.79 26.04 6.61
C ASN B 446 -6.65 24.58 7.03
N ASP B 447 -5.55 24.24 7.69
CA ASP B 447 -5.30 22.83 8.09
C ASP B 447 -6.36 22.38 9.11
N LEU B 448 -6.67 23.22 10.08
CA LEU B 448 -7.61 22.79 11.14
C LEU B 448 -8.97 22.54 10.48
N GLN B 449 -9.41 23.44 9.62
CA GLN B 449 -10.72 23.31 8.98
C GLN B 449 -10.77 22.03 8.14
N ARG B 450 -9.70 21.76 7.40
CA ARG B 450 -9.66 20.54 6.55
C ARG B 450 -9.87 19.33 7.45
N GLN B 451 -9.13 19.25 8.55
CA GLN B 451 -9.22 18.05 9.42
C GLN B 451 -10.64 17.91 9.98
N PHE B 452 -11.20 19.01 10.47
CA PHE B 452 -12.54 18.94 11.09
C PHE B 452 -13.56 18.57 10.03
N SER B 453 -13.42 19.15 8.85
CA SER B 453 -14.39 18.88 7.76
C SER B 453 -14.29 17.41 7.35
N GLU B 454 -13.09 16.84 7.43
CA GLU B 454 -12.89 15.43 7.02
C GLU B 454 -13.61 14.53 8.02
N GLN B 455 -13.44 14.81 9.31
CA GLN B 455 -14.08 13.98 10.35
C GLN B 455 -15.60 14.02 10.18
N LYS B 456 -16.19 15.20 9.95
CA LYS B 456 -17.66 15.33 9.89
C LYS B 456 -18.22 14.58 8.68
N HIS B 457 -17.57 14.75 7.52
CA HIS B 457 -18.05 14.09 6.28
C HIS B 457 -17.96 12.58 6.46
N ALA B 458 -16.88 12.12 7.11
CA ALA B 458 -16.66 10.67 7.27
C ALA B 458 -17.78 10.05 8.10
N LEU B 459 -18.22 10.73 9.15
CA LEU B 459 -19.21 10.11 10.06
C LEU B 459 -20.48 9.75 9.29
N ASN B 460 -20.86 10.58 8.32
CA ASN B 460 -22.11 10.34 7.55
C ASN B 460 -22.20 8.89 7.07
N ARG B 461 -21.09 8.29 6.65
CA ARG B 461 -21.10 6.91 6.11
C ARG B 461 -20.17 6.03 6.95
N PRO B 462 -20.59 4.83 7.36
CA PRO B 462 -19.77 3.98 8.21
C PRO B 462 -18.44 3.60 7.54
N VAL B 463 -18.45 3.31 6.24
CA VAL B 463 -17.19 2.85 5.60
C VAL B 463 -16.17 3.98 5.72
N GLU B 464 -16.60 5.22 5.49
CA GLU B 464 -15.67 6.38 5.56
C GLU B 464 -15.18 6.59 6.99
N PHE B 465 -16.07 6.46 7.97
CA PHE B 465 -15.64 6.76 9.35
C PHE B 465 -14.64 5.69 9.79
N ARG B 466 -14.87 4.45 9.36
CA ARG B 466 -13.87 3.43 9.66
C ARG B 466 -12.49 3.86 9.19
N GLN B 467 -12.41 4.45 7.99
CA GLN B 467 -11.14 4.87 7.44
C GLN B 467 -10.52 5.99 8.27
N TRP B 468 -11.33 6.90 8.79
CA TRP B 468 -10.81 8.00 9.58
C TRP B 468 -10.30 7.52 10.93
N VAL B 469 -11.02 6.60 11.57
CA VAL B 469 -10.59 6.08 12.86
C VAL B 469 -9.26 5.36 12.72
N TYR B 470 -9.10 4.56 11.66
CA TYR B 470 -7.82 3.92 11.44
C TYR B 470 -6.71 4.95 11.21
N GLU B 471 -7.00 6.00 10.44
CA GLU B 471 -6.02 7.05 10.22
C GLU B 471 -5.72 7.84 11.48
N SER B 472 -6.67 7.88 12.40
CA SER B 472 -6.49 8.66 13.65
C SER B 472 -5.40 8.02 14.51
N TYR B 473 -5.50 6.71 14.76
CA TYR B 473 -4.52 6.00 15.63
C TYR B 473 -4.22 4.63 15.03
N SER B 474 -3.00 4.11 15.26
CA SER B 474 -2.66 2.75 14.77
C SER B 474 -2.52 1.80 15.95
N SER B 475 -3.22 0.67 15.89
CA SER B 475 -3.18 -0.31 16.99
C SER B 475 -2.25 -1.46 16.60
N ARG B 476 -1.57 -1.34 15.45
CA ARG B 476 -0.69 -2.43 14.96
C ARG B 476 0.22 -2.88 16.11
N ALA B 477 0.73 -1.94 16.90
CA ALA B 477 1.69 -2.31 17.96
C ALA B 477 0.99 -3.18 18.99
N THR B 478 -0.21 -2.78 19.42
CA THR B 478 -0.96 -3.59 20.39
C THR B 478 -1.35 -4.90 19.72
N ARG B 479 -1.68 -4.85 18.44
CA ARG B 479 -2.18 -6.07 17.73
C ARG B 479 -1.06 -7.10 17.61
N VAL B 480 0.10 -6.71 17.11
CA VAL B 480 1.23 -7.67 16.94
C VAL B 480 1.62 -8.18 18.33
N SER B 481 1.60 -7.31 19.34
CA SER B 481 1.97 -7.68 20.73
C SER B 481 1.01 -8.71 21.31
N HIS B 482 -0.29 -8.60 21.03
CA HIS B 482 -1.26 -9.52 21.69
C HIS B 482 -1.73 -10.61 20.71
N GLY B 483 -1.44 -10.46 19.41
CA GLY B 483 -1.93 -11.42 18.41
C GLY B 483 -3.42 -11.29 18.23
N ARG B 484 -4.00 -10.20 18.75
CA ARG B 484 -5.43 -9.99 18.71
C ARG B 484 -5.68 -8.53 19.08
N VAL B 485 -6.93 -8.10 18.92
CA VAL B 485 -7.35 -6.80 19.44
C VAL B 485 -7.63 -6.98 20.93
N PRO B 486 -6.86 -6.33 21.84
CA PRO B 486 -7.07 -6.52 23.27
C PRO B 486 -8.48 -6.12 23.69
N PHE B 487 -9.11 -6.97 24.49
CA PHE B 487 -10.53 -6.72 24.86
C PHE B 487 -10.69 -6.64 26.38
N LEU B 488 -11.35 -5.59 26.86
CA LEU B 488 -11.69 -5.53 28.30
C LEU B 488 -13.18 -5.84 28.38
N ALA B 489 -13.52 -6.90 29.10
CA ALA B 489 -14.92 -7.34 29.17
C ALA B 489 -15.45 -7.68 27.78
N GLY B 490 -16.61 -7.16 27.38
CA GLY B 490 -17.23 -7.53 26.11
C GLY B 490 -16.86 -6.66 24.94
N LEU B 491 -16.01 -5.66 25.15
CA LEU B 491 -15.71 -4.72 24.04
C LEU B 491 -14.20 -4.49 23.98
N PRO B 492 -13.60 -4.11 22.85
CA PRO B 492 -12.19 -3.81 22.78
C PRO B 492 -11.83 -2.74 23.83
N ASP B 493 -10.65 -2.84 24.45
CA ASP B 493 -10.28 -1.89 25.50
C ASP B 493 -10.15 -0.47 24.95
N SER B 494 -9.67 -0.32 23.71
CA SER B 494 -9.53 1.01 23.11
C SER B 494 -10.84 1.46 22.48
N GLN B 495 -11.17 2.73 22.69
CA GLN B 495 -12.40 3.30 22.11
C GLN B 495 -12.34 3.30 20.59
N GLU B 496 -11.15 3.56 20.05
CA GLU B 496 -10.98 3.62 18.58
C GLU B 496 -11.25 2.24 17.98
N GLU B 497 -10.79 1.17 18.63
CA GLU B 497 -11.06 -0.18 18.15
C GLU B 497 -12.52 -0.55 18.38
N THR B 498 -13.09 -0.13 19.51
CA THR B 498 -14.49 -0.44 19.79
C THR B 498 -15.41 0.12 18.71
N LEU B 499 -15.08 1.30 18.18
CA LEU B 499 -15.90 1.87 17.12
C LEU B 499 -15.81 1.04 15.85
N ASN B 500 -14.60 0.61 15.50
CA ASN B 500 -14.43 -0.19 14.29
C ASN B 500 -15.03 -1.58 14.45
N PHE B 501 -14.83 -2.20 15.63
CA PHE B 501 -15.45 -3.49 15.89
C PHE B 501 -16.96 -3.43 15.70
N LEU B 502 -17.60 -2.41 16.27
CA LEU B 502 -19.06 -2.35 16.22
C LEU B 502 -19.57 -1.87 14.87
N MET B 503 -18.77 -1.08 14.14
CA MET B 503 -19.17 -0.71 12.79
C MET B 503 -18.95 -1.85 11.81
N ASN B 504 -17.96 -2.71 12.08
CA ASN B 504 -17.74 -3.85 11.22
C ASN B 504 -18.87 -4.87 11.31
N SER B 505 -19.61 -4.88 12.42
CA SER B 505 -20.78 -5.74 12.56
C SER B 505 -22.08 -5.06 12.17
N GLY B 506 -22.03 -3.84 11.62
CA GLY B 506 -23.21 -3.20 11.08
C GLY B 506 -23.71 -1.98 11.83
N PHE B 507 -23.23 -1.71 13.04
CA PHE B 507 -23.71 -0.53 13.76
C PHE B 507 -23.28 0.75 13.06
N ASP B 508 -24.16 1.76 13.11
CA ASP B 508 -23.94 3.04 12.43
C ASP B 508 -23.64 4.13 13.45
N PRO B 509 -22.56 4.89 13.29
CA PRO B 509 -22.25 5.94 14.26
C PRO B 509 -23.33 7.00 14.36
N LYS B 510 -24.00 7.30 13.25
CA LYS B 510 -25.07 8.30 13.27
C LYS B 510 -26.40 7.77 13.79
N LYS B 511 -26.60 6.45 13.78
CA LYS B 511 -27.88 5.88 14.20
C LYS B 511 -27.87 5.26 15.59
N GLN B 512 -26.69 4.88 16.11
CA GLN B 512 -26.58 4.31 17.45
C GLN B 512 -25.85 5.29 18.36
N LYS B 513 -26.52 5.71 19.43
CA LYS B 513 -25.97 6.73 20.31
C LYS B 513 -24.64 6.29 20.92
N TYR B 514 -24.52 5.00 21.28
CA TYR B 514 -23.30 4.52 21.89
C TYR B 514 -22.08 4.82 21.01
N LEU B 515 -22.20 4.58 19.70
CA LEU B 515 -21.09 4.93 18.82
C LEU B 515 -20.93 6.44 18.72
N GLN B 516 -22.03 7.17 18.70
CA GLN B 516 -21.97 8.63 18.59
C GLN B 516 -21.19 9.22 19.77
N ASP B 517 -21.53 8.82 21.00
CA ASP B 517 -20.87 9.39 22.17
C ASP B 517 -19.38 9.10 22.18
N ILE B 518 -18.99 7.89 21.76
CA ILE B 518 -17.55 7.52 21.77
C ILE B 518 -16.83 8.44 20.79
N ALA B 519 -17.40 8.64 19.61
CA ALA B 519 -16.76 9.47 18.59
C ALA B 519 -16.63 10.91 19.08
N TRP B 520 -17.68 11.42 19.73
CA TRP B 520 -17.64 12.80 20.25
C TRP B 520 -16.54 12.91 21.29
N ASP B 521 -16.44 11.92 22.17
CA ASP B 521 -15.43 11.96 23.25
C ASP B 521 -14.06 11.98 22.60
N LEU B 522 -13.87 11.16 21.57
CA LEU B 522 -12.54 11.07 20.93
C LEU B 522 -12.20 12.41 20.29
N GLN B 523 -13.18 13.05 19.66
CA GLN B 523 -12.94 14.34 18.99
C GLN B 523 -12.59 15.41 20.01
N LYS B 524 -13.28 15.42 21.15
CA LYS B 524 -12.99 16.41 22.20
C LYS B 524 -11.56 16.19 22.69
N ARG B 525 -11.16 14.95 22.84
CA ARG B 525 -9.81 14.65 23.37
C ARG B 525 -8.78 15.22 22.41
N LYS B 526 -9.01 15.03 21.11
CA LYS B 526 -8.03 15.52 20.11
C LYS B 526 -8.00 17.04 20.19
N CYS B 527 -9.16 17.67 20.32
CA CYS B 527 -9.23 19.15 20.34
C CYS B 527 -8.49 19.65 21.58
N ASP B 528 -8.66 18.97 22.71
CA ASP B 528 -7.96 19.34 23.96
C ASP B 528 -6.44 19.19 23.77
N THR B 529 -6.01 18.13 23.08
CA THR B 529 -4.56 17.94 22.81
C THR B 529 -4.07 19.09 21.94
N LEU B 530 -4.88 19.51 20.97
CA LEU B 530 -4.46 20.59 20.04
C LEU B 530 -4.37 21.93 20.77
N LYS B 531 -5.17 22.13 21.81
CA LYS B 531 -5.13 23.38 22.55
C LYS B 531 -3.89 23.45 23.45
N SER B 532 -3.44 22.29 23.97
CA SER B 532 -2.30 22.29 24.86
C SER B 532 -0.99 22.53 24.10
N LYS B 533 -0.82 21.87 22.97
CA LYS B 533 0.42 21.94 22.20
C LYS B 533 0.16 22.57 20.84
N LEU B 534 0.97 23.56 20.48
CA LEU B 534 0.85 24.19 19.14
C LEU B 534 1.77 23.44 18.19
N ASN B 535 1.21 22.48 17.46
CA ASN B 535 2.01 21.73 16.45
C ASN B 535 1.61 22.17 15.05
N ILE B 536 2.36 23.10 14.46
CA ILE B 536 2.11 23.47 13.08
C ILE B 536 2.82 22.49 12.18
N ARG B 537 2.07 21.76 11.38
CA ARG B 537 2.62 20.75 10.49
C ARG B 537 2.71 21.31 9.07
N VAL B 538 3.87 21.13 8.43
CA VAL B 538 4.09 21.53 7.05
C VAL B 538 4.38 20.27 6.25
N GLY B 539 3.51 19.97 5.28
CA GLY B 539 3.68 18.76 4.49
C GLY B 539 4.98 18.73 3.72
N ARG B 540 5.28 19.82 3.02
CA ARG B 540 6.52 19.94 2.24
C ARG B 540 7.70 20.27 3.15
N SER B 541 7.95 19.37 4.10
CA SER B 541 9.09 19.50 5.00
C SER B 541 9.48 18.11 5.47
N ALA B 542 10.76 17.95 5.82
CA ALA B 542 11.23 16.66 6.33
C ALA B 542 12.59 16.84 6.96
N TYR B 543 12.91 15.96 7.91
CA TYR B 543 14.26 15.85 8.45
C TYR B 543 15.02 14.83 7.60
N ILE B 544 16.20 15.22 7.10
CA ILE B 544 16.98 14.41 6.18
C ILE B 544 18.45 14.39 6.59
N TYR B 545 19.09 13.24 6.43
CA TYR B 545 20.50 13.10 6.70
C TYR B 545 21.31 14.04 5.81
N MET B 546 22.29 14.72 6.40
CA MET B 546 23.12 15.69 5.69
C MET B 546 24.40 15.01 5.23
N ILE B 547 24.73 15.15 3.94
CA ILE B 547 25.94 14.63 3.34
C ILE B 547 26.62 15.75 2.57
N ALA B 548 27.90 15.55 2.25
CA ALA B 548 28.66 16.55 1.51
C ALA B 548 28.98 16.05 0.10
N ASP B 549 29.27 17.01 -0.78
CA ASP B 549 29.52 16.75 -2.19
C ASP B 549 30.99 16.46 -2.42
N PHE B 550 31.35 15.18 -2.42
CA PHE B 550 32.72 14.80 -2.73
C PHE B 550 33.09 15.09 -4.18
N TRP B 551 32.10 15.14 -5.06
CA TRP B 551 32.33 15.14 -6.50
C TRP B 551 32.28 16.53 -7.11
N GLY B 552 32.12 17.57 -6.29
CA GLY B 552 32.29 18.94 -6.75
C GLY B 552 31.31 19.40 -7.80
N VAL B 553 30.04 19.03 -7.66
CA VAL B 553 29.03 19.37 -8.66
C VAL B 553 28.17 20.51 -8.16
N LEU B 554 28.01 20.62 -6.85
CA LEU B 554 27.12 21.63 -6.27
C LEU B 554 27.89 22.90 -5.95
N GLU B 555 27.24 24.03 -6.16
CA GLU B 555 27.84 25.34 -5.87
C GLU B 555 27.49 25.78 -4.46
N GLU B 556 27.94 26.97 -4.09
CA GLU B 556 27.95 27.37 -2.68
C GLU B 556 26.57 27.30 -2.05
N ASN B 557 25.54 27.79 -2.74
CA ASN B 557 24.21 27.86 -2.16
C ASN B 557 23.25 26.86 -2.81
N GLU B 558 23.78 25.76 -3.35
CA GLU B 558 23.01 24.74 -4.03
C GLU B 558 23.04 23.43 -3.24
N VAL B 559 21.86 22.80 -3.11
CA VAL B 559 21.75 21.51 -2.45
C VAL B 559 20.98 20.56 -3.36
N HIS B 560 21.17 19.26 -3.13
CA HIS B 560 20.59 18.21 -3.94
C HIS B 560 19.79 17.27 -3.04
N VAL B 561 18.53 16.99 -3.42
CA VAL B 561 17.64 16.11 -2.67
C VAL B 561 16.92 15.19 -3.64
N GLY B 562 17.18 13.89 -3.55
CA GLY B 562 16.40 12.88 -4.25
C GLY B 562 15.81 11.91 -3.25
N PHE B 563 14.57 11.50 -3.50
CA PHE B 563 13.84 10.65 -2.58
C PHE B 563 13.84 9.20 -3.06
N SER B 564 13.71 8.26 -2.11
CA SER B 564 13.69 6.85 -2.50
C SER B 564 12.34 6.48 -3.11
N SER B 565 11.27 7.17 -2.71
CA SER B 565 9.95 6.93 -3.28
C SER B 565 9.18 8.25 -3.28
N LYS B 566 7.91 8.18 -3.64
CA LYS B 566 7.08 9.38 -3.77
C LYS B 566 6.83 10.01 -2.41
N PHE B 567 7.23 11.26 -2.25
CA PHE B 567 6.94 12.06 -1.05
C PHE B 567 5.65 12.84 -1.33
N ARG B 568 4.57 12.48 -0.64
CA ARG B 568 3.25 12.97 -0.99
C ARG B 568 2.80 14.05 -0.02
N ASP B 569 2.50 15.23 -0.57
CA ASP B 569 1.66 16.23 0.05
C ASP B 569 0.29 16.14 -0.59
N GLU B 570 -0.75 16.58 0.15
CA GLU B 570 -2.10 16.44 -0.37
C GLU B 570 -2.23 16.98 -1.78
N GLU B 571 -1.62 18.14 -2.05
CA GLU B 571 -1.74 18.73 -3.38
C GLU B 571 -0.90 17.98 -4.41
N GLU B 572 0.38 17.76 -4.10
CA GLU B 572 1.33 17.26 -5.09
C GLU B 572 2.17 16.13 -4.49
N SER B 573 3.01 15.55 -5.34
CA SER B 573 3.94 14.50 -4.92
C SER B 573 5.30 14.78 -5.56
N PHE B 574 6.36 14.42 -4.84
CA PHE B 574 7.72 14.69 -5.28
C PHE B 574 8.53 13.41 -5.21
N THR B 575 9.39 13.20 -6.21
CA THR B 575 10.46 12.22 -6.09
C THR B 575 11.82 12.87 -5.98
N LEU B 576 11.89 14.19 -6.11
CA LEU B 576 13.13 14.96 -6.08
C LEU B 576 12.76 16.43 -5.96
N LEU B 577 13.76 17.26 -5.68
CA LEU B 577 13.54 18.70 -5.55
C LEU B 577 14.41 19.41 -6.58
N SER B 578 13.79 20.29 -7.35
CA SER B 578 14.54 21.02 -8.37
C SER B 578 13.90 22.39 -8.57
N ASP B 579 14.74 23.37 -8.89
CA ASP B 579 14.29 24.72 -9.25
C ASP B 579 13.33 25.29 -8.20
N CYS B 580 13.74 25.22 -6.94
CA CYS B 580 13.00 25.89 -5.89
C CYS B 580 13.98 26.25 -4.77
N ASP B 581 13.66 27.30 -4.04
CA ASP B 581 14.42 27.63 -2.84
C ASP B 581 13.89 26.81 -1.68
N VAL B 582 14.80 26.36 -0.82
CA VAL B 582 14.42 25.60 0.36
C VAL B 582 15.05 26.26 1.57
N LEU B 583 14.52 25.93 2.75
CA LEU B 583 15.10 26.32 4.01
C LEU B 583 15.75 25.10 4.64
N VAL B 584 16.96 25.27 5.16
CA VAL B 584 17.66 24.24 5.90
C VAL B 584 17.92 24.77 7.31
N ALA B 585 17.75 23.90 8.29
CA ALA B 585 17.98 24.27 9.68
C ALA B 585 18.21 23.00 10.49
N ARG B 586 18.77 23.18 11.68
CA ARG B 586 18.99 22.09 12.61
C ARG B 586 18.47 22.49 13.97
N SER B 587 18.00 21.51 14.72
CA SER B 587 17.60 21.66 16.10
C SER B 587 18.71 21.17 17.00
N PRO B 588 19.11 21.93 18.02
CA PRO B 588 18.52 23.20 18.46
C PRO B 588 18.83 24.35 17.50
N ALA B 589 17.90 25.29 17.35
CA ALA B 589 18.08 26.49 16.56
C ALA B 589 17.88 27.70 17.47
N HIS B 590 18.89 28.57 17.56
CA HIS B 590 18.85 29.71 18.46
C HIS B 590 19.33 31.00 17.79
N PHE B 591 20.50 30.94 17.16
CA PHE B 591 21.02 32.09 16.47
C PHE B 591 20.15 32.41 15.26
N PRO B 592 20.10 33.69 14.85
CA PRO B 592 19.36 34.03 13.62
C PRO B 592 19.87 33.34 12.38
N SER B 593 21.17 33.03 12.32
CA SER B 593 21.73 32.35 11.16
C SER B 593 21.44 30.86 11.16
N ASP B 594 20.84 30.31 12.22
CA ASP B 594 20.66 28.87 12.34
C ASP B 594 19.65 28.31 11.33
N ILE B 595 18.93 29.16 10.61
CA ILE B 595 18.12 28.77 9.45
C ILE B 595 18.69 29.49 8.24
N GLN B 596 18.79 28.77 7.13
CA GLN B 596 19.39 29.32 5.91
C GLN B 596 18.55 28.93 4.70
N ARG B 597 18.57 29.81 3.70
CA ARG B 597 17.82 29.64 2.47
C ARG B 597 18.78 29.25 1.36
N VAL B 598 18.51 28.13 0.68
CA VAL B 598 19.41 27.62 -0.34
C VAL B 598 18.60 27.25 -1.58
N ARG B 599 19.32 26.96 -2.67
CA ARG B 599 18.70 26.60 -3.95
C ARG B 599 18.82 25.10 -4.16
N ALA B 600 17.69 24.44 -4.40
CA ALA B 600 17.65 23.00 -4.64
C ALA B 600 17.90 22.72 -6.12
N VAL B 601 19.02 22.06 -6.42
CA VAL B 601 19.39 21.71 -7.79
C VAL B 601 19.56 20.21 -7.85
N PHE B 602 18.84 19.56 -8.77
CA PHE B 602 18.99 18.12 -8.97
C PHE B 602 20.11 17.87 -9.97
N LYS B 603 21.18 17.21 -9.50
CA LYS B 603 22.32 16.91 -10.35
C LYS B 603 22.27 15.44 -10.75
N PRO B 604 22.09 15.11 -12.03
CA PRO B 604 22.06 13.69 -12.42
C PRO B 604 23.30 12.93 -11.98
N GLU B 605 24.41 13.63 -11.71
CA GLU B 605 25.61 12.97 -11.19
C GLU B 605 25.35 12.32 -9.84
N LEU B 606 24.46 12.91 -9.02
CA LEU B 606 24.16 12.42 -7.69
C LEU B 606 22.85 11.66 -7.62
N HIS B 607 22.31 11.23 -8.77
CA HIS B 607 20.97 10.67 -8.79
C HIS B 607 20.85 9.39 -7.96
N SER B 608 21.93 8.63 -7.80
CA SER B 608 21.81 7.37 -7.08
C SER B 608 21.69 7.59 -5.57
N LEU B 609 22.09 8.76 -5.11
CA LEU B 609 22.03 9.07 -3.66
C LEU B 609 20.61 9.50 -3.33
N LYS B 610 19.92 8.73 -2.49
CA LYS B 610 18.49 9.01 -2.22
C LYS B 610 18.22 9.05 -0.72
N ASP B 611 17.16 9.76 -0.30
CA ASP B 611 16.81 9.91 1.13
C ASP B 611 17.94 10.64 1.85
N VAL B 612 18.64 11.52 1.15
CA VAL B 612 19.76 12.29 1.74
C VAL B 612 19.75 13.69 1.13
N ILE B 613 20.30 14.68 1.84
CA ILE B 613 20.45 16.03 1.24
C ILE B 613 21.96 16.27 1.16
N ILE B 614 22.47 16.72 0.03
CA ILE B 614 23.90 16.89 -0.17
C ILE B 614 24.22 18.37 -0.22
N PHE B 615 25.10 18.82 0.66
CA PHE B 615 25.57 20.19 0.70
C PHE B 615 26.85 20.33 -0.12
N SER B 616 27.17 21.57 -0.47
CA SER B 616 28.32 21.87 -1.29
C SER B 616 29.61 21.78 -0.48
N THR B 617 30.70 21.40 -1.15
CA THR B 617 32.03 21.46 -0.56
C THR B 617 32.78 22.71 -0.98
N LYS B 618 32.12 23.64 -1.66
CA LYS B 618 32.68 24.92 -2.07
C LYS B 618 32.24 26.01 -1.10
N GLY B 619 33.00 27.10 -1.08
CA GLY B 619 32.70 28.23 -0.24
C GLY B 619 33.66 28.36 0.93
N ASP B 620 33.55 29.50 1.62
CA ASP B 620 34.43 29.77 2.76
C ASP B 620 34.11 28.85 3.93
N VAL B 621 32.84 28.73 4.28
CA VAL B 621 32.46 27.93 5.44
C VAL B 621 31.41 26.90 5.03
N PRO B 622 31.46 25.69 5.58
CA PRO B 622 30.46 24.69 5.20
C PRO B 622 29.07 25.09 5.68
N LEU B 623 28.06 24.74 4.90
CA LEU B 623 26.68 25.08 5.27
C LEU B 623 26.28 24.41 6.58
N ALA B 624 26.72 23.16 6.78
CA ALA B 624 26.34 22.44 7.99
C ALA B 624 26.79 23.19 9.24
N LYS B 625 27.98 23.78 9.22
CA LYS B 625 28.45 24.54 10.37
C LYS B 625 27.50 25.69 10.70
N LYS B 626 26.90 26.28 9.67
CA LYS B 626 25.97 27.39 9.89
C LYS B 626 24.71 26.95 10.62
N LEU B 627 24.35 25.67 10.52
CA LEU B 627 23.16 25.16 11.20
C LEU B 627 23.56 24.68 12.59
N SER B 628 23.62 25.64 13.53
CA SER B 628 24.00 25.36 14.92
C SER B 628 25.35 24.63 15.02
N GLY B 629 26.29 24.95 14.14
CA GLY B 629 27.56 24.24 14.14
C GLY B 629 27.41 22.77 13.81
N GLY B 630 26.69 22.47 12.73
CA GLY B 630 26.46 21.09 12.35
C GLY B 630 27.55 20.53 11.45
N ASP B 631 27.54 19.21 11.36
CA ASP B 631 28.53 18.47 10.59
C ASP B 631 27.77 17.41 9.79
N TYR B 632 28.48 16.38 9.34
CA TYR B 632 27.91 15.31 8.54
C TYR B 632 28.22 13.96 9.16
N ASP B 633 28.12 13.85 10.48
CA ASP B 633 28.33 12.58 11.16
C ASP B 633 27.02 11.94 11.61
N GLY B 634 25.89 12.42 11.10
CA GLY B 634 24.60 11.90 11.49
C GLY B 634 23.64 13.03 11.78
N ASP B 635 24.10 14.25 11.52
CA ASP B 635 23.24 15.42 11.60
C ASP B 635 22.11 15.30 10.58
N MET B 636 20.91 15.63 11.03
CA MET B 636 19.73 15.66 10.18
C MET B 636 19.26 17.10 10.06
N ALA B 637 19.10 17.57 8.84
CA ALA B 637 18.62 18.92 8.62
C ALA B 637 17.10 18.93 8.45
N TRP B 638 16.47 19.95 9.02
CA TRP B 638 15.09 20.28 8.66
C TRP B 638 15.11 20.94 7.29
N VAL B 639 14.40 20.34 6.32
CA VAL B 639 14.32 20.85 4.96
C VAL B 639 12.88 21.19 4.63
N CYS B 640 12.63 22.44 4.27
CA CYS B 640 11.30 22.94 3.92
C CYS B 640 11.32 23.49 2.51
N TRP B 641 10.44 22.95 1.64
CA TRP B 641 10.26 23.48 0.31
C TRP B 641 8.87 24.11 0.11
N ASP B 642 8.18 24.42 1.20
CA ASP B 642 6.90 25.14 1.13
C ASP B 642 7.13 26.58 0.69
N PRO B 643 6.65 26.99 -0.49
CA PRO B 643 6.99 28.34 -0.98
C PRO B 643 6.56 29.46 -0.03
N GLU B 644 5.42 29.30 0.65
CA GLU B 644 4.93 30.38 1.50
C GLU B 644 5.87 30.62 2.68
N ILE B 645 6.37 29.55 3.29
CA ILE B 645 7.29 29.70 4.41
C ILE B 645 8.67 30.13 3.92
N VAL B 646 9.06 29.67 2.74
CA VAL B 646 10.42 29.90 2.26
C VAL B 646 10.58 31.31 1.71
N ASP B 647 9.56 31.86 1.06
CA ASP B 647 9.78 33.00 0.17
C ASP B 647 10.23 34.24 0.94
N GLY B 648 9.66 34.50 2.11
CA GLY B 648 10.03 35.71 2.83
C GLY B 648 11.39 35.69 3.50
N PHE B 649 12.11 34.57 3.49
CA PHE B 649 13.36 34.46 4.28
C PHE B 649 14.54 35.25 3.73
N VAL B 650 15.18 36.02 4.59
CA VAL B 650 16.44 36.74 4.21
C VAL B 650 17.55 36.13 5.06
N ASN B 651 18.61 35.64 4.43
CA ASN B 651 19.67 34.93 5.17
C ASN B 651 20.48 35.89 6.04
N ALA B 652 20.92 35.41 7.19
CA ALA B 652 21.80 36.23 8.05
C ALA B 652 23.17 35.58 8.13
N GLU B 653 24.23 36.39 8.14
CA GLU B 653 25.57 35.87 8.32
C GLU B 653 25.77 35.38 9.75
N MET B 654 26.71 34.45 9.92
CA MET B 654 26.93 33.88 11.24
C MET B 654 27.35 34.97 12.21
N PRO B 655 26.91 34.90 13.47
CA PRO B 655 27.17 36.01 14.39
C PRO B 655 28.56 35.92 15.01
N LEU B 656 29.02 37.07 15.49
CA LEU B 656 30.25 37.14 16.28
C LEU B 656 29.88 36.86 17.73
N GLU B 657 30.28 35.69 18.23
CA GLU B 657 29.82 35.24 19.53
C GLU B 657 30.65 35.88 20.65
N PRO B 658 30.02 36.28 21.74
CA PRO B 658 30.76 36.92 22.82
C PRO B 658 31.72 35.95 23.50
N ASP B 659 32.69 36.53 24.21
CA ASP B 659 33.63 35.76 25.01
C ASP B 659 33.03 35.54 26.39
N LEU B 660 32.65 34.31 26.69
CA LEU B 660 32.09 33.94 27.97
C LEU B 660 33.10 33.20 28.85
N SER B 661 34.39 33.40 28.58
CA SER B 661 35.41 32.67 29.32
C SER B 661 35.32 32.91 30.81
N ARG B 662 34.91 34.12 31.21
CA ARG B 662 34.79 34.41 32.63
C ARG B 662 33.86 33.43 33.33
N TYR B 663 32.76 33.06 32.68
CA TYR B 663 31.78 32.16 33.27
C TYR B 663 31.93 30.71 32.79
N LEU B 664 32.55 30.50 31.63
CA LEU B 664 32.74 29.15 31.06
C LEU B 664 34.22 28.83 31.07
N LYS B 665 34.62 27.90 31.94
CA LYS B 665 36.01 27.50 32.09
C LYS B 665 36.16 26.05 31.63
N LYS B 666 37.13 25.82 30.74
CA LYS B 666 37.38 24.49 30.21
C LYS B 666 38.60 23.86 30.87
N ASP B 667 38.51 22.56 31.14
CA ASP B 667 39.63 21.77 31.62
C ASP B 667 40.22 21.03 30.44
N LYS B 668 41.36 21.52 29.94
CA LYS B 668 42.02 20.90 28.80
C LYS B 668 43.17 19.99 29.22
N THR B 669 43.27 19.64 30.50
CA THR B 669 44.35 18.79 30.98
C THR B 669 44.41 17.51 30.16
N THR B 670 45.60 17.17 29.69
CA THR B 670 45.82 16.03 28.82
C THR B 670 46.13 14.77 29.62
N PHE B 671 46.02 13.61 28.95
CA PHE B 671 46.41 12.35 29.56
C PHE B 671 47.85 12.39 30.05
N LYS B 672 48.77 12.91 29.21
CA LYS B 672 50.16 13.01 29.60
C LYS B 672 50.30 13.73 30.94
N GLN B 673 49.72 14.93 31.05
CA GLN B 673 49.79 15.67 32.30
C GLN B 673 49.31 14.82 33.46
N LEU B 674 48.23 14.08 33.28
CA LEU B 674 47.79 13.15 34.32
C LEU B 674 48.86 12.10 34.60
N MET B 675 49.51 11.60 33.55
CA MET B 675 50.54 10.58 33.73
C MET B 675 51.81 11.15 34.36
N ALA B 676 52.16 12.40 34.03
CA ALA B 676 53.36 12.99 34.62
C ALA B 676 53.34 12.91 36.15
N SER B 677 52.14 12.88 36.73
CA SER B 677 52.05 12.74 38.19
C SER B 677 52.47 11.36 38.65
N HIS B 678 52.27 10.34 37.82
CA HIS B 678 52.54 8.97 38.22
C HIS B 678 53.83 8.40 37.65
N GLY B 679 54.43 9.07 36.67
CA GLY B 679 55.67 8.58 36.08
C GLY B 679 55.49 7.98 34.69
N THR B 680 56.34 7.02 34.35
CA THR B 680 56.30 6.36 33.04
C THR B 680 56.22 4.85 33.22
N GLY B 681 55.84 4.19 32.14
CA GLY B 681 55.73 2.74 32.12
C GLY B 681 54.31 2.25 32.38
N SER B 682 54.14 0.94 32.23
CA SER B 682 52.82 0.34 32.29
C SER B 682 52.07 0.73 33.56
N ALA B 683 52.73 0.58 34.71
CA ALA B 683 52.06 0.86 35.98
C ALA B 683 51.58 2.31 36.04
N ALA B 684 52.42 3.25 35.60
CA ALA B 684 51.98 4.65 35.55
C ALA B 684 50.78 4.81 34.64
N LYS B 685 50.85 4.22 33.45
CA LYS B 685 49.72 4.28 32.51
C LYS B 685 48.47 3.67 33.13
N GLU B 686 48.62 2.61 33.92
CA GLU B 686 47.44 1.93 34.45
C GLU B 686 46.70 2.81 35.44
N GLN B 687 47.42 3.46 36.34
CA GLN B 687 46.71 4.29 37.33
C GLN B 687 46.38 5.68 36.80
N THR B 688 47.05 6.13 35.73
CA THR B 688 46.57 7.30 35.01
C THR B 688 45.19 7.02 34.42
N THR B 689 44.98 5.83 33.89
CA THR B 689 43.69 5.49 33.30
C THR B 689 42.59 5.47 34.35
N TYR B 690 42.86 4.84 35.50
CA TYR B 690 41.87 4.86 36.57
C TYR B 690 41.65 6.27 37.11
N ASP B 691 42.70 7.10 37.09
CA ASP B 691 42.52 8.49 37.52
C ASP B 691 41.60 9.23 36.56
N MET B 692 41.81 9.05 35.26
CA MET B 692 40.93 9.65 34.29
C MET B 692 39.47 9.29 34.57
N ILE B 693 39.24 8.02 34.91
CA ILE B 693 37.84 7.57 35.14
C ILE B 693 37.30 8.35 36.32
N GLN B 694 38.04 8.41 37.43
CA GLN B 694 37.51 9.07 38.65
C GLN B 694 37.32 10.57 38.41
N LYS B 695 38.28 11.22 37.77
CA LYS B 695 38.19 12.67 37.55
C LYS B 695 37.01 12.95 36.61
N SER B 696 36.87 12.13 35.56
CA SER B 696 35.78 12.30 34.58
C SER B 696 34.43 12.06 35.23
N PHE B 697 34.35 11.11 36.15
CA PHE B 697 33.06 10.80 36.82
C PHE B 697 32.63 12.04 37.58
N HIS B 698 33.57 12.73 38.22
CA HIS B 698 33.23 13.97 38.94
C HIS B 698 32.73 15.00 37.94
N PHE B 699 33.51 15.24 36.90
CA PHE B 699 33.11 16.21 35.85
C PHE B 699 31.74 15.81 35.34
N ALA B 700 31.57 14.53 35.03
CA ALA B 700 30.29 14.13 34.46
C ALA B 700 29.14 14.30 35.44
N LEU B 701 29.42 14.35 36.73
CA LEU B 701 28.37 14.50 37.73
C LEU B 701 28.08 15.95 38.07
N GLN B 702 28.82 16.89 37.51
CA GLN B 702 28.55 18.30 37.72
C GLN B 702 27.09 18.60 37.37
N PRO B 703 26.34 19.25 38.26
CA PRO B 703 24.97 19.65 37.91
C PRO B 703 24.94 20.32 36.55
N ASN B 704 23.99 19.90 35.72
CA ASN B 704 23.90 20.43 34.36
C ASN B 704 22.99 21.63 34.30
N PHE B 705 23.39 22.62 33.51
CA PHE B 705 22.66 23.88 33.39
C PHE B 705 22.07 24.10 32.00
N LEU B 706 22.07 23.08 31.14
CA LEU B 706 21.58 23.27 29.78
C LEU B 706 20.08 23.52 29.75
N GLY B 707 19.32 22.75 30.52
CA GLY B 707 17.88 22.96 30.59
C GLY B 707 17.52 24.36 31.08
N MET B 708 18.05 24.76 32.23
CA MET B 708 17.68 26.05 32.79
C MET B 708 18.12 27.20 31.91
N CYS B 709 19.35 27.15 31.43
CA CYS B 709 19.86 28.29 30.64
C CYS B 709 19.03 28.40 29.37
N THR B 710 18.62 27.27 28.79
CA THR B 710 17.73 27.31 27.60
C THR B 710 16.37 27.88 27.98
N ASN B 711 15.82 27.43 29.11
CA ASN B 711 14.48 27.89 29.54
C ASN B 711 14.53 29.38 29.86
N TYR B 712 15.63 29.84 30.45
CA TYR B 712 15.79 31.28 30.75
C TYR B 712 15.80 32.07 29.45
N LYS B 713 16.51 31.58 28.44
CA LYS B 713 16.61 32.32 27.16
C LYS B 713 15.22 32.44 26.58
N GLU B 714 14.43 31.38 26.68
CA GLU B 714 13.07 31.41 26.13
C GLU B 714 12.27 32.47 26.88
N ARG B 715 12.36 32.48 28.22
CA ARG B 715 11.54 33.43 29.01
C ARG B 715 11.98 34.87 28.74
N LEU B 716 13.29 35.13 28.75
CA LEU B 716 13.81 36.50 28.52
C LEU B 716 13.57 36.92 27.07
N CYS B 717 13.88 36.06 26.12
CA CYS B 717 13.74 36.46 24.70
C CYS B 717 12.25 36.63 24.41
N TYR B 718 11.39 36.03 25.23
CA TYR B 718 9.96 36.26 25.05
C TYR B 718 9.56 37.63 25.60
N ILE B 719 10.05 37.97 26.79
CA ILE B 719 9.80 39.32 27.32
C ILE B 719 10.31 40.38 26.35
N ASN B 720 11.50 40.15 25.79
CA ASN B 720 12.08 41.13 24.88
C ASN B 720 11.49 41.06 23.49
N ASN B 721 10.80 39.97 23.16
CA ASN B 721 10.37 39.72 21.80
C ASN B 721 11.50 39.97 20.81
N SER B 722 12.68 39.42 21.14
CA SER B 722 13.84 39.58 20.29
C SER B 722 14.73 38.35 20.43
N VAL B 723 15.12 37.77 19.31
CA VAL B 723 16.09 36.68 19.29
C VAL B 723 17.39 37.11 18.63
N SER B 724 17.66 38.42 18.57
CA SER B 724 18.85 38.92 17.90
C SER B 724 19.54 40.08 18.63
N ASN B 725 18.99 40.55 19.74
CA ASN B 725 19.59 41.66 20.48
C ASN B 725 20.79 41.14 21.29
N LYS B 726 21.37 42.01 22.13
CA LYS B 726 22.52 41.61 22.93
C LYS B 726 22.25 40.36 23.74
N PRO B 727 21.28 40.33 24.66
CA PRO B 727 21.15 39.15 25.53
C PRO B 727 20.82 37.87 24.77
N ALA B 728 20.03 37.95 23.70
CA ALA B 728 19.69 36.73 22.97
C ALA B 728 20.93 36.07 22.38
N ILE B 729 21.83 36.87 21.80
CA ILE B 729 23.05 36.30 21.25
C ILE B 729 23.93 35.77 22.37
N ILE B 730 23.94 36.44 23.52
CA ILE B 730 24.71 35.95 24.67
C ILE B 730 24.20 34.58 25.09
N LEU B 731 22.87 34.46 25.24
CA LEU B 731 22.31 33.20 25.70
C LEU B 731 22.48 32.09 24.66
N SER B 732 22.44 32.43 23.38
CA SER B 732 22.63 31.40 22.36
C SER B 732 24.03 30.81 22.43
N SER B 733 25.05 31.65 22.57
CA SER B 733 26.41 31.13 22.76
C SER B 733 26.48 30.26 24.02
N LEU B 734 25.92 30.74 25.13
CA LEU B 734 25.97 29.99 26.38
C LEU B 734 25.41 28.58 26.19
N VAL B 735 24.20 28.49 25.61
CA VAL B 735 23.62 27.17 25.39
C VAL B 735 24.34 26.44 24.26
N GLY B 736 24.91 27.20 23.31
CA GLY B 736 25.71 26.57 22.28
C GLY B 736 26.97 25.92 22.81
N ASN B 737 27.51 26.44 23.90
CA ASN B 737 28.66 25.83 24.54
C ASN B 737 28.26 24.74 25.55
N LEU B 738 27.11 24.90 26.20
CA LEU B 738 26.72 23.94 27.23
C LEU B 738 26.38 22.58 26.65
N VAL B 739 25.86 22.52 25.42
CA VAL B 739 25.56 21.22 24.83
C VAL B 739 26.85 20.44 24.58
N ASP B 740 27.92 21.14 24.18
CA ASP B 740 29.22 20.51 23.96
C ASP B 740 30.03 20.38 25.25
N GLN B 741 29.36 20.37 26.40
CA GLN B 741 30.08 20.39 27.68
C GLN B 741 31.01 19.19 27.82
N SER B 742 30.46 17.98 27.73
CA SER B 742 31.26 16.76 27.99
C SER B 742 32.48 16.67 27.08
N LYS B 743 32.37 17.13 25.84
CA LYS B 743 33.50 16.95 24.88
C LYS B 743 34.48 18.12 25.00
N GLN B 744 34.04 19.26 25.53
CA GLN B 744 34.90 20.42 25.61
C GLN B 744 35.43 20.69 27.02
N GLY B 745 35.06 19.86 27.99
CA GLY B 745 35.56 20.04 29.34
C GLY B 745 35.16 21.34 29.99
N ILE B 746 33.94 21.80 29.75
CA ILE B 746 33.48 23.08 30.27
C ILE B 746 33.00 22.91 31.70
N VAL B 747 33.57 23.68 32.61
CA VAL B 747 33.10 23.75 33.99
C VAL B 747 32.16 24.92 34.13
N PHE B 748 31.04 24.70 34.82
CA PHE B 748 29.99 25.71 34.90
C PHE B 748 29.11 25.38 36.10
N ASN B 749 29.09 26.26 37.08
CA ASN B 749 28.42 25.99 38.33
C ASN B 749 27.43 27.11 38.64
N GLU B 750 26.68 26.92 39.72
CA GLU B 750 25.75 27.94 40.18
C GLU B 750 26.43 29.31 40.26
N ALA B 751 27.65 29.35 40.80
CA ALA B 751 28.34 30.63 40.94
C ALA B 751 28.52 31.32 39.60
N SER B 752 28.94 30.57 38.58
CA SER B 752 29.10 31.16 37.25
C SER B 752 27.76 31.58 36.67
N TRP B 753 26.72 30.79 36.90
CA TRP B 753 25.39 31.15 36.40
C TRP B 753 24.86 32.39 37.11
N ALA B 754 25.10 32.50 38.42
CA ALA B 754 24.63 33.67 39.15
C ALA B 754 25.30 34.95 38.67
N GLN B 755 26.60 34.87 38.33
CA GLN B 755 27.30 36.09 37.97
C GLN B 755 27.12 36.42 36.49
N LEU B 756 26.89 35.42 35.64
CA LEU B 756 26.57 35.70 34.24
C LEU B 756 25.25 36.46 34.13
N ARG B 757 24.23 36.05 34.90
CA ARG B 757 22.98 36.78 34.90
C ARG B 757 23.14 38.16 35.53
N ARG B 758 23.92 38.24 36.61
CA ARG B 758 24.10 39.50 37.31
C ARG B 758 24.72 40.56 36.41
N GLU B 759 25.74 40.20 35.64
CA GLU B 759 26.46 41.18 34.83
C GLU B 759 25.84 41.39 33.46
N LEU B 760 25.55 40.29 32.75
CA LEU B 760 25.15 40.38 31.34
C LEU B 760 23.64 40.34 31.12
N LEU B 761 22.87 39.87 32.10
CA LEU B 761 21.44 39.68 31.94
C LEU B 761 20.70 40.45 33.03
N GLY B 762 19.45 40.06 33.26
CA GLY B 762 18.69 40.53 34.39
C GLY B 762 18.76 39.51 35.50
N GLY B 763 19.68 39.72 36.44
CA GLY B 763 20.08 38.64 37.34
C GLY B 763 19.20 38.54 38.57
N ALA B 764 19.12 37.31 39.09
CA ALA B 764 18.44 37.05 40.36
C ALA B 764 16.92 37.15 40.24
N LEU B 765 16.42 37.80 39.20
CA LEU B 765 14.98 37.92 38.99
C LEU B 765 14.42 36.64 38.40
N SER B 766 13.40 36.08 39.07
CA SER B 766 12.69 34.90 38.57
C SER B 766 11.83 35.30 37.38
N LEU B 767 12.25 34.89 36.18
CA LEU B 767 11.52 35.23 34.97
C LEU B 767 10.22 34.43 34.90
N PRO B 768 9.11 35.05 34.52
CA PRO B 768 7.85 34.31 34.39
C PRO B 768 7.83 33.46 33.13
N ASP B 769 6.90 32.51 33.13
CA ASP B 769 6.65 31.71 31.95
C ASP B 769 5.93 32.53 30.89
N PRO B 770 6.25 32.35 29.61
CA PRO B 770 5.46 33.00 28.56
C PRO B 770 4.00 32.61 28.68
N MET B 771 3.13 33.44 28.10
CA MET B 771 1.71 33.12 28.12
C MET B 771 1.42 31.80 27.43
N TYR B 772 2.10 31.52 26.31
CA TYR B 772 1.75 30.32 25.55
C TYR B 772 2.06 29.04 26.33
N LYS B 773 2.84 29.12 27.41
CA LYS B 773 3.03 27.95 28.27
C LYS B 773 1.77 27.57 29.02
N SER B 774 0.73 28.40 28.98
CA SER B 774 -0.57 28.07 29.56
C SER B 774 -1.56 27.79 28.45
N ASP B 775 -2.66 27.14 28.82
CA ASP B 775 -3.66 26.73 27.83
C ASP B 775 -4.60 27.87 27.42
N SER B 776 -4.51 29.03 28.06
CA SER B 776 -5.38 30.15 27.73
C SER B 776 -4.61 31.46 27.83
N TRP B 777 -5.12 32.47 27.13
CA TRP B 777 -4.54 33.81 27.11
C TRP B 777 -4.97 34.56 28.35
N LEU B 778 -4.14 34.46 29.40
CA LEU B 778 -4.33 35.22 30.63
C LEU B 778 -3.62 36.57 30.58
N GLY B 779 -3.17 36.99 29.40
CA GLY B 779 -2.46 38.26 29.26
C GLY B 779 -3.39 39.43 29.01
N ARG B 780 -2.79 40.60 28.85
CA ARG B 780 -3.50 41.86 28.68
C ARG B 780 -3.48 42.27 27.21
N GLY B 781 -4.64 42.62 26.68
CA GLY B 781 -4.74 43.05 25.30
C GLY B 781 -4.62 41.90 24.32
N GLU B 782 -4.59 42.24 23.05
CA GLU B 782 -4.48 41.21 22.02
C GLU B 782 -3.05 40.68 21.96
N PRO B 783 -2.86 39.36 21.77
CA PRO B 783 -1.51 38.80 21.81
C PRO B 783 -0.63 39.34 20.68
N THR B 784 0.68 39.40 20.96
CA THR B 784 1.63 40.02 20.03
C THR B 784 2.82 39.14 19.70
N HIS B 785 3.27 38.29 20.62
CA HIS B 785 4.35 37.36 20.32
C HIS B 785 3.86 36.34 19.31
N ILE B 786 4.73 35.97 18.38
CA ILE B 786 4.33 35.09 17.28
C ILE B 786 3.67 33.83 17.81
N ILE B 787 4.19 33.27 18.90
CA ILE B 787 3.65 32.02 19.42
C ILE B 787 2.32 32.27 20.13
N ASP B 788 2.27 33.25 21.02
CA ASP B 788 1.00 33.64 21.62
C ASP B 788 -0.05 33.92 20.55
N TYR B 789 0.35 34.62 19.48
CA TYR B 789 -0.58 34.96 18.42
C TYR B 789 -1.12 33.72 17.73
N LEU B 790 -0.23 32.80 17.35
CA LEU B 790 -0.66 31.61 16.61
C LEU B 790 -1.46 30.65 17.49
N LYS B 791 -1.12 30.55 18.77
CA LYS B 791 -1.83 29.66 19.67
C LYS B 791 -3.15 30.26 20.15
N PHE B 792 -3.19 31.57 20.40
CA PHE B 792 -4.33 32.21 21.04
C PHE B 792 -5.21 33.01 20.08
N SER B 793 -4.62 33.66 19.07
CA SER B 793 -5.40 34.44 18.12
C SER B 793 -5.84 33.64 16.91
N ILE B 794 -5.15 32.56 16.58
CA ILE B 794 -5.47 31.73 15.41
C ILE B 794 -6.01 30.36 15.83
N ALA B 795 -5.21 29.59 16.57
CA ALA B 795 -5.58 28.21 16.85
C ALA B 795 -6.80 28.14 17.78
N ARG B 796 -6.68 28.73 18.96
CA ARG B 796 -7.77 28.61 19.96
C ARG B 796 -9.14 28.92 19.37
N PRO B 797 -9.40 30.08 18.73
CA PRO B 797 -10.74 30.37 18.27
C PRO B 797 -11.24 29.33 17.27
N ALA B 798 -10.38 28.92 16.35
CA ALA B 798 -10.80 27.94 15.33
C ALA B 798 -11.17 26.63 16.03
N ILE B 799 -10.34 26.19 16.97
CA ILE B 799 -10.61 24.89 17.63
C ILE B 799 -11.91 25.04 18.40
N ASP B 800 -12.10 26.18 19.06
CA ASP B 800 -13.30 26.39 19.89
C ASP B 800 -14.54 26.35 19.01
N LYS B 801 -14.46 26.91 17.80
CA LYS B 801 -15.67 26.99 16.96
C LYS B 801 -16.20 25.59 16.64
N GLU B 802 -15.33 24.65 16.25
CA GLU B 802 -15.81 23.26 16.01
C GLU B 802 -16.30 22.66 17.32
N LEU B 803 -15.62 22.94 18.43
CA LEU B 803 -15.99 22.36 19.73
C LEU B 803 -17.41 22.80 20.11
N GLU B 804 -17.75 24.07 19.85
CA GLU B 804 -19.12 24.54 20.12
C GLU B 804 -20.10 23.75 19.25
N ALA B 805 -19.73 23.52 17.99
CA ALA B 805 -20.61 22.79 17.05
C ALA B 805 -20.39 21.27 17.20
N ASP B 818 -35.35 12.17 14.72
CA ASP B 818 -34.41 11.67 13.74
C ASP B 818 -32.99 11.96 14.23
N GLY B 819 -32.22 10.91 14.45
CA GLY B 819 -30.89 11.02 14.98
C GLY B 819 -30.48 9.73 15.67
N ALA B 820 -29.50 9.84 16.55
CA ALA B 820 -28.96 8.69 17.24
C ALA B 820 -29.83 8.31 18.44
N HIS B 821 -29.96 7.00 18.67
CA HIS B 821 -30.75 6.48 19.78
C HIS B 821 -30.07 5.23 20.33
N PHE B 822 -30.22 5.01 21.63
CA PHE B 822 -29.79 3.76 22.23
C PHE B 822 -30.54 2.58 21.60
N TRP B 823 -31.85 2.74 21.43
CA TRP B 823 -32.70 1.64 21.02
C TRP B 823 -32.27 1.10 19.67
N ASP B 824 -32.41 -0.21 19.51
CA ASP B 824 -32.25 -0.86 18.23
C ASP B 824 -33.10 -2.12 18.26
N PRO B 825 -34.21 -2.15 17.52
CA PRO B 825 -35.09 -3.33 17.61
C PRO B 825 -34.38 -4.62 17.22
N ASP B 826 -33.33 -4.55 16.41
CA ASP B 826 -32.61 -5.77 16.05
C ASP B 826 -32.02 -6.44 17.27
N LEU B 827 -31.59 -5.64 18.26
CA LEU B 827 -30.85 -6.18 19.39
C LEU B 827 -31.74 -6.91 20.39
N ALA B 828 -33.05 -6.67 20.36
CA ALA B 828 -33.99 -7.40 21.22
C ALA B 828 -34.53 -8.65 20.56
N SER B 829 -34.03 -8.99 19.37
CA SER B 829 -34.54 -10.14 18.61
C SER B 829 -34.59 -11.41 19.47
N TYR B 830 -33.48 -11.75 20.12
CA TYR B 830 -33.44 -12.99 20.91
C TYR B 830 -34.34 -12.90 22.14
N TYR B 831 -34.43 -11.74 22.78
CA TYR B 831 -35.32 -11.58 23.93
C TYR B 831 -36.77 -11.81 23.53
N THR B 832 -37.25 -11.06 22.54
CA THR B 832 -38.61 -11.28 22.04
C THR B 832 -38.80 -12.74 21.61
N PHE B 833 -37.75 -13.35 21.07
CA PHE B 833 -37.86 -14.73 20.61
C PHE B 833 -38.15 -15.69 21.76
N PHE B 834 -37.50 -15.49 22.89
CA PHE B 834 -37.68 -16.38 24.03
C PHE B 834 -38.84 -15.98 24.92
N LYS B 835 -39.44 -14.81 24.71
CA LYS B 835 -40.66 -14.49 25.43
C LYS B 835 -41.86 -15.20 24.81
N GLU B 836 -41.87 -15.34 23.48
CA GLU B 836 -42.90 -16.12 22.81
C GLU B 836 -42.87 -17.57 23.29
N ILE B 837 -41.69 -18.17 23.33
CA ILE B 837 -41.56 -19.52 23.86
C ILE B 837 -42.00 -19.56 25.32
N SER B 838 -41.60 -18.56 26.10
CA SER B 838 -41.94 -18.55 27.52
C SER B 838 -43.44 -18.40 27.75
N ASP B 839 -44.11 -17.64 26.87
CA ASP B 839 -45.55 -17.44 27.03
C ASP B 839 -46.33 -18.74 26.90
N LYS B 840 -45.84 -19.68 26.10
CA LYS B 840 -46.52 -20.95 25.87
C LYS B 840 -45.83 -22.13 26.56
N SER B 841 -44.87 -21.86 27.46
CA SER B 841 -44.19 -22.91 28.20
C SER B 841 -43.77 -22.38 29.56
N ARG B 842 -43.97 -23.19 30.60
CA ARG B 842 -43.63 -22.77 31.95
C ARG B 842 -42.14 -22.91 32.21
N SER B 843 -41.60 -24.13 32.05
CA SER B 843 -40.20 -24.41 32.33
C SER B 843 -39.28 -23.31 31.80
N SER B 844 -39.43 -22.94 30.53
CA SER B 844 -38.61 -21.87 29.97
C SER B 844 -38.88 -20.56 30.68
N ALA B 845 -40.14 -20.27 31.00
CA ALA B 845 -40.48 -19.02 31.66
C ALA B 845 -39.75 -18.88 32.99
N LEU B 846 -39.62 -20.01 33.69
CA LEU B 846 -38.90 -19.99 34.99
C LEU B 846 -37.42 -19.71 34.69
N LEU B 847 -36.89 -20.34 33.64
CA LEU B 847 -35.48 -20.11 33.26
C LEU B 847 -35.32 -18.65 32.86
N PHE B 848 -36.29 -18.12 32.10
CA PHE B 848 -36.20 -16.72 31.62
C PHE B 848 -36.23 -15.80 32.84
N THR B 849 -37.14 -16.06 33.77
CA THR B 849 -37.28 -15.15 34.93
C THR B 849 -36.01 -15.23 35.77
N THR B 850 -35.50 -16.44 35.98
CA THR B 850 -34.32 -16.58 36.86
C THR B 850 -33.17 -15.82 36.21
N LEU B 851 -33.05 -15.98 34.90
CA LEU B 851 -31.97 -15.27 34.18
C LEU B 851 -32.24 -13.77 34.33
N LYS B 852 -33.46 -13.34 34.08
CA LYS B 852 -33.74 -11.87 34.07
C LYS B 852 -33.40 -11.29 35.43
N ASN B 853 -33.71 -12.03 36.49
CA ASN B 853 -33.38 -11.57 37.85
C ASN B 853 -31.86 -11.57 38.03
N ARG B 854 -31.18 -12.58 37.48
CA ARG B 854 -29.75 -12.70 37.70
C ARG B 854 -28.97 -11.57 37.02
N ILE B 855 -29.38 -11.14 35.82
CA ILE B 855 -28.75 -9.94 35.23
C ILE B 855 -29.03 -8.73 36.13
N GLY B 856 -30.23 -8.66 36.71
CA GLY B 856 -30.53 -7.59 37.64
C GLY B 856 -29.49 -7.49 38.75
N GLU B 857 -29.15 -8.63 39.32
CA GLU B 857 -28.12 -8.65 40.38
C GLU B 857 -26.81 -8.08 39.83
N VAL B 858 -26.39 -8.52 38.65
CA VAL B 858 -25.11 -8.06 38.06
C VAL B 858 -25.19 -6.56 37.78
N GLU B 859 -26.35 -6.10 37.31
CA GLU B 859 -26.50 -4.67 36.96
C GLU B 859 -26.29 -3.85 38.23
N LYS B 860 -26.83 -4.34 39.35
CA LYS B 860 -26.65 -3.62 40.65
C LYS B 860 -25.16 -3.59 40.97
N GLU B 861 -24.46 -4.69 40.73
CA GLU B 861 -23.01 -4.76 41.04
C GLU B 861 -22.26 -3.74 40.20
N TYR B 862 -22.67 -3.54 38.95
CA TYR B 862 -21.95 -2.62 38.05
C TYR B 862 -22.01 -1.22 38.65
N GLY B 863 -23.16 -0.86 39.21
CA GLY B 863 -23.27 0.45 39.87
C GLY B 863 -22.34 0.50 41.07
N ARG B 864 -22.24 -0.60 41.80
CA ARG B 864 -21.38 -0.63 43.02
C ARG B 864 -19.91 -0.41 42.63
N LEU B 865 -19.47 -1.00 41.52
CA LEU B 865 -18.02 -0.93 41.19
C LEU B 865 -17.68 0.04 40.05
N VAL B 866 -18.41 0.01 38.94
CA VAL B 866 -17.99 0.84 37.76
C VAL B 866 -18.61 2.25 37.75
N LYS B 867 -19.73 2.47 38.44
CA LYS B 867 -20.39 3.80 38.33
C LYS B 867 -19.46 4.91 38.83
N ASN B 868 -18.82 4.73 39.99
CA ASN B 868 -17.84 5.74 40.49
C ASN B 868 -16.88 5.10 41.49
N LYS B 869 -15.72 5.73 41.74
CA LYS B 869 -14.73 5.26 42.74
C LYS B 869 -13.56 6.24 42.79
N ASP B 876 -9.19 -2.99 43.00
CA ASP B 876 -8.84 -1.56 43.22
C ASP B 876 -8.87 -0.78 41.91
N PRO B 877 -8.03 -1.07 40.88
CA PRO B 877 -7.99 -0.26 39.66
C PRO B 877 -9.23 -0.45 38.76
N TYR B 878 -9.48 0.50 37.86
CA TYR B 878 -10.71 0.47 37.02
C TYR B 878 -10.80 -0.80 36.16
N PRO B 879 -9.75 -1.27 35.46
CA PRO B 879 -9.91 -2.46 34.64
C PRO B 879 -10.29 -3.64 35.55
N VAL B 880 -9.70 -3.71 36.73
CA VAL B 880 -9.97 -4.88 37.61
C VAL B 880 -11.45 -4.87 37.97
N ARG B 881 -12.00 -3.69 38.25
CA ARG B 881 -13.42 -3.60 38.66
C ARG B 881 -14.32 -4.07 37.52
N VAL B 882 -14.02 -3.64 36.30
CA VAL B 882 -14.88 -3.99 35.14
C VAL B 882 -14.83 -5.50 35.01
N ASN B 883 -13.63 -6.07 35.15
CA ASN B 883 -13.46 -7.53 34.99
C ASN B 883 -14.26 -8.25 36.08
N GLN B 884 -14.29 -7.67 37.27
CA GLN B 884 -14.97 -8.36 38.41
C GLN B 884 -16.45 -8.52 38.03
N VAL B 885 -17.04 -7.46 37.49
CA VAL B 885 -18.46 -7.54 37.05
C VAL B 885 -18.54 -8.51 35.87
N TYR B 886 -17.57 -8.46 34.96
CA TYR B 886 -17.63 -9.31 33.75
C TYR B 886 -17.62 -10.78 34.17
N GLU B 887 -16.86 -11.08 35.21
CA GLU B 887 -16.79 -12.49 35.68
C GLU B 887 -18.16 -12.87 36.23
N LYS B 888 -18.78 -11.95 36.98
CA LYS B 888 -20.14 -12.21 37.51
C LYS B 888 -21.12 -12.30 36.35
N TRP B 889 -20.92 -11.46 35.33
CA TRP B 889 -21.80 -11.46 34.14
C TRP B 889 -21.69 -12.79 33.40
N CYS B 890 -20.47 -13.29 33.21
CA CYS B 890 -20.27 -14.54 32.44
C CYS B 890 -20.71 -15.67 33.36
N ALA B 891 -20.79 -15.39 34.66
CA ALA B 891 -21.27 -16.42 35.59
C ALA B 891 -22.71 -16.76 35.24
N ILE B 892 -23.51 -15.78 34.82
CA ILE B 892 -24.94 -16.14 34.57
C ILE B 892 -24.95 -17.22 33.51
N THR B 893 -25.51 -18.38 33.85
CA THR B 893 -25.50 -19.54 32.94
C THR B 893 -26.62 -20.49 33.35
N PRO B 894 -27.18 -21.36 32.47
CA PRO B 894 -28.28 -22.25 32.88
C PRO B 894 -27.86 -23.28 33.93
N LYS B 907 -33.39 -30.96 27.60
CA LYS B 907 -33.09 -30.33 26.29
C LYS B 907 -33.31 -28.83 26.41
N VAL B 908 -33.20 -28.08 25.31
CA VAL B 908 -33.34 -26.58 25.31
C VAL B 908 -32.12 -25.96 25.98
N ILE B 909 -31.80 -26.40 27.20
CA ILE B 909 -30.57 -25.92 27.89
C ILE B 909 -29.38 -26.37 27.05
N ARG B 910 -29.44 -27.59 26.52
CA ARG B 910 -28.35 -28.11 25.67
C ARG B 910 -28.23 -27.28 24.39
N LEU B 911 -29.36 -26.94 23.76
CA LEU B 911 -29.31 -26.08 22.55
C LEU B 911 -28.82 -24.68 22.91
N LEU B 912 -29.30 -24.13 24.02
CA LEU B 912 -28.90 -22.77 24.42
C LEU B 912 -27.42 -22.76 24.79
N GLU B 913 -26.98 -23.75 25.56
CA GLU B 913 -25.57 -23.77 26.01
C GLU B 913 -24.87 -24.86 25.23
N LEU B 914 -24.00 -24.49 24.29
CA LEU B 914 -23.37 -25.52 23.44
C LEU B 914 -22.07 -25.93 24.11
N SER B 915 -22.08 -27.06 24.82
CA SER B 915 -20.92 -27.49 25.58
C SER B 915 -19.72 -27.77 24.70
N PHE B 916 -19.95 -28.27 23.48
CA PHE B 916 -18.83 -28.54 22.58
C PHE B 916 -18.04 -27.28 22.23
N LEU B 917 -18.49 -26.11 22.65
CA LEU B 917 -17.77 -24.87 22.44
C LEU B 917 -16.98 -24.53 23.70
N ALA B 918 -15.65 -24.48 23.58
CA ALA B 918 -14.82 -24.14 24.72
C ALA B 918 -15.12 -22.72 25.19
N ASP B 919 -15.37 -21.81 24.26
CA ASP B 919 -15.68 -20.41 24.58
C ASP B 919 -17.19 -20.29 24.79
N ARG B 920 -17.61 -20.22 26.06
CA ARG B 920 -19.04 -20.08 26.34
C ARG B 920 -19.60 -18.76 25.84
N GLU B 921 -18.74 -17.76 25.62
CA GLU B 921 -19.18 -16.50 25.07
C GLU B 921 -19.62 -16.60 23.61
N MET B 922 -19.46 -17.77 22.99
CA MET B 922 -19.88 -18.00 21.61
C MET B 922 -21.14 -18.84 21.51
N ASN B 923 -21.68 -19.32 22.63
CA ASN B 923 -22.88 -20.13 22.59
C ASN B 923 -24.12 -19.25 22.40
N THR B 924 -25.24 -19.91 22.09
CA THR B 924 -26.49 -19.19 21.89
C THR B 924 -26.96 -18.53 23.18
N TRP B 925 -26.61 -19.09 24.33
CA TRP B 925 -27.02 -18.49 25.61
C TRP B 925 -26.43 -17.10 25.76
N ALA B 926 -25.16 -16.93 25.40
CA ALA B 926 -24.53 -15.61 25.53
C ALA B 926 -25.30 -14.55 24.75
N LEU B 927 -25.87 -14.94 23.61
CA LEU B 927 -26.65 -14.00 22.80
C LEU B 927 -27.94 -13.61 23.51
N LEU B 928 -28.71 -14.60 23.98
CA LEU B 928 -29.98 -14.32 24.69
C LEU B 928 -29.71 -13.43 25.89
N ARG B 929 -28.69 -13.76 26.67
CA ARG B 929 -28.39 -13.00 27.90
C ARG B 929 -28.08 -11.56 27.50
N ALA B 930 -27.36 -11.40 26.40
CA ALA B 930 -27.04 -10.04 25.91
C ALA B 930 -28.33 -9.38 25.42
N SER B 931 -29.21 -10.13 24.77
CA SER B 931 -30.40 -9.51 24.22
C SER B 931 -31.30 -8.96 25.33
N THR B 932 -31.67 -9.81 26.29
CA THR B 932 -32.55 -9.36 27.37
C THR B 932 -31.90 -8.23 28.18
N ALA B 933 -30.60 -8.33 28.44
CA ALA B 933 -29.92 -7.23 29.12
C ALA B 933 -30.06 -5.93 28.33
N PHE B 934 -29.92 -6.01 27.01
CA PHE B 934 -30.15 -4.81 26.20
C PHE B 934 -31.59 -4.35 26.32
N LYS B 935 -32.54 -5.28 26.19
CA LYS B 935 -33.96 -4.94 26.23
C LYS B 935 -34.33 -4.28 27.55
N LEU B 936 -33.81 -4.80 28.67
CA LEU B 936 -34.25 -4.34 29.98
C LEU B 936 -33.54 -3.06 30.43
N TYR B 937 -32.34 -2.79 29.94
CA TYR B 937 -31.53 -1.71 30.49
C TYR B 937 -30.98 -0.75 29.44
N TYR B 938 -31.46 -0.82 28.19
CA TYR B 938 -30.95 0.09 27.17
C TYR B 938 -31.29 1.54 27.50
N HIS B 939 -32.39 1.76 28.22
CA HIS B 939 -32.78 3.11 28.61
C HIS B 939 -32.01 3.58 29.83
N LYS B 940 -31.91 2.74 30.86
CA LYS B 940 -31.32 3.11 32.13
C LYS B 940 -29.81 2.84 32.20
N SER B 941 -29.39 1.61 31.91
CA SER B 941 -28.00 1.20 32.10
C SER B 941 -27.32 0.90 30.77
N PRO B 942 -27.18 1.88 29.88
CA PRO B 942 -26.56 1.61 28.57
C PRO B 942 -25.11 1.16 28.65
N LYS B 943 -24.26 1.94 29.35
CA LYS B 943 -22.84 1.60 29.40
C LYS B 943 -22.60 0.24 30.00
N PHE B 944 -23.47 -0.20 30.92
CA PHE B 944 -23.39 -1.55 31.46
C PHE B 944 -23.61 -2.59 30.37
N VAL B 945 -24.73 -2.45 29.64
CA VAL B 945 -25.09 -3.46 28.65
C VAL B 945 -23.95 -3.64 27.64
N TRP B 946 -23.39 -2.54 27.15
CA TRP B 946 -22.40 -2.64 26.08
C TRP B 946 -21.06 -3.17 26.61
N GLN B 947 -20.55 -2.58 27.69
CA GLN B 947 -19.27 -3.03 28.22
C GLN B 947 -19.26 -4.52 28.54
N MET B 948 -20.41 -5.08 28.91
CA MET B 948 -20.47 -6.50 29.22
C MET B 948 -20.80 -7.38 28.03
N ALA B 949 -21.58 -6.87 27.07
CA ALA B 949 -22.16 -7.70 26.03
C ALA B 949 -21.99 -7.12 24.63
N GLY B 950 -21.28 -6.01 24.48
CA GLY B 950 -21.05 -5.48 23.14
C GLY B 950 -20.70 -6.55 22.14
N ARG B 951 -19.83 -7.49 22.55
CA ARG B 951 -19.44 -8.61 21.70
C ARG B 951 -20.65 -9.31 21.10
N GLN B 952 -21.58 -9.76 21.95
CA GLN B 952 -22.74 -10.49 21.46
C GLN B 952 -23.70 -9.59 20.71
N LEU B 953 -23.86 -8.34 21.16
CA LEU B 953 -24.70 -7.41 20.42
C LEU B 953 -24.20 -7.24 18.99
N ALA B 954 -22.88 -7.21 18.80
CA ALA B 954 -22.34 -7.14 17.45
C ALA B 954 -22.64 -8.42 16.66
N TYR B 955 -22.50 -9.58 17.30
CA TYR B 955 -22.94 -10.81 16.64
C TYR B 955 -24.39 -10.70 16.23
N ILE B 956 -25.27 -10.30 17.16
CA ILE B 956 -26.69 -10.21 16.86
C ILE B 956 -26.96 -9.25 15.71
N LYS B 957 -26.33 -8.07 15.76
CA LYS B 957 -26.48 -7.10 14.68
C LYS B 957 -26.03 -7.68 13.36
N ALA B 958 -24.84 -8.31 13.34
CA ALA B 958 -24.37 -8.91 12.10
C ALA B 958 -25.36 -9.94 11.57
N GLN B 959 -25.98 -10.70 12.48
CA GLN B 959 -26.93 -11.71 12.06
C GLN B 959 -28.19 -11.08 11.48
N MET B 960 -28.77 -10.13 12.22
CA MET B 960 -30.05 -9.56 11.79
C MET B 960 -29.91 -8.77 10.50
N THR B 961 -28.81 -8.04 10.34
CA THR B 961 -28.64 -7.24 9.13
C THR B 961 -28.43 -8.08 7.88
N SER B 962 -27.95 -9.31 8.01
CA SER B 962 -27.79 -10.17 6.85
C SER B 962 -29.10 -10.34 6.09
N ARG B 963 -29.05 -10.14 4.77
CA ARG B 963 -30.20 -10.32 3.91
C ARG B 963 -30.00 -11.50 2.97
N PRO B 964 -31.00 -12.37 2.82
CA PRO B 964 -30.89 -13.50 1.88
C PRO B 964 -30.40 -13.04 0.51
N GLY B 965 -29.25 -13.55 0.09
CA GLY B 965 -28.73 -13.26 -1.23
C GLY B 965 -27.89 -11.99 -1.33
N GLU B 966 -27.86 -11.16 -0.30
CA GLU B 966 -27.08 -9.93 -0.33
C GLU B 966 -25.67 -10.11 0.23
N GLY B 967 -25.08 -11.29 0.05
CA GLY B 967 -23.75 -11.59 0.55
C GLY B 967 -23.80 -12.49 1.77
N ALA B 968 -22.61 -12.75 2.31
CA ALA B 968 -22.48 -13.62 3.47
C ALA B 968 -21.61 -12.96 4.53
N PRO B 969 -22.08 -12.91 5.78
CA PRO B 969 -21.20 -12.43 6.86
C PRO B 969 -20.07 -13.40 7.12
N ALA B 970 -18.99 -12.88 7.69
CA ALA B 970 -17.78 -13.65 7.95
C ALA B 970 -17.49 -13.65 9.45
N LEU B 971 -17.46 -14.83 10.05
CA LEU B 971 -17.03 -14.99 11.43
C LEU B 971 -15.52 -15.17 11.47
N MET B 972 -14.81 -14.11 11.79
CA MET B 972 -13.36 -14.10 11.75
C MET B 972 -12.78 -14.43 13.12
N THR B 973 -11.63 -15.09 13.13
CA THR B 973 -10.94 -15.31 14.40
C THR B 973 -10.34 -14.01 14.90
N ALA B 974 -9.99 -14.01 16.18
CA ALA B 974 -9.35 -12.83 16.79
C ALA B 974 -8.05 -12.48 16.06
N PHE B 975 -7.21 -13.48 15.80
CA PHE B 975 -5.93 -13.22 15.14
C PHE B 975 -6.12 -12.73 13.72
N MET B 976 -6.90 -13.47 12.92
CA MET B 976 -7.12 -13.06 11.54
C MET B 976 -7.85 -11.72 11.45
N TYR B 977 -8.69 -11.41 12.43
CA TYR B 977 -9.31 -10.09 12.47
C TYR B 977 -8.25 -9.02 12.70
N ALA B 978 -7.40 -9.21 13.73
CA ALA B 978 -6.45 -8.19 14.11
C ALA B 978 -5.46 -7.84 13.00
N GLY B 979 -5.32 -8.70 12.01
CA GLY B 979 -4.38 -8.51 10.93
C GLY B 979 -4.95 -7.87 9.68
N LEU B 980 -6.19 -7.42 9.70
CA LEU B 980 -6.82 -6.81 8.55
C LEU B 980 -6.85 -5.30 8.71
N MET B 981 -7.02 -4.61 7.58
CA MET B 981 -6.82 -3.17 7.49
C MET B 981 -7.83 -2.53 6.54
N PRO B 982 -8.28 -1.32 6.84
CA PRO B 982 -9.18 -0.61 5.93
C PRO B 982 -8.50 -0.33 4.60
N ASP B 983 -9.21 -0.64 3.51
CA ASP B 983 -8.68 -0.47 2.15
C ASP B 983 -9.11 0.91 1.65
N LYS B 984 -8.20 1.87 1.70
CA LYS B 984 -8.53 3.22 1.25
C LYS B 984 -9.07 3.24 -0.18
N LYS B 985 -8.57 2.34 -1.03
CA LYS B 985 -9.06 2.31 -2.41
C LYS B 985 -10.51 1.89 -2.48
N PHE B 986 -10.91 1.02 -1.54
CA PHE B 986 -12.34 0.57 -1.52
C PHE B 986 -13.22 1.73 -1.07
N THR B 987 -12.84 2.40 0.02
CA THR B 987 -13.73 3.46 0.55
C THR B 987 -13.88 4.54 -0.51
N LYS B 988 -12.79 4.96 -1.14
CA LYS B 988 -12.91 6.07 -2.11
C LYS B 988 -13.77 5.62 -3.29
N GLN B 989 -13.51 4.43 -3.82
CA GLN B 989 -14.25 3.98 -5.02
C GLN B 989 -15.73 3.76 -4.70
N TYR B 990 -16.03 3.16 -3.55
CA TYR B 990 -17.44 2.86 -3.18
C TYR B 990 -18.20 4.14 -2.91
N VAL B 991 -17.53 5.12 -2.29
CA VAL B 991 -18.20 6.41 -1.96
C VAL B 991 -18.63 7.00 -3.30
N ALA B 992 -17.76 6.92 -4.30
CA ALA B 992 -18.18 7.35 -5.65
C ALA B 992 -19.24 6.34 -6.09
N ARG B 993 -20.20 6.74 -6.92
CA ARG B 993 -21.32 5.85 -7.30
C ARG B 993 -22.25 5.71 -6.09
N LEU B 994 -22.17 6.67 -5.17
CA LEU B 994 -23.05 6.66 -3.98
C LEU B 994 -22.97 5.30 -3.30
CA CA G . -0.47 5.55 -32.90
CA CA H . -1.11 7.89 -35.68
CA CA I . 2.18 4.14 -38.21
PA ZAN J . -2.67 4.51 -35.26
PB ZAN J . -2.53 5.59 -37.88
PG ZAN J . -4.21 7.85 -37.55
O1A ZAN J . -3.69 3.88 -34.35
O1B ZAN J . -2.23 4.66 -39.03
O1G ZAN J . -5.47 7.31 -36.91
O2A ZAN J . -1.92 5.74 -34.80
O2B ZAN J . -1.40 6.36 -37.24
O2G ZAN J . -4.41 8.93 -38.57
N3A ZAN J . -3.31 4.77 -36.72
O3B ZAN J . -3.67 6.59 -38.41
O3G ZAN J . -3.13 8.17 -36.55
O5' ZAN J . -1.56 3.40 -35.61
C5' ZAN J . -1.97 2.07 -35.92
C4' ZAN J . -0.90 1.11 -35.44
O4' ZAN J . -1.28 0.55 -34.18
C3' ZAN J . -0.74 -0.07 -36.38
O3' ZAN J . 0.20 0.23 -37.40
C2' ZAN J . -0.30 -1.17 -35.44
O2' ZAN J . 1.08 -1.07 -35.13
C1' ZAN J . -1.01 -0.85 -34.15
N9 ZAN J . -2.31 -1.55 -34.16
C8 ZAN J . -3.51 -0.95 -34.18
N7 ZAN J . -4.51 -1.86 -34.18
C5 ZAN J . -3.94 -3.08 -34.18
C6 ZAN J . -4.42 -4.48 -34.19
N6 ZAN J . -5.74 -4.78 -34.21
N1 ZAN J . -3.48 -5.46 -34.18
C2 ZAN J . -2.17 -5.18 -34.16
N3 ZAN J . -1.66 -3.94 -34.16
C4 ZAN J . -2.48 -2.87 -34.17
C1 PEG K . -21.89 -16.85 16.95
O1 PEG K . -22.24 -16.55 18.29
C2 PEG K . -22.90 -16.20 16.01
O2 PEG K . -23.07 -17.07 14.90
C3 PEG K . -22.46 -16.54 13.72
C4 PEG K . -22.64 -17.55 12.61
O4 PEG K . -24.04 -17.61 12.33
H11 PEG K . -21.88 -17.94 16.79
H12 PEG K . -20.88 -16.48 16.73
HO1 PEG K . -22.77 -17.27 18.66
H21 PEG K . -22.54 -15.23 15.69
H22 PEG K . -23.85 -16.06 16.52
H31 PEG K . -21.41 -16.34 13.90
H32 PEG K . -22.93 -15.59 13.46
H41 PEG K . -22.26 -18.53 12.91
H42 PEG K . -22.08 -17.23 11.72
HO4 PEG K . -24.46 -18.21 12.95
CA CA L . 27.32 16.10 14.63
CA CA M . 31.06 16.10 14.93
PA ZAN N . 28.43 15.99 17.68
PB ZAN N . 30.93 17.32 18.34
PG ZAN N . 32.60 15.01 17.72
O1A ZAN N . 27.59 14.87 18.24
O1B ZAN N . 31.16 18.39 19.37
O1G ZAN N . 34.06 15.22 17.54
O2A ZAN N . 28.86 15.89 16.25
O2B ZAN N . 31.04 17.69 16.89
O2G ZAN N . 31.83 15.04 16.42
N3A ZAN N . 29.64 16.40 18.68
O3B ZAN N . 32.12 16.28 18.57
O3G ZAN N . 32.27 13.82 18.56
O5' ZAN N . 27.50 17.27 17.73
C5' ZAN N . 26.83 17.65 18.95
C4' ZAN N . 25.70 18.60 18.62
O4' ZAN N . 24.47 17.84 18.51
C3' ZAN N . 25.41 19.68 19.67
O3' ZAN N . 26.15 20.86 19.39
C2' ZAN N . 23.92 19.91 19.46
O2' ZAN N . 23.65 20.77 18.37
C1' ZAN N . 23.42 18.51 19.19
N9 ZAN N . 23.10 17.74 20.40
C8 ZAN N . 23.69 16.57 20.80
N7 ZAN N . 23.20 16.12 21.93
C5 ZAN N . 22.24 17.04 22.28
C6 ZAN N . 21.36 17.12 23.38
N6 ZAN N . 21.32 16.23 24.37
N1 ZAN N . 20.52 18.18 23.43
C2 ZAN N . 20.57 19.08 22.45
N3 ZAN N . 21.35 19.11 21.37
C4 ZAN N . 22.17 18.05 21.35
MG MG O . 29.88 21.39 16.03
CA CA P . -6.37 -9.26 -30.14
CA CA Q . 15.30 15.12 25.88
#